data_5EUL
#
_entry.id   5EUL
#
_cell.length_a   127.798
_cell.length_b   127.798
_cell.length_c   554.772
_cell.angle_alpha   90.00
_cell.angle_beta   90.00
_cell.angle_gamma   120.00
#
_symmetry.space_group_name_H-M   'P 61 2 2'
#
loop_
_entity.id
_entity.type
_entity.pdbx_description
1 polymer 'Protein translocase subunit SecA, Insertion Peptide Chimera'
2 polymer 'Protein translocase subunit SecY'
3 polymer 'Preprotein translocase SecE subunit'
4 polymer AYC08
5 non-polymer 'MAGNESIUM ION'
6 non-polymer 'BERYLLIUM TRIFLUORIDE ION'
7 non-polymer "ADENOSINE-5'-DIPHOSPHATE"
8 non-polymer 'HEXATANTALUM DODECABROMIDE'
#
loop_
_entity_poly.entity_id
_entity_poly.type
_entity_poly.pdbx_seq_one_letter_code
_entity_poly.pdbx_strand_id
1 'polypeptide(L)'
;MLGILNKMFDPTKRTLNRYEKIANDIDAIRGDYENLSDDALKHKTIEFKERLEKGATTDDLLVEAFAVVREASRRVTGMF
PFKVQLMGGVALHDGNIAEMKTGEGKTLTSTLPVYLNALTGKGVHVVTVNEYLASRDAEQMGKIFEFLGLTVGLNLNSMS
KDEKREAYAADITYSTNNELGFDYLRDNMVLYKEQMVQRPLHFAVIDEVDSILIDEARTPLIISGQAAKSTKLYVQANAF
VRTLKAEKDYTYDIKTKAVQLTEEGMTKAEKAFGIDNLFDVKHVALNHHINQALKAHVAMQKDVDYVVEDGQVVIVDSFT
GRLMKGRRYSEGLHQAIEAKEGLEIQNESMTLATITFQNYFRMYEKLAGMTGTAKTEEEEFRNIYNMQVVTIPTNRPVVR
DDRPDLIYRTMEGKFKAVAEDVAQRYMTGQPVLVGTVAVETSELISKLLKNKGIPHQVLNAKNHEREAQIIEEAGQKGAV
TIATNMAGRGTDIKLGEGVKELGGLAVVGTERHESRRIDNQLRGRSGRQGDPGITQFYLSMEDELMRRFGAERTMAMLDR
FGMDDSTPIQSKMVSRAVESSQKRVEGNNFDSRKQLLQYDDVLRQQREVIYKQRFEVIDSENLREIVENMIKSSLERAIA
AYTPREELPEEWKLDGLVDLINTTYLDEGALEKSDIFGKEPDEMLELIMDRIITKYNEKEEQFGKEQMREFEKVIVLRAV
DSKWMDHIDAMDQLRQGIHLRGSGGSGGKKTAIAIAVALAGFATVASYAQYEDGCSGELERQHTFAGGPGAQTNPLREYQ
MEGFAMFEHMIESIEDEVAKFVMKAEITSLEVLFQG
;
A
2 'polypeptide(L)'
;MFRTISNFMRVSDIRNKIIFTLLMLIVFRIGTFIPVPSVNTDVLKLQDQLNAFGVLNIFCGGALQNFSIFAMGVMPYITA
SIIVQLLQMDVVPKFAEWSKQGEMGRRKLAQFTRYFTIVLGFIQALGMSYGFNNLAGGMLIQNPGIGTYLLIAVVLTAGT
AFLMWLGEQITAKGVGNGISIIIFAGIVSGIPTILNQIYAQTFGGLNIVRLLLVALAVVAVIVGVIYIQQAFRKIPIQYA
KRLEGRNPVGGHSTHLPLKVNPAGVIPVIFAVSFLIAPPTIASFFGTNDVTLWIRRTFDYTHPVGMTIYVVLIIAFTYFY
AFVQVNPEQMADNLKKQGGYIPGIRPGKNTQEYVTRILYRLTLVGSLFLAFIAVLPVFFVNFANLPPSAQIGGTSLLIVV
GVALETMKQLESQLVKRHYRGFIK
;
Y
3 'polypeptide(L)' MQRVTNFFKEVVRELKKVSWPNRKELVNYTAVVLATVAFFTVFFAVIDLGISQLIRLVFEGGHHHHHHHH E
4 'polypeptide(L)'
;QVQLVETGGGLVQPGGSLRLSCGASGSIFNMYAMGWYRQAPGKQREVVARIATDDSTMYPDSVKGRFTISRDNAKNTVYL
QMNSLKPEDTAVYYCYYQRTVMSQPYWGQGTQVTVSSGGLPETGGHHHHHH
;
V
#
# COMPACT_ATOMS: atom_id res chain seq x y z
N ARG A 14 -21.26 20.64 -4.28
CA ARG A 14 -20.14 21.03 -5.11
C ARG A 14 -20.57 21.24 -6.55
N THR A 15 -20.71 20.15 -7.29
CA THR A 15 -21.22 20.20 -8.65
C THR A 15 -22.73 20.06 -8.72
N LEU A 16 -23.40 20.00 -7.56
CA LEU A 16 -24.86 19.89 -7.51
C LEU A 16 -25.54 21.07 -8.20
N ASN A 17 -24.89 22.22 -8.31
CA ASN A 17 -25.52 23.38 -8.94
C ASN A 17 -25.66 23.19 -10.43
N ARG A 18 -24.68 22.54 -11.08
CA ARG A 18 -24.81 22.27 -12.52
C ARG A 18 -25.95 21.29 -12.78
N TYR A 19 -26.27 20.43 -11.81
CA TYR A 19 -27.31 19.43 -12.00
C TYR A 19 -28.70 20.02 -11.87
N GLU A 20 -28.91 20.89 -10.87
CA GLU A 20 -30.21 21.53 -10.72
C GLU A 20 -30.48 22.54 -11.82
N LYS A 21 -29.42 23.11 -12.42
CA LYS A 21 -29.60 23.97 -13.58
C LYS A 21 -30.15 23.17 -14.77
N ILE A 22 -29.48 22.06 -15.11
CA ILE A 22 -29.93 21.25 -16.24
C ILE A 22 -31.33 20.73 -16.00
N ALA A 23 -31.65 20.37 -14.75
CA ALA A 23 -32.99 19.88 -14.43
C ALA A 23 -34.05 20.93 -14.72
N ASN A 24 -33.79 22.19 -14.36
CA ASN A 24 -34.76 23.24 -14.62
C ASN A 24 -34.93 23.48 -16.11
N ASP A 25 -33.83 23.38 -16.88
CA ASP A 25 -33.91 23.51 -18.32
C ASP A 25 -34.81 22.44 -18.92
N ILE A 26 -34.63 21.20 -18.48
CA ILE A 26 -35.46 20.09 -18.97
C ILE A 26 -36.93 20.33 -18.66
N ASP A 27 -37.22 20.68 -17.40
CA ASP A 27 -38.59 20.91 -16.97
C ASP A 27 -39.20 22.14 -17.64
N ALA A 28 -38.38 23.07 -18.14
CA ALA A 28 -38.92 24.28 -18.76
C ALA A 28 -39.58 23.98 -20.10
N ILE A 29 -39.01 23.06 -20.87
CA ILE A 29 -39.48 22.78 -22.22
C ILE A 29 -40.46 21.61 -22.23
N ARG A 30 -40.86 21.13 -21.06
CA ARG A 30 -41.80 20.01 -21.00
C ARG A 30 -43.12 20.31 -21.68
N GLY A 31 -43.42 21.58 -21.96
CA GLY A 31 -44.68 21.94 -22.58
C GLY A 31 -44.74 21.71 -24.07
N ASP A 32 -43.60 21.76 -24.77
CA ASP A 32 -43.57 21.58 -26.21
C ASP A 32 -43.56 20.11 -26.62
N TYR A 33 -43.68 19.22 -25.63
CA TYR A 33 -43.78 17.78 -25.82
C TYR A 33 -45.13 17.23 -25.39
N GLU A 34 -45.57 17.53 -24.16
CA GLU A 34 -46.71 16.86 -23.51
C GLU A 34 -47.88 16.61 -24.44
N ASN A 35 -48.24 17.59 -25.27
CA ASN A 35 -49.38 17.42 -26.17
C ASN A 35 -49.10 16.50 -27.34
N LEU A 36 -47.83 16.25 -27.68
CA LEU A 36 -47.47 15.61 -28.95
C LEU A 36 -48.21 14.29 -29.18
N SER A 37 -48.74 13.67 -28.12
CA SER A 37 -49.51 12.44 -28.24
C SER A 37 -48.73 11.36 -28.96
N ASP A 38 -49.39 10.59 -29.84
CA ASP A 38 -48.77 9.41 -30.41
C ASP A 38 -47.99 9.72 -31.68
N ASP A 39 -46.81 9.09 -31.77
CA ASP A 39 -45.88 9.02 -32.90
C ASP A 39 -44.98 10.23 -33.12
N ALA A 40 -45.36 11.41 -32.64
CA ALA A 40 -44.47 12.55 -32.82
C ALA A 40 -43.41 12.63 -31.73
N LEU A 41 -43.77 12.26 -30.49
CA LEU A 41 -42.79 12.16 -29.42
C LEU A 41 -41.79 11.04 -29.70
N LYS A 42 -42.27 9.94 -30.30
CA LYS A 42 -41.35 8.88 -30.70
C LYS A 42 -40.45 9.31 -31.85
N HIS A 43 -40.93 10.24 -32.69
CA HIS A 43 -40.12 10.73 -33.80
C HIS A 43 -38.87 11.46 -33.33
N LYS A 44 -38.88 11.98 -32.09
CA LYS A 44 -37.73 12.69 -31.56
C LYS A 44 -36.48 11.82 -31.56
N THR A 45 -36.65 10.51 -31.35
CA THR A 45 -35.51 9.60 -31.39
C THR A 45 -34.77 9.69 -32.72
N ILE A 46 -35.52 9.66 -33.82
CA ILE A 46 -34.89 9.80 -35.14
C ILE A 46 -34.28 11.20 -35.28
N GLU A 47 -34.91 12.20 -34.68
CA GLU A 47 -34.37 13.55 -34.69
C GLU A 47 -33.01 13.60 -34.01
N PHE A 48 -32.93 13.07 -32.80
CA PHE A 48 -31.67 13.08 -32.05
C PHE A 48 -30.58 12.33 -32.80
N LYS A 49 -30.93 11.22 -33.46
CA LYS A 49 -29.95 10.46 -34.22
C LYS A 49 -29.41 11.26 -35.39
N GLU A 50 -30.30 11.97 -36.10
CA GLU A 50 -29.85 12.79 -37.23
C GLU A 50 -28.92 13.90 -36.77
N ARG A 51 -29.25 14.56 -35.66
CA ARG A 51 -28.40 15.64 -35.16
C ARG A 51 -27.04 15.11 -34.70
N LEU A 52 -27.03 13.99 -33.98
CA LEU A 52 -25.77 13.37 -33.60
C LEU A 52 -24.97 12.94 -34.81
N GLU A 53 -25.66 12.50 -35.87
CA GLU A 53 -24.99 12.16 -37.11
C GLU A 53 -24.33 13.40 -37.73
N LYS A 54 -24.93 14.57 -37.54
CA LYS A 54 -24.46 15.81 -38.13
C LYS A 54 -23.47 16.56 -37.23
N GLY A 55 -23.02 15.93 -36.14
CA GLY A 55 -21.99 16.51 -35.29
C GLY A 55 -22.45 16.92 -33.91
N ALA A 56 -23.74 16.88 -33.62
CA ALA A 56 -24.22 17.21 -32.28
C ALA A 56 -23.73 16.17 -31.26
N THR A 57 -23.73 16.58 -29.99
CA THR A 57 -23.27 15.74 -28.90
C THR A 57 -24.42 15.41 -27.97
N THR A 58 -24.27 14.31 -27.23
CA THR A 58 -25.27 13.94 -26.23
C THR A 58 -25.46 15.05 -25.19
N ASP A 59 -24.39 15.78 -24.87
CA ASP A 59 -24.54 16.93 -23.98
C ASP A 59 -25.41 18.00 -24.62
N ASP A 60 -25.29 18.18 -25.94
CA ASP A 60 -26.10 19.17 -26.63
C ASP A 60 -27.58 18.81 -26.61
N LEU A 61 -27.89 17.52 -26.71
CA LEU A 61 -29.26 17.04 -26.80
C LEU A 61 -29.86 16.62 -25.46
N LEU A 62 -29.12 16.76 -24.36
CA LEU A 62 -29.57 16.19 -23.09
C LEU A 62 -30.88 16.80 -22.63
N VAL A 63 -30.99 18.14 -22.71
CA VAL A 63 -32.17 18.82 -22.17
C VAL A 63 -33.42 18.34 -22.89
N GLU A 64 -33.36 18.21 -24.22
CA GLU A 64 -34.53 17.77 -24.98
C GLU A 64 -34.71 16.26 -24.89
N ALA A 65 -33.62 15.50 -24.91
CA ALA A 65 -33.72 14.05 -24.80
C ALA A 65 -34.33 13.63 -23.47
N PHE A 66 -33.90 14.27 -22.38
CA PHE A 66 -34.47 13.94 -21.08
C PHE A 66 -35.92 14.38 -20.99
N ALA A 67 -36.26 15.51 -21.62
CA ALA A 67 -37.65 15.95 -21.65
C ALA A 67 -38.51 15.01 -22.47
N VAL A 68 -37.95 14.42 -23.52
CA VAL A 68 -38.69 13.44 -24.31
C VAL A 68 -38.94 12.18 -23.48
N VAL A 69 -37.93 11.71 -22.75
CA VAL A 69 -38.08 10.50 -21.96
C VAL A 69 -39.01 10.73 -20.79
N ARG A 70 -38.94 11.91 -20.16
CA ARG A 70 -39.79 12.17 -18.99
C ARG A 70 -41.26 12.21 -19.36
N GLU A 71 -41.59 12.65 -20.58
CA GLU A 71 -42.96 12.58 -21.06
C GLU A 71 -43.33 11.17 -21.49
N ALA A 72 -42.41 10.48 -22.17
CA ALA A 72 -42.67 9.11 -22.60
C ALA A 72 -42.91 8.20 -21.42
N SER A 73 -42.12 8.35 -20.35
CA SER A 73 -42.32 7.55 -19.15
C SER A 73 -43.70 7.79 -18.56
N ARG A 74 -44.11 9.06 -18.48
CA ARG A 74 -45.42 9.40 -17.94
C ARG A 74 -46.54 8.73 -18.71
N ARG A 75 -46.40 8.60 -20.03
CA ARG A 75 -47.44 7.96 -20.81
C ARG A 75 -47.38 6.44 -20.69
N VAL A 76 -46.18 5.87 -20.65
CA VAL A 76 -46.03 4.42 -20.64
C VAL A 76 -46.32 3.86 -19.24
N THR A 77 -45.50 4.23 -18.25
CA THR A 77 -45.63 3.70 -16.90
C THR A 77 -46.43 4.59 -15.97
N GLY A 78 -46.87 5.78 -16.41
CA GLY A 78 -47.60 6.68 -15.56
C GLY A 78 -46.76 7.48 -14.60
N MET A 79 -45.46 7.20 -14.52
CA MET A 79 -44.55 7.93 -13.63
C MET A 79 -43.87 9.06 -14.38
N PHE A 80 -43.97 10.26 -13.84
CA PHE A 80 -43.35 11.46 -14.40
C PHE A 80 -42.10 11.78 -13.61
N PRO A 81 -40.92 11.74 -14.23
CA PRO A 81 -39.66 11.86 -13.46
C PRO A 81 -39.61 13.14 -12.64
N PHE A 82 -39.21 12.99 -11.37
CA PHE A 82 -38.98 14.14 -10.52
C PHE A 82 -37.78 14.94 -11.01
N LYS A 83 -37.71 16.20 -10.59
CA LYS A 83 -36.57 17.03 -10.95
C LYS A 83 -35.29 16.52 -10.32
N VAL A 84 -35.39 15.84 -9.17
CA VAL A 84 -34.20 15.21 -8.60
C VAL A 84 -33.81 13.99 -9.41
N GLN A 85 -34.77 13.37 -10.09
CA GLN A 85 -34.45 12.23 -10.95
C GLN A 85 -33.75 12.70 -12.22
N LEU A 86 -34.11 13.89 -12.72
CA LEU A 86 -33.33 14.50 -13.79
C LEU A 86 -31.90 14.76 -13.34
N MET A 87 -31.73 15.30 -12.13
CA MET A 87 -30.40 15.51 -11.57
C MET A 87 -29.60 14.21 -11.55
N GLY A 88 -30.22 13.13 -11.07
CA GLY A 88 -29.52 11.86 -11.03
C GLY A 88 -29.10 11.38 -12.40
N GLY A 89 -29.94 11.58 -13.41
CA GLY A 89 -29.57 11.18 -14.76
C GLY A 89 -28.37 11.94 -15.28
N VAL A 90 -28.28 13.24 -14.98
CA VAL A 90 -27.15 14.02 -15.44
C VAL A 90 -25.87 13.56 -14.77
N ALA A 91 -25.93 13.27 -13.46
CA ALA A 91 -24.76 12.75 -12.76
C ALA A 91 -24.30 11.43 -13.36
N LEU A 92 -25.27 10.56 -13.70
CA LEU A 92 -24.93 9.32 -14.40
C LEU A 92 -24.31 9.60 -15.76
N HIS A 93 -24.86 10.57 -16.49
CA HIS A 93 -24.35 10.88 -17.82
C HIS A 93 -22.92 11.42 -17.77
N ASP A 94 -22.56 12.14 -16.71
CA ASP A 94 -21.22 12.71 -16.60
C ASP A 94 -20.16 11.67 -16.30
N GLY A 95 -20.52 10.41 -16.08
CA GLY A 95 -19.55 9.40 -15.70
C GLY A 95 -19.28 9.34 -14.21
N ASN A 96 -20.22 9.79 -13.40
CA ASN A 96 -20.10 9.83 -11.95
C ASN A 96 -21.10 8.85 -11.34
N ILE A 97 -21.16 8.84 -10.00
CA ILE A 97 -22.04 7.95 -9.27
C ILE A 97 -23.09 8.80 -8.56
N ALA A 98 -24.35 8.54 -8.88
CA ALA A 98 -25.46 9.28 -8.31
C ALA A 98 -25.94 8.54 -7.06
N GLU A 99 -25.75 9.14 -5.90
CA GLU A 99 -26.22 8.54 -4.66
C GLU A 99 -27.62 9.09 -4.38
N MET A 100 -28.62 8.22 -4.53
CA MET A 100 -30.02 8.55 -4.27
C MET A 100 -30.53 7.57 -3.25
N LYS A 101 -31.00 8.06 -2.12
CA LYS A 101 -31.36 7.18 -1.01
C LYS A 101 -32.52 6.26 -1.40
N THR A 102 -32.60 5.13 -0.71
CA THR A 102 -33.53 4.06 -1.10
C THR A 102 -34.96 4.56 -1.19
N GLY A 103 -35.68 4.08 -2.20
CA GLY A 103 -37.05 4.46 -2.40
C GLY A 103 -37.28 5.73 -3.20
N GLU A 104 -36.22 6.34 -3.72
CA GLU A 104 -36.33 7.56 -4.50
C GLU A 104 -36.53 7.30 -5.99
N GLY A 105 -36.76 6.04 -6.37
CA GLY A 105 -37.10 5.74 -7.75
C GLY A 105 -35.91 5.58 -8.69
N LYS A 106 -34.83 4.94 -8.22
CA LYS A 106 -33.58 4.93 -8.98
C LYS A 106 -33.74 4.36 -10.38
N THR A 107 -34.55 3.31 -10.52
CA THR A 107 -34.65 2.61 -11.80
C THR A 107 -35.21 3.53 -12.88
N LEU A 108 -36.24 4.30 -12.55
CA LEU A 108 -36.79 5.27 -13.49
C LEU A 108 -35.73 6.29 -13.91
N THR A 109 -34.95 6.79 -12.95
CA THR A 109 -33.98 7.85 -13.26
C THR A 109 -32.97 7.37 -14.29
N SER A 110 -32.56 6.09 -14.21
CA SER A 110 -31.55 5.56 -15.11
C SER A 110 -31.98 5.60 -16.57
N THR A 111 -33.28 5.59 -16.85
CA THR A 111 -33.73 5.57 -18.24
C THR A 111 -33.45 6.89 -18.95
N LEU A 112 -33.23 7.98 -18.19
CA LEU A 112 -32.89 9.25 -18.84
C LEU A 112 -31.50 9.19 -19.47
N PRO A 113 -30.41 8.91 -18.76
CA PRO A 113 -29.10 8.90 -19.43
C PRO A 113 -28.89 7.71 -20.35
N VAL A 114 -29.54 6.57 -20.07
CA VAL A 114 -29.32 5.38 -20.88
C VAL A 114 -29.92 5.58 -22.27
N TYR A 115 -31.14 6.14 -22.35
CA TYR A 115 -31.70 6.54 -23.63
C TYR A 115 -30.73 7.46 -24.37
N LEU A 116 -30.34 8.56 -23.70
CA LEU A 116 -29.54 9.59 -24.35
C LEU A 116 -28.25 9.04 -24.94
N ASN A 117 -27.56 8.20 -24.18
CA ASN A 117 -26.29 7.66 -24.65
C ASN A 117 -26.46 6.46 -25.55
N ALA A 118 -27.69 5.98 -25.77
CA ALA A 118 -27.94 4.91 -26.72
C ALA A 118 -28.33 5.39 -28.11
N LEU A 119 -28.58 6.70 -28.28
CA LEU A 119 -28.97 7.22 -29.59
C LEU A 119 -27.87 7.07 -30.63
N THR A 120 -26.62 6.94 -30.20
CA THR A 120 -25.47 7.01 -31.09
C THR A 120 -25.09 5.65 -31.66
N GLY A 121 -25.90 4.62 -31.43
CA GLY A 121 -25.74 3.35 -32.13
C GLY A 121 -24.81 2.36 -31.50
N LYS A 122 -24.60 2.43 -30.19
CA LYS A 122 -23.81 1.46 -29.46
C LYS A 122 -24.72 0.70 -28.50
N GLY A 123 -24.12 -0.25 -27.78
CA GLY A 123 -24.79 -0.87 -26.67
C GLY A 123 -24.55 -0.09 -25.38
N VAL A 124 -25.54 -0.11 -24.52
CA VAL A 124 -25.44 0.46 -23.18
C VAL A 124 -25.82 -0.62 -22.20
N HIS A 125 -24.91 -0.96 -21.30
CA HIS A 125 -25.09 -2.05 -20.36
C HIS A 125 -25.61 -1.48 -19.04
N VAL A 126 -26.86 -1.79 -18.71
CA VAL A 126 -27.46 -1.44 -17.43
C VAL A 126 -27.30 -2.65 -16.53
N VAL A 127 -26.45 -2.54 -15.52
CA VAL A 127 -26.04 -3.66 -14.69
C VAL A 127 -26.76 -3.59 -13.36
N THR A 128 -27.17 -4.75 -12.84
CA THR A 128 -27.78 -4.85 -11.52
C THR A 128 -27.25 -6.11 -10.85
N VAL A 129 -27.54 -6.24 -9.55
CA VAL A 129 -26.85 -7.23 -8.74
C VAL A 129 -27.30 -8.66 -9.09
N ASN A 130 -28.59 -8.85 -9.37
CA ASN A 130 -29.11 -10.19 -9.62
C ASN A 130 -30.10 -10.17 -10.78
N GLU A 131 -30.38 -11.37 -11.30
CA GLU A 131 -31.15 -11.48 -12.54
C GLU A 131 -32.63 -11.16 -12.33
N TYR A 132 -33.16 -11.38 -11.13
CA TYR A 132 -34.54 -10.97 -10.86
C TYR A 132 -34.72 -9.48 -11.08
N LEU A 133 -33.82 -8.67 -10.51
CA LEU A 133 -33.86 -7.23 -10.72
C LEU A 133 -33.54 -6.88 -12.17
N ALA A 134 -32.73 -7.70 -12.84
CA ALA A 134 -32.43 -7.45 -14.25
C ALA A 134 -33.66 -7.67 -15.13
N SER A 135 -34.36 -8.79 -14.93
CA SER A 135 -35.56 -9.06 -15.71
C SER A 135 -36.66 -8.06 -15.39
N ARG A 136 -36.80 -7.69 -14.11
CA ARG A 136 -37.88 -6.77 -13.72
C ARG A 136 -37.66 -5.39 -14.29
N ASP A 137 -36.44 -4.87 -14.16
CA ASP A 137 -36.14 -3.53 -14.67
C ASP A 137 -36.20 -3.48 -16.18
N ALA A 138 -35.68 -4.52 -16.85
CA ALA A 138 -35.71 -4.55 -18.31
C ALA A 138 -37.14 -4.58 -18.84
N GLU A 139 -38.05 -5.24 -18.13
CA GLU A 139 -39.44 -5.27 -18.56
C GLU A 139 -40.15 -3.96 -18.25
N GLN A 140 -39.94 -3.40 -17.05
CA GLN A 140 -40.61 -2.16 -16.69
C GLN A 140 -40.03 -0.98 -17.45
N MET A 141 -38.70 -0.83 -17.44
CA MET A 141 -38.09 0.32 -18.10
C MET A 141 -37.97 0.12 -19.61
N GLY A 142 -37.87 -1.12 -20.09
CA GLY A 142 -37.79 -1.35 -21.52
C GLY A 142 -39.00 -0.83 -22.27
N LYS A 143 -40.16 -0.80 -21.61
CA LYS A 143 -41.36 -0.27 -22.24
C LYS A 143 -41.21 1.21 -22.59
N ILE A 144 -40.40 1.94 -21.82
CA ILE A 144 -40.16 3.35 -22.13
C ILE A 144 -39.19 3.49 -23.30
N PHE A 145 -38.10 2.72 -23.29
CA PHE A 145 -37.18 2.73 -24.43
C PHE A 145 -37.90 2.31 -25.71
N GLU A 146 -38.74 1.28 -25.62
CA GLU A 146 -39.43 0.79 -26.82
C GLU A 146 -40.43 1.81 -27.35
N PHE A 147 -41.13 2.51 -26.45
CA PHE A 147 -42.05 3.57 -26.87
C PHE A 147 -41.32 4.61 -27.72
N LEU A 148 -40.05 4.85 -27.42
CA LEU A 148 -39.25 5.84 -28.13
C LEU A 148 -38.51 5.25 -29.32
N GLY A 149 -38.73 3.97 -29.63
CA GLY A 149 -38.13 3.37 -30.80
C GLY A 149 -36.74 2.81 -30.62
N LEU A 150 -36.41 2.34 -29.42
CA LEU A 150 -35.14 1.70 -29.14
C LEU A 150 -35.38 0.25 -28.73
N THR A 151 -34.41 -0.60 -29.04
CA THR A 151 -34.49 -2.03 -28.73
C THR A 151 -33.78 -2.33 -27.42
N VAL A 152 -34.41 -3.17 -26.61
CA VAL A 152 -33.92 -3.50 -25.28
C VAL A 152 -33.63 -4.99 -25.21
N GLY A 153 -32.36 -5.34 -24.99
CA GLY A 153 -31.97 -6.71 -24.77
C GLY A 153 -31.91 -7.06 -23.29
N LEU A 154 -32.01 -8.36 -23.01
CA LEU A 154 -31.94 -8.85 -21.63
C LEU A 154 -31.06 -10.09 -21.62
N ASN A 155 -29.96 -10.02 -20.87
CA ASN A 155 -28.93 -11.05 -20.88
C ASN A 155 -29.03 -11.90 -19.61
N LEU A 156 -29.31 -13.19 -19.78
CA LEU A 156 -29.44 -14.12 -18.67
C LEU A 156 -28.43 -15.25 -18.79
N ASN A 157 -28.20 -15.93 -17.67
CA ASN A 157 -27.41 -17.15 -17.68
C ASN A 157 -28.11 -18.29 -18.38
N SER A 158 -29.44 -18.24 -18.48
CA SER A 158 -30.23 -19.29 -19.09
C SER A 158 -30.29 -19.19 -20.61
N MET A 159 -29.70 -18.17 -21.20
CA MET A 159 -29.82 -17.92 -22.64
C MET A 159 -28.67 -18.53 -23.42
N SER A 160 -28.98 -19.00 -24.62
CA SER A 160 -28.00 -19.57 -25.51
C SER A 160 -27.09 -18.49 -26.11
N LYS A 161 -25.95 -18.93 -26.64
CA LYS A 161 -25.01 -18.02 -27.28
C LYS A 161 -25.69 -17.15 -28.32
N ASP A 162 -26.56 -17.75 -29.15
CA ASP A 162 -27.30 -16.97 -30.14
C ASP A 162 -28.18 -15.93 -29.46
N GLU A 163 -28.93 -16.35 -28.44
CA GLU A 163 -29.84 -15.42 -27.76
C GLU A 163 -29.06 -14.32 -27.05
N LYS A 164 -27.90 -14.64 -26.48
CA LYS A 164 -27.07 -13.61 -25.86
C LYS A 164 -26.52 -12.65 -26.90
N ARG A 165 -26.06 -13.18 -28.04
CA ARG A 165 -25.56 -12.32 -29.11
C ARG A 165 -26.62 -11.31 -29.54
N GLU A 166 -27.88 -11.75 -29.61
CA GLU A 166 -28.96 -10.84 -29.98
C GLU A 166 -29.19 -9.79 -28.91
N ALA A 167 -29.21 -10.20 -27.64
CA ALA A 167 -29.39 -9.23 -26.56
C ALA A 167 -28.30 -8.18 -26.57
N TYR A 168 -27.07 -8.58 -26.88
CA TYR A 168 -25.96 -7.63 -26.98
C TYR A 168 -26.09 -6.71 -28.19
N ALA A 169 -26.81 -7.13 -29.23
CA ALA A 169 -26.96 -6.31 -30.42
C ALA A 169 -28.04 -5.25 -30.28
N ALA A 170 -28.86 -5.31 -29.24
CA ALA A 170 -29.87 -4.28 -29.02
C ALA A 170 -29.20 -2.98 -28.58
N ASP A 171 -29.93 -1.87 -28.74
CA ASP A 171 -29.39 -0.58 -28.34
C ASP A 171 -29.14 -0.51 -26.84
N ILE A 172 -29.95 -1.19 -26.05
CA ILE A 172 -29.81 -1.23 -24.60
C ILE A 172 -29.81 -2.69 -24.15
N THR A 173 -28.93 -3.02 -23.20
CA THR A 173 -28.80 -4.38 -22.71
C THR A 173 -28.81 -4.37 -21.19
N TYR A 174 -29.81 -5.01 -20.59
CA TYR A 174 -29.84 -5.22 -19.16
C TYR A 174 -29.22 -6.57 -18.83
N SER A 175 -28.43 -6.62 -17.75
CA SER A 175 -27.69 -7.82 -17.41
C SER A 175 -27.25 -7.73 -15.95
N THR A 176 -26.38 -8.66 -15.55
CA THR A 176 -25.79 -8.70 -14.24
C THR A 176 -24.28 -8.58 -14.35
N ASN A 177 -23.64 -8.23 -13.23
CA ASN A 177 -22.19 -8.08 -13.23
C ASN A 177 -21.50 -9.40 -13.57
N ASN A 178 -22.02 -10.52 -13.07
CA ASN A 178 -21.39 -11.80 -13.30
C ASN A 178 -21.50 -12.22 -14.77
N GLU A 179 -22.70 -12.06 -15.35
CA GLU A 179 -22.91 -12.50 -16.73
C GLU A 179 -22.09 -11.67 -17.71
N LEU A 180 -21.97 -10.36 -17.47
CA LEU A 180 -21.19 -9.53 -18.37
C LEU A 180 -19.72 -9.91 -18.35
N GLY A 181 -19.18 -10.22 -17.17
CA GLY A 181 -17.81 -10.70 -17.10
C GLY A 181 -17.66 -12.08 -17.69
N PHE A 182 -18.62 -12.96 -17.44
CA PHE A 182 -18.59 -14.30 -18.04
C PHE A 182 -18.58 -14.21 -19.56
N ASP A 183 -19.43 -13.34 -20.13
CA ASP A 183 -19.48 -13.20 -21.58
C ASP A 183 -18.17 -12.67 -22.13
N TYR A 184 -17.56 -11.71 -21.44
CA TYR A 184 -16.28 -11.17 -21.90
C TYR A 184 -15.21 -12.25 -21.95
N LEU A 185 -15.17 -13.11 -20.94
CA LEU A 185 -14.16 -14.17 -20.91
C LEU A 185 -14.41 -15.19 -22.01
N ARG A 186 -15.67 -15.55 -22.25
CA ARG A 186 -15.97 -16.51 -23.31
C ARG A 186 -15.76 -15.92 -24.70
N ASP A 187 -16.04 -14.62 -24.86
CA ASP A 187 -15.75 -13.96 -26.14
C ASP A 187 -14.27 -14.01 -26.46
N ASN A 188 -13.41 -14.03 -25.45
CA ASN A 188 -11.97 -14.19 -25.60
C ASN A 188 -11.53 -15.65 -25.55
N MET A 189 -12.45 -16.61 -25.55
CA MET A 189 -12.09 -18.00 -25.81
C MET A 189 -12.45 -18.48 -27.22
N VAL A 190 -13.02 -17.63 -28.07
CA VAL A 190 -13.72 -18.10 -29.26
C VAL A 190 -12.75 -18.63 -30.32
N LEU A 191 -13.23 -19.60 -31.09
CA LEU A 191 -12.49 -20.13 -32.24
C LEU A 191 -12.65 -19.26 -33.48
N TYR A 192 -13.83 -18.67 -33.68
CA TYR A 192 -14.11 -17.83 -34.83
C TYR A 192 -14.55 -16.46 -34.35
N LYS A 193 -14.17 -15.42 -35.11
CA LYS A 193 -14.49 -14.05 -34.71
C LYS A 193 -15.98 -13.81 -34.68
N GLU A 194 -16.75 -14.57 -35.45
CA GLU A 194 -18.19 -14.39 -35.48
C GLU A 194 -18.90 -15.08 -34.32
N GLN A 195 -18.18 -15.88 -33.53
CA GLN A 195 -18.78 -16.48 -32.33
C GLN A 195 -18.91 -15.47 -31.19
N MET A 196 -18.29 -14.31 -31.31
CA MET A 196 -18.33 -13.32 -30.24
C MET A 196 -19.76 -12.81 -30.05
N VAL A 197 -20.08 -12.45 -28.82
CA VAL A 197 -21.43 -12.01 -28.47
C VAL A 197 -21.43 -10.50 -28.29
N GLN A 198 -20.61 -9.99 -27.37
CA GLN A 198 -20.60 -8.58 -27.03
C GLN A 198 -20.12 -7.72 -28.20
N ARG A 199 -20.58 -6.48 -28.21
CA ARG A 199 -20.09 -5.42 -29.08
C ARG A 199 -18.95 -4.71 -28.33
N PRO A 200 -18.29 -3.71 -28.91
CA PRO A 200 -17.34 -2.92 -28.12
C PRO A 200 -17.97 -2.38 -26.84
N LEU A 201 -17.24 -2.51 -25.74
CA LEU A 201 -17.75 -2.03 -24.46
C LEU A 201 -17.79 -0.51 -24.46
N HIS A 202 -18.97 0.05 -24.19
CA HIS A 202 -19.26 1.45 -24.49
C HIS A 202 -19.70 2.23 -23.25
N PHE A 203 -20.80 1.84 -22.63
CA PHE A 203 -21.32 2.53 -21.44
C PHE A 203 -21.86 1.48 -20.49
N ALA A 204 -21.48 1.59 -19.22
CA ALA A 204 -22.01 0.72 -18.16
C ALA A 204 -22.65 1.59 -17.09
N VAL A 205 -23.97 1.49 -16.96
CA VAL A 205 -24.70 2.08 -15.85
C VAL A 205 -24.94 0.94 -14.86
N ILE A 206 -24.30 1.02 -13.70
CA ILE A 206 -24.28 -0.09 -12.75
C ILE A 206 -25.21 0.26 -11.60
N ASP A 207 -26.28 -0.51 -11.46
CA ASP A 207 -27.10 -0.42 -10.25
C ASP A 207 -26.37 -1.09 -9.11
N GLU A 208 -26.58 -0.57 -7.89
CA GLU A 208 -25.99 -1.14 -6.68
C GLU A 208 -24.46 -1.20 -6.79
N VAL A 209 -23.85 -0.04 -7.07
CA VAL A 209 -22.42 -0.03 -7.38
C VAL A 209 -21.58 -0.46 -6.21
N ASP A 210 -22.00 -0.12 -4.98
CA ASP A 210 -21.19 -0.44 -3.82
C ASP A 210 -21.06 -1.95 -3.64
N SER A 211 -22.12 -2.70 -3.95
CA SER A 211 -22.02 -4.16 -3.88
C SER A 211 -21.19 -4.70 -5.03
N ILE A 212 -21.38 -4.16 -6.25
CA ILE A 212 -20.65 -4.64 -7.40
C ILE A 212 -19.19 -4.24 -7.32
N LEU A 213 -18.92 -2.95 -7.11
CA LEU A 213 -17.56 -2.43 -7.23
C LEU A 213 -16.77 -2.47 -5.93
N ILE A 214 -17.39 -2.79 -4.80
CA ILE A 214 -16.66 -2.85 -3.53
C ILE A 214 -16.82 -4.22 -2.90
N ASP A 215 -18.05 -4.59 -2.55
CA ASP A 215 -18.29 -5.87 -1.91
C ASP A 215 -17.83 -7.03 -2.80
N GLU A 216 -18.39 -7.10 -4.01
CA GLU A 216 -18.11 -8.21 -4.92
C GLU A 216 -16.85 -8.00 -5.73
N ALA A 217 -16.14 -6.89 -5.55
CA ALA A 217 -14.84 -6.73 -6.17
C ALA A 217 -13.77 -7.57 -5.49
N ARG A 218 -14.10 -8.21 -4.37
CA ARG A 218 -13.12 -9.03 -3.65
C ARG A 218 -12.76 -10.27 -4.45
N THR A 219 -13.76 -10.96 -5.03
CA THR A 219 -13.47 -12.17 -5.77
C THR A 219 -13.23 -11.87 -7.25
N PRO A 220 -12.39 -12.66 -7.91
CA PRO A 220 -12.26 -12.56 -9.35
C PRO A 220 -13.33 -13.40 -10.03
N LEU A 221 -13.24 -13.46 -11.36
CA LEU A 221 -14.17 -14.22 -12.19
C LEU A 221 -13.44 -15.43 -12.77
N ILE A 222 -14.00 -16.61 -12.53
CA ILE A 222 -13.45 -17.86 -13.05
C ILE A 222 -14.42 -18.42 -14.09
N ILE A 223 -13.87 -18.99 -15.16
CA ILE A 223 -14.61 -19.86 -16.06
C ILE A 223 -13.84 -21.17 -16.12
N SER A 224 -14.44 -22.23 -15.62
CA SER A 224 -13.75 -23.52 -15.49
C SER A 224 -14.04 -24.38 -16.71
N GLY A 225 -13.02 -24.61 -17.53
CA GLY A 225 -13.11 -25.65 -18.53
C GLY A 225 -13.08 -27.01 -17.85
N GLN A 226 -14.08 -27.84 -18.15
CA GLN A 226 -14.28 -29.09 -17.42
C GLN A 226 -13.55 -30.22 -18.16
N ALA A 227 -12.51 -30.75 -17.52
CA ALA A 227 -11.81 -31.94 -17.98
C ALA A 227 -11.29 -32.67 -16.75
N ALA A 228 -11.33 -34.00 -16.78
CA ALA A 228 -11.13 -34.77 -15.57
C ALA A 228 -10.23 -35.98 -15.79
N LYS A 229 -9.21 -36.10 -14.96
CA LYS A 229 -8.71 -37.40 -14.55
C LYS A 229 -9.18 -37.43 -13.10
N SER A 230 -10.30 -38.10 -12.86
CA SER A 230 -11.34 -37.47 -12.04
C SER A 230 -11.43 -37.72 -10.52
N THR A 231 -11.88 -38.91 -10.14
CA THR A 231 -12.32 -39.13 -8.76
C THR A 231 -11.18 -39.57 -7.85
N LYS A 232 -9.94 -39.64 -8.36
CA LYS A 232 -8.96 -40.50 -7.72
C LYS A 232 -8.82 -40.17 -6.23
N LEU A 233 -9.26 -41.11 -5.43
CA LEU A 233 -9.21 -41.11 -3.96
C LEU A 233 -9.56 -39.76 -3.34
N TYR A 234 -10.56 -39.06 -3.91
CA TYR A 234 -11.33 -38.12 -3.09
C TYR A 234 -12.09 -38.87 -2.01
N VAL A 235 -12.52 -40.09 -2.33
CA VAL A 235 -13.20 -40.95 -1.36
C VAL A 235 -12.26 -41.28 -0.20
N GLN A 236 -10.99 -41.55 -0.51
CA GLN A 236 -10.04 -41.96 0.52
C GLN A 236 -9.68 -40.81 1.46
N ALA A 237 -9.54 -39.59 0.93
CA ALA A 237 -9.20 -38.45 1.76
C ALA A 237 -10.28 -38.19 2.81
N ASN A 238 -11.53 -38.04 2.36
CA ASN A 238 -12.65 -37.91 3.28
C ASN A 238 -12.75 -39.13 4.21
N ALA A 239 -12.31 -40.30 3.75
CA ALA A 239 -12.37 -41.49 4.58
C ALA A 239 -11.46 -41.37 5.80
N PHE A 240 -10.40 -40.56 5.71
CA PHE A 240 -9.46 -40.41 6.82
C PHE A 240 -10.12 -39.75 8.04
N VAL A 241 -10.90 -38.69 7.81
CA VAL A 241 -11.54 -37.88 8.85
C VAL A 241 -10.53 -37.52 9.95
N ARG A 242 -11.03 -37.31 11.18
CA ARG A 242 -10.31 -37.21 12.45
C ARG A 242 -11.29 -36.50 13.37
N THR A 243 -11.00 -36.35 14.67
CA THR A 243 -11.40 -35.12 15.36
C THR A 243 -10.17 -34.58 16.10
N LEU A 244 -9.27 -33.93 15.35
CA LEU A 244 -8.43 -32.81 15.77
C LEU A 244 -8.21 -32.82 17.27
N LYS A 245 -8.63 -31.71 17.89
CA LYS A 245 -9.13 -31.66 19.27
C LYS A 245 -8.86 -32.89 20.13
N TYR A 250 -8.02 -27.11 15.19
CA TYR A 250 -8.99 -26.03 15.34
C TYR A 250 -9.63 -25.65 14.02
N THR A 251 -10.91 -25.27 14.07
CA THR A 251 -11.48 -24.40 13.06
C THR A 251 -11.54 -23.04 13.73
N TYR A 252 -10.63 -22.15 13.33
CA TYR A 252 -10.41 -20.91 14.07
C TYR A 252 -11.70 -20.12 14.09
N ASP A 253 -12.16 -19.79 15.29
CA ASP A 253 -13.46 -19.12 15.41
C ASP A 253 -13.49 -17.89 14.54
N ILE A 254 -12.47 -17.03 14.68
CA ILE A 254 -12.41 -15.79 13.91
C ILE A 254 -12.02 -16.07 12.45
N LYS A 255 -10.91 -16.79 12.27
CA LYS A 255 -10.01 -16.85 11.09
C LYS A 255 -10.34 -17.82 9.98
N THR A 256 -11.62 -18.03 9.70
CA THR A 256 -12.29 -19.32 9.52
C THR A 256 -11.65 -20.62 8.99
N LYS A 257 -10.54 -20.62 8.24
CA LYS A 257 -10.03 -21.89 7.72
C LYS A 257 -9.48 -22.79 8.83
N ALA A 258 -9.67 -24.09 8.66
CA ALA A 258 -9.28 -25.10 9.65
C ALA A 258 -8.12 -25.94 9.13
N VAL A 259 -7.13 -26.16 9.99
CA VAL A 259 -5.92 -26.88 9.60
C VAL A 259 -5.61 -27.93 10.65
N GLN A 260 -4.77 -28.88 10.28
CA GLN A 260 -4.57 -30.12 11.02
C GLN A 260 -3.25 -29.96 11.79
N LEU A 261 -3.36 -29.48 13.05
CA LEU A 261 -2.23 -29.35 13.97
C LEU A 261 -2.22 -30.39 15.08
N THR A 262 -3.22 -31.25 15.19
CA THR A 262 -2.89 -32.45 15.94
C THR A 262 -1.68 -33.02 15.24
N GLU A 263 -0.55 -33.13 15.94
CA GLU A 263 0.61 -33.70 15.27
C GLU A 263 0.49 -35.20 15.23
N GLU A 264 -0.15 -35.78 16.24
CA GLU A 264 -0.80 -37.07 16.06
C GLU A 264 -1.74 -37.03 14.86
N GLY A 265 -2.16 -35.85 14.46
CA GLY A 265 -2.86 -35.68 13.20
C GLY A 265 -2.04 -36.04 12.00
N MET A 266 -0.89 -35.39 11.84
CA MET A 266 0.02 -35.73 10.76
C MET A 266 0.60 -37.11 10.94
N THR A 267 0.82 -37.54 12.18
CA THR A 267 1.34 -38.87 12.43
C THR A 267 0.28 -39.94 12.14
N LYS A 268 -0.98 -39.67 12.49
CA LYS A 268 -2.03 -40.63 12.18
C LYS A 268 -2.26 -40.71 10.68
N ALA A 269 -2.16 -39.58 9.98
CA ALA A 269 -2.32 -39.60 8.53
C ALA A 269 -1.19 -40.34 7.83
N GLU A 270 0.02 -40.30 8.41
CA GLU A 270 1.16 -40.99 7.82
C GLU A 270 1.00 -42.51 7.85
N LYS A 271 0.13 -43.02 8.72
CA LYS A 271 -0.19 -44.44 8.68
C LYS A 271 -1.26 -44.75 7.63
N ALA A 272 -2.28 -43.90 7.52
CA ALA A 272 -3.48 -44.26 6.75
C ALA A 272 -3.21 -44.35 5.26
N PHE A 273 -2.46 -43.40 4.71
CA PHE A 273 -2.07 -43.43 3.32
C PHE A 273 -0.65 -43.95 3.11
N GLY A 274 -0.01 -44.46 4.18
CA GLY A 274 1.18 -45.28 4.06
C GLY A 274 2.50 -44.60 3.79
N ILE A 275 2.82 -43.56 4.58
CA ILE A 275 3.96 -42.69 4.32
C ILE A 275 4.74 -42.42 5.59
N ASP A 276 6.05 -42.17 5.44
CA ASP A 276 6.88 -41.83 6.59
C ASP A 276 6.76 -40.34 6.96
N ASN A 277 6.70 -39.47 5.97
CA ASN A 277 6.57 -38.03 6.19
C ASN A 277 5.42 -37.52 5.33
N LEU A 278 4.38 -36.97 5.99
CA LEU A 278 3.23 -36.46 5.26
C LEU A 278 3.62 -35.29 4.37
N PHE A 279 4.43 -34.38 4.88
CA PHE A 279 4.75 -33.14 4.17
C PHE A 279 5.90 -33.29 3.20
N ASP A 280 6.45 -34.49 3.05
CA ASP A 280 7.43 -34.73 2.00
C ASP A 280 6.83 -34.42 0.64
N VAL A 281 7.67 -33.94 -0.27
CA VAL A 281 7.19 -33.52 -1.58
C VAL A 281 6.67 -34.70 -2.40
N LYS A 282 7.19 -35.90 -2.15
CA LYS A 282 6.72 -37.07 -2.89
C LYS A 282 5.27 -37.39 -2.57
N HIS A 283 4.82 -37.01 -1.37
CA HIS A 283 3.50 -37.35 -0.85
C HIS A 283 2.48 -36.22 -1.02
N VAL A 284 2.79 -35.19 -1.82
CA VAL A 284 1.88 -34.06 -1.96
C VAL A 284 0.61 -34.51 -2.66
N ALA A 285 -0.35 -33.59 -2.78
CA ALA A 285 -1.68 -33.82 -3.34
C ALA A 285 -2.49 -34.76 -2.45
N LEU A 286 -1.80 -35.51 -1.59
CA LEU A 286 -2.44 -36.21 -0.49
C LEU A 286 -2.63 -35.29 0.71
N ASN A 287 -1.61 -34.47 1.00
CA ASN A 287 -1.76 -33.42 1.99
C ASN A 287 -2.82 -32.41 1.56
N HIS A 288 -2.85 -32.09 0.26
CA HIS A 288 -3.87 -31.19 -0.27
C HIS A 288 -5.27 -31.74 -0.07
N HIS A 289 -5.45 -33.03 -0.36
CA HIS A 289 -6.78 -33.64 -0.24
C HIS A 289 -7.27 -33.65 1.20
N ILE A 290 -6.39 -33.99 2.15
CA ILE A 290 -6.79 -34.06 3.55
C ILE A 290 -7.19 -32.68 4.06
N ASN A 291 -6.46 -31.64 3.65
CA ASN A 291 -6.83 -30.28 4.06
C ASN A 291 -8.16 -29.85 3.44
N GLN A 292 -8.40 -30.24 2.19
CA GLN A 292 -9.67 -29.90 1.55
C GLN A 292 -10.83 -30.62 2.22
N ALA A 293 -10.68 -31.93 2.46
CA ALA A 293 -11.74 -32.68 3.11
C ALA A 293 -11.96 -32.21 4.54
N LEU A 294 -10.87 -31.88 5.25
CA LEU A 294 -11.01 -31.26 6.56
C LEU A 294 -11.77 -29.94 6.47
N LYS A 295 -11.43 -29.12 5.47
CA LYS A 295 -12.13 -27.86 5.27
C LYS A 295 -13.60 -28.09 4.94
N ALA A 296 -13.89 -29.16 4.19
CA ALA A 296 -15.28 -29.41 3.81
C ALA A 296 -16.15 -29.72 5.01
N HIS A 297 -15.62 -30.50 5.97
CA HIS A 297 -16.47 -30.94 7.08
C HIS A 297 -16.62 -29.86 8.15
N VAL A 298 -15.52 -29.28 8.64
CA VAL A 298 -15.61 -28.37 9.78
C VAL A 298 -15.66 -26.89 9.38
N ALA A 299 -15.35 -26.52 8.14
CA ALA A 299 -15.26 -25.10 7.81
C ALA A 299 -16.47 -24.54 7.10
N MET A 300 -17.43 -25.36 6.68
CA MET A 300 -18.61 -24.82 6.05
C MET A 300 -19.77 -25.80 6.25
N GLN A 301 -20.96 -25.26 6.40
CA GLN A 301 -22.14 -26.04 6.71
C GLN A 301 -22.95 -26.30 5.44
N LYS A 302 -24.07 -26.99 5.66
CA LYS A 302 -25.12 -27.41 4.75
C LYS A 302 -25.89 -26.15 4.39
N ASP A 303 -27.20 -26.22 4.13
CA ASP A 303 -27.82 -24.96 3.71
C ASP A 303 -27.39 -23.90 4.71
N VAL A 304 -26.30 -23.20 4.34
CA VAL A 304 -25.92 -21.86 4.78
C VAL A 304 -25.29 -21.21 3.54
N ASP A 305 -24.12 -21.74 3.13
CA ASP A 305 -23.37 -21.32 1.96
C ASP A 305 -23.48 -22.27 0.76
N TYR A 306 -24.17 -23.40 0.88
CA TYR A 306 -24.45 -24.23 -0.29
C TYR A 306 -25.66 -25.10 -0.01
N VAL A 307 -26.05 -25.88 -1.00
CA VAL A 307 -27.31 -26.61 -0.98
C VAL A 307 -27.08 -28.03 -1.51
N VAL A 308 -27.83 -28.99 -0.96
CA VAL A 308 -27.87 -30.33 -1.52
C VAL A 308 -29.18 -30.47 -2.28
N GLU A 309 -29.09 -30.46 -3.60
CA GLU A 309 -30.27 -30.51 -4.45
C GLU A 309 -29.99 -31.38 -5.67
N ASP A 310 -30.84 -32.39 -5.89
CA ASP A 310 -30.68 -33.34 -6.99
C ASP A 310 -29.30 -33.99 -6.98
N GLY A 311 -28.72 -34.16 -5.79
CA GLY A 311 -27.47 -34.86 -5.63
C GLY A 311 -26.23 -34.05 -5.95
N GLN A 312 -26.37 -32.93 -6.65
CA GLN A 312 -25.27 -32.00 -6.80
C GLN A 312 -25.17 -31.08 -5.59
N VAL A 313 -23.97 -30.59 -5.33
CA VAL A 313 -23.78 -29.50 -4.39
C VAL A 313 -23.79 -28.20 -5.18
N VAL A 314 -24.74 -27.32 -4.88
CA VAL A 314 -24.89 -26.05 -5.58
C VAL A 314 -24.66 -24.93 -4.59
N ILE A 315 -24.01 -23.87 -5.06
CA ILE A 315 -23.43 -22.85 -4.19
C ILE A 315 -24.48 -21.81 -3.83
N VAL A 316 -24.49 -21.41 -2.57
CA VAL A 316 -25.19 -20.20 -2.16
C VAL A 316 -24.26 -19.02 -2.38
N ASP A 317 -24.67 -18.08 -3.23
CA ASP A 317 -23.85 -16.92 -3.53
C ASP A 317 -23.92 -15.95 -2.35
N SER A 318 -22.75 -15.55 -1.86
CA SER A 318 -22.62 -15.00 -0.52
C SER A 318 -23.62 -13.88 -0.26
N PHE A 319 -23.45 -12.72 -0.89
CA PHE A 319 -24.43 -11.67 -0.65
C PHE A 319 -25.57 -11.59 -1.67
N THR A 320 -25.45 -12.17 -2.86
CA THR A 320 -26.62 -12.10 -3.72
C THR A 320 -27.71 -13.02 -3.17
N GLY A 321 -27.31 -14.08 -2.50
CA GLY A 321 -28.19 -14.88 -1.69
C GLY A 321 -28.92 -15.97 -2.43
N ARG A 322 -29.12 -15.80 -3.74
CA ARG A 322 -29.65 -16.86 -4.56
C ARG A 322 -28.53 -17.80 -4.98
N LEU A 323 -28.90 -19.05 -5.23
CA LEU A 323 -27.90 -20.03 -5.65
C LEU A 323 -27.51 -19.80 -7.10
N MET A 324 -26.30 -20.25 -7.45
CA MET A 324 -25.78 -20.19 -8.81
C MET A 324 -25.67 -21.62 -9.33
N LYS A 325 -26.48 -21.95 -10.32
CA LYS A 325 -26.62 -23.33 -10.77
C LYS A 325 -25.32 -23.88 -11.35
N GLY A 326 -24.74 -23.16 -12.32
CA GLY A 326 -23.64 -23.72 -13.09
C GLY A 326 -22.28 -23.63 -12.44
N ARG A 327 -22.08 -22.68 -11.53
CA ARG A 327 -20.77 -22.44 -10.97
C ARG A 327 -20.30 -23.60 -10.10
N ARG A 328 -18.98 -23.70 -9.92
CA ARG A 328 -18.36 -24.70 -9.07
C ARG A 328 -17.33 -24.06 -8.17
N TYR A 329 -17.11 -24.68 -7.01
CA TYR A 329 -15.97 -24.33 -6.18
C TYR A 329 -14.68 -24.66 -6.91
N SER A 330 -13.73 -23.74 -6.88
CA SER A 330 -12.46 -23.97 -7.53
C SER A 330 -11.50 -24.65 -6.55
N GLU A 331 -10.30 -24.98 -7.04
CA GLU A 331 -9.23 -25.57 -6.24
C GLU A 331 -9.67 -26.88 -5.57
N GLY A 332 -10.65 -27.57 -6.17
CA GLY A 332 -11.04 -28.89 -5.74
C GLY A 332 -12.02 -28.96 -4.58
N LEU A 333 -12.54 -27.83 -4.10
CA LEU A 333 -13.41 -27.86 -2.93
C LEU A 333 -14.76 -28.48 -3.24
N HIS A 334 -15.25 -28.33 -4.47
CA HIS A 334 -16.55 -28.87 -4.84
C HIS A 334 -16.57 -30.39 -4.68
N GLN A 335 -15.53 -31.08 -5.15
CA GLN A 335 -15.49 -32.53 -5.07
C GLN A 335 -15.40 -33.01 -3.62
N ALA A 336 -14.66 -32.28 -2.79
CA ALA A 336 -14.56 -32.67 -1.38
C ALA A 336 -15.92 -32.62 -0.69
N ILE A 337 -16.81 -31.75 -1.14
CA ILE A 337 -18.11 -31.61 -0.49
C ILE A 337 -19.07 -32.69 -0.96
N GLU A 338 -19.07 -33.01 -2.25
CA GLU A 338 -19.91 -34.11 -2.72
C GLU A 338 -19.40 -35.45 -2.21
N ALA A 339 -18.10 -35.55 -1.93
CA ALA A 339 -17.59 -36.71 -1.21
C ALA A 339 -18.07 -36.70 0.23
N LYS A 340 -18.14 -35.52 0.84
CA LYS A 340 -18.65 -35.39 2.21
C LYS A 340 -20.12 -35.81 2.28
N GLU A 341 -20.92 -35.41 1.31
CA GLU A 341 -22.34 -35.74 1.29
C GLU A 341 -22.62 -37.10 0.68
N GLY A 342 -21.59 -37.86 0.33
CA GLY A 342 -21.78 -39.18 -0.24
C GLY A 342 -22.37 -39.19 -1.62
N LEU A 343 -22.24 -38.09 -2.36
CA LEU A 343 -22.88 -37.94 -3.65
C LEU A 343 -21.90 -38.33 -4.76
N GLU A 344 -22.30 -38.13 -6.01
CA GLU A 344 -21.45 -38.48 -7.14
C GLU A 344 -20.35 -37.43 -7.28
N ILE A 345 -19.11 -37.87 -7.22
CA ILE A 345 -17.97 -36.97 -7.38
C ILE A 345 -17.78 -36.69 -8.86
N GLN A 346 -17.89 -35.41 -9.23
CA GLN A 346 -18.03 -35.00 -10.61
C GLN A 346 -16.66 -34.86 -11.28
N ASN A 347 -16.68 -34.40 -12.53
CA ASN A 347 -15.46 -34.17 -13.28
C ASN A 347 -14.74 -32.93 -12.76
N GLU A 348 -13.43 -32.90 -12.97
CA GLU A 348 -12.58 -31.95 -12.27
C GLU A 348 -12.60 -30.57 -12.91
N SER A 349 -12.79 -29.55 -12.07
CA SER A 349 -12.74 -28.18 -12.52
C SER A 349 -11.31 -27.75 -12.79
N MET A 350 -11.11 -27.00 -13.87
CA MET A 350 -9.82 -26.45 -14.25
C MET A 350 -10.02 -25.05 -14.79
N THR A 351 -9.22 -24.10 -14.29
CA THR A 351 -9.47 -22.69 -14.55
C THR A 351 -9.00 -22.28 -15.94
N LEU A 352 -9.79 -21.42 -16.60
CA LEU A 352 -9.44 -20.91 -17.92
C LEU A 352 -8.96 -19.47 -17.88
N ALA A 353 -9.88 -18.53 -17.71
CA ALA A 353 -9.57 -17.10 -17.75
C ALA A 353 -10.01 -16.43 -16.46
N THR A 354 -9.27 -15.40 -16.06
CA THR A 354 -9.56 -14.65 -14.85
C THR A 354 -9.52 -13.16 -15.14
N ILE A 355 -10.65 -12.50 -14.98
CA ILE A 355 -10.72 -11.04 -14.93
C ILE A 355 -11.40 -10.66 -13.62
N THR A 356 -11.11 -9.46 -13.15
CA THR A 356 -11.74 -8.90 -11.97
C THR A 356 -12.79 -7.90 -12.39
N PHE A 357 -13.87 -7.81 -11.59
CA PHE A 357 -14.91 -6.82 -11.86
C PHE A 357 -14.33 -5.42 -12.00
N GLN A 358 -13.29 -5.11 -11.22
CA GLN A 358 -12.65 -3.81 -11.31
C GLN A 358 -12.07 -3.58 -12.70
N ASN A 359 -11.16 -4.45 -13.12
CA ASN A 359 -10.49 -4.26 -14.40
C ASN A 359 -11.41 -4.49 -15.58
N TYR A 360 -12.51 -5.25 -15.40
CA TYR A 360 -13.46 -5.43 -16.49
C TYR A 360 -14.21 -4.15 -16.77
N PHE A 361 -14.79 -3.53 -15.74
CA PHE A 361 -15.57 -2.32 -15.94
C PHE A 361 -14.71 -1.10 -16.22
N ARG A 362 -13.40 -1.19 -15.98
CA ARG A 362 -12.49 -0.13 -16.40
C ARG A 362 -12.22 -0.14 -17.90
N MET A 363 -12.75 -1.15 -18.62
CA MET A 363 -12.65 -1.21 -20.07
C MET A 363 -13.82 -0.56 -20.78
N TYR A 364 -14.82 -0.07 -20.05
CA TYR A 364 -16.08 0.33 -20.66
C TYR A 364 -16.03 1.72 -21.29
N GLU A 365 -15.07 2.56 -20.93
CA GLU A 365 -14.78 3.85 -21.56
C GLU A 365 -15.75 4.95 -21.13
N LYS A 366 -16.92 4.59 -20.62
CA LYS A 366 -17.70 5.45 -19.74
C LYS A 366 -18.49 4.57 -18.80
N LEU A 367 -18.49 4.90 -17.51
CA LEU A 367 -19.27 4.13 -16.56
C LEU A 367 -19.82 5.05 -15.47
N ALA A 368 -21.03 4.70 -15.01
CA ALA A 368 -21.78 5.45 -14.02
C ALA A 368 -22.39 4.46 -13.03
N GLY A 369 -22.94 4.97 -11.95
CA GLY A 369 -23.52 4.09 -10.96
C GLY A 369 -24.55 4.76 -10.07
N MET A 370 -25.39 3.92 -9.46
CA MET A 370 -26.45 4.36 -8.56
C MET A 370 -26.53 3.42 -7.36
N THR A 371 -26.86 4.00 -6.21
CA THR A 371 -27.23 3.36 -4.96
C THR A 371 -27.42 4.47 -3.94
N GLY A 372 -28.06 4.13 -2.82
CA GLY A 372 -28.15 5.09 -1.73
C GLY A 372 -27.01 5.04 -0.76
N THR A 373 -26.15 4.01 -0.86
CA THR A 373 -25.10 3.74 0.11
C THR A 373 -23.72 4.20 -0.32
N ALA A 374 -23.57 4.79 -1.52
CA ALA A 374 -22.25 4.93 -2.13
C ALA A 374 -21.34 5.92 -1.42
N LYS A 375 -21.89 6.84 -0.62
CA LYS A 375 -21.09 7.96 -0.13
C LYS A 375 -19.96 7.49 0.77
N THR A 376 -20.19 6.46 1.58
CA THR A 376 -19.23 6.05 2.60
C THR A 376 -17.85 5.82 2.01
N GLU A 377 -17.79 5.20 0.84
CA GLU A 377 -16.55 4.74 0.22
C GLU A 377 -16.01 5.61 -0.90
N GLU A 378 -16.51 6.85 -1.05
CA GLU A 378 -16.14 7.72 -2.18
C GLU A 378 -14.63 7.77 -2.41
N GLU A 379 -13.81 7.44 -1.39
CA GLU A 379 -12.37 7.34 -1.57
C GLU A 379 -11.97 6.28 -2.59
N GLU A 380 -12.72 5.18 -2.71
CA GLU A 380 -12.37 4.17 -3.70
C GLU A 380 -12.82 4.61 -5.09
N PHE A 381 -14.08 5.03 -5.22
CA PHE A 381 -14.64 5.42 -6.51
C PHE A 381 -13.76 6.45 -7.19
N ARG A 382 -13.18 7.38 -6.42
CA ARG A 382 -12.19 8.30 -6.97
C ARG A 382 -10.93 7.56 -7.37
N ASN A 383 -10.37 6.77 -6.44
CA ASN A 383 -9.08 6.12 -6.70
C ASN A 383 -9.17 5.12 -7.84
N ILE A 384 -10.02 4.10 -7.70
CA ILE A 384 -9.97 2.98 -8.64
C ILE A 384 -10.68 3.33 -9.95
N TYR A 385 -11.92 3.80 -9.87
CA TYR A 385 -12.74 4.03 -11.04
C TYR A 385 -12.78 5.49 -11.50
N ASN A 386 -12.14 6.40 -10.78
CA ASN A 386 -12.16 7.83 -11.11
C ASN A 386 -13.60 8.36 -11.15
N MET A 387 -14.42 7.94 -10.19
CA MET A 387 -15.78 8.42 -10.06
C MET A 387 -15.94 9.11 -8.71
N GLN A 388 -16.63 10.24 -8.70
CA GLN A 388 -16.91 10.96 -7.46
C GLN A 388 -18.38 10.82 -7.13
N VAL A 389 -18.67 10.38 -5.90
CA VAL A 389 -20.05 10.21 -5.47
C VAL A 389 -20.72 11.56 -5.39
N VAL A 390 -21.86 11.69 -6.06
CA VAL A 390 -22.66 12.91 -6.05
C VAL A 390 -23.89 12.64 -5.19
N THR A 391 -23.93 13.29 -4.02
CA THR A 391 -25.06 13.13 -3.11
C THR A 391 -26.24 13.94 -3.64
N ILE A 392 -27.37 13.27 -3.84
CA ILE A 392 -28.56 13.86 -4.45
C ILE A 392 -29.63 14.01 -3.38
N PRO A 393 -30.19 15.20 -3.18
CA PRO A 393 -31.31 15.36 -2.24
C PRO A 393 -32.49 14.48 -2.62
N THR A 394 -33.30 14.15 -1.61
CA THR A 394 -34.27 13.06 -1.73
C THR A 394 -35.38 13.39 -2.74
N ASN A 395 -36.05 14.54 -2.55
CA ASN A 395 -37.32 15.00 -3.17
C ASN A 395 -38.60 14.70 -2.37
N ARG A 396 -38.53 13.79 -1.40
CA ARG A 396 -39.57 13.73 -0.38
C ARG A 396 -38.86 13.27 0.89
N PRO A 397 -39.21 13.86 2.04
CA PRO A 397 -38.45 13.55 3.26
C PRO A 397 -38.60 12.10 3.65
N VAL A 398 -37.48 11.49 4.08
CA VAL A 398 -37.50 10.10 4.50
C VAL A 398 -37.94 10.07 5.95
N VAL A 399 -39.13 9.52 6.20
CA VAL A 399 -39.68 9.47 7.56
C VAL A 399 -39.49 8.11 8.20
N ARG A 400 -38.89 7.16 7.50
CA ARG A 400 -38.65 5.83 8.07
C ARG A 400 -37.90 5.97 9.39
N ASP A 401 -38.35 5.21 10.38
CA ASP A 401 -37.78 5.26 11.73
C ASP A 401 -36.83 4.08 11.87
N ASP A 402 -35.53 4.37 11.86
CA ASP A 402 -34.51 3.35 12.03
C ASP A 402 -34.15 3.29 13.50
N ARG A 403 -34.55 2.23 14.16
CA ARG A 403 -34.34 2.24 15.60
C ARG A 403 -32.98 1.63 15.96
N PRO A 404 -32.42 2.01 17.10
CA PRO A 404 -31.11 1.50 17.48
C PRO A 404 -31.14 0.01 17.78
N ASP A 405 -29.98 -0.62 17.63
CA ASP A 405 -29.88 -2.07 17.74
C ASP A 405 -30.30 -2.56 19.12
N LEU A 406 -30.86 -3.76 19.14
CA LEU A 406 -31.19 -4.49 20.36
C LEU A 406 -30.20 -5.64 20.50
N ILE A 407 -29.48 -5.69 21.61
CA ILE A 407 -28.34 -6.57 21.77
C ILE A 407 -28.63 -7.57 22.89
N TYR A 408 -28.57 -8.86 22.57
CA TYR A 408 -28.89 -9.94 23.49
C TYR A 408 -27.67 -10.86 23.69
N ARG A 409 -27.87 -11.88 24.52
CA ARG A 409 -26.99 -13.03 24.64
C ARG A 409 -27.49 -14.11 23.68
N THR A 410 -26.84 -15.28 23.67
CA THR A 410 -26.79 -16.09 22.46
C THR A 410 -28.17 -16.35 21.88
N MET A 411 -28.45 -15.69 20.77
CA MET A 411 -29.28 -16.11 19.64
C MET A 411 -30.63 -16.70 20.03
N GLU A 412 -30.77 -17.22 21.24
CA GLU A 412 -32.03 -17.81 21.69
C GLU A 412 -32.99 -16.72 22.09
N GLY A 413 -32.54 -15.81 22.95
CA GLY A 413 -33.35 -14.65 23.28
C GLY A 413 -33.47 -13.70 22.10
N LYS A 414 -32.43 -13.62 21.28
CA LYS A 414 -32.51 -12.79 20.08
C LYS A 414 -33.61 -13.28 19.14
N PHE A 415 -33.64 -14.59 18.87
CA PHE A 415 -34.63 -15.13 17.95
C PHE A 415 -36.02 -15.13 18.56
N LYS A 416 -36.12 -15.36 19.87
CA LYS A 416 -37.42 -15.23 20.52
C LYS A 416 -37.91 -13.80 20.49
N ALA A 417 -36.98 -12.83 20.56
CA ALA A 417 -37.38 -11.43 20.57
C ALA A 417 -37.94 -11.00 19.21
N VAL A 418 -37.31 -11.41 18.12
CA VAL A 418 -37.83 -11.06 16.80
C VAL A 418 -39.16 -11.76 16.55
N ALA A 419 -39.29 -13.01 16.99
CA ALA A 419 -40.55 -13.72 16.83
C ALA A 419 -41.66 -13.05 17.63
N GLU A 420 -41.33 -12.51 18.80
CA GLU A 420 -42.32 -11.76 19.57
C GLU A 420 -42.66 -10.44 18.91
N ASP A 421 -41.68 -9.80 18.27
CA ASP A 421 -41.94 -8.54 17.57
C ASP A 421 -42.89 -8.74 16.41
N VAL A 422 -42.58 -9.71 15.55
CA VAL A 422 -43.43 -9.95 14.37
C VAL A 422 -44.83 -10.40 14.80
N ALA A 423 -44.93 -11.08 15.94
CA ALA A 423 -46.25 -11.48 16.45
C ALA A 423 -47.09 -10.25 16.78
N GLN A 424 -46.51 -9.30 17.52
CA GLN A 424 -47.23 -8.09 17.88
C GLN A 424 -47.67 -7.31 16.64
N ARG A 425 -46.78 -7.20 15.66
CA ARG A 425 -47.09 -6.42 14.46
C ARG A 425 -48.10 -7.14 13.58
N TYR A 426 -47.99 -8.47 13.49
CA TYR A 426 -48.97 -9.22 12.70
C TYR A 426 -50.36 -9.13 13.30
N MET A 427 -50.45 -9.18 14.63
CA MET A 427 -51.75 -9.04 15.30
C MET A 427 -52.39 -7.69 15.03
N THR A 428 -51.60 -6.67 14.70
CA THR A 428 -52.12 -5.37 14.30
C THR A 428 -52.33 -5.24 12.80
N GLY A 429 -51.90 -6.24 12.02
CA GLY A 429 -51.99 -6.17 10.57
C GLY A 429 -50.84 -5.45 9.90
N GLN A 430 -49.92 -4.89 10.67
CA GLN A 430 -48.76 -4.21 10.11
C GLN A 430 -47.84 -5.20 9.40
N PRO A 431 -47.53 -5.00 8.12
CA PRO A 431 -46.73 -5.98 7.40
C PRO A 431 -45.29 -5.98 7.90
N VAL A 432 -44.71 -7.18 7.96
CA VAL A 432 -43.37 -7.37 8.50
C VAL A 432 -42.52 -8.11 7.49
N LEU A 433 -41.26 -7.73 7.39
CA LEU A 433 -40.27 -8.41 6.57
C LEU A 433 -39.03 -8.65 7.43
N VAL A 434 -38.72 -9.92 7.66
CA VAL A 434 -37.60 -10.30 8.53
C VAL A 434 -36.48 -10.81 7.64
N GLY A 435 -35.39 -10.05 7.58
CA GLY A 435 -34.24 -10.46 6.82
C GLY A 435 -33.29 -11.33 7.65
N THR A 436 -32.59 -12.22 6.96
CA THR A 436 -31.54 -13.01 7.58
C THR A 436 -30.48 -13.29 6.53
N VAL A 437 -29.37 -13.91 6.97
CA VAL A 437 -28.23 -14.12 6.09
C VAL A 437 -28.20 -15.48 5.42
N ALA A 438 -29.05 -16.41 5.83
CA ALA A 438 -28.82 -17.78 5.41
C ALA A 438 -30.12 -18.56 5.41
N VAL A 439 -30.05 -19.72 4.76
CA VAL A 439 -31.16 -20.64 4.67
C VAL A 439 -31.45 -21.28 6.02
N GLU A 440 -30.40 -21.80 6.68
CA GLU A 440 -30.58 -22.49 7.96
C GLU A 440 -31.18 -21.56 9.02
N THR A 441 -30.72 -20.31 9.05
CA THR A 441 -31.25 -19.37 10.03
C THR A 441 -32.66 -18.92 9.67
N SER A 442 -33.00 -18.94 8.38
CA SER A 442 -34.35 -18.57 7.97
C SER A 442 -35.37 -19.60 8.42
N GLU A 443 -35.05 -20.90 8.26
CA GLU A 443 -35.95 -21.93 8.73
C GLU A 443 -35.91 -22.10 10.25
N LEU A 444 -34.83 -21.65 10.90
CA LEU A 444 -34.83 -21.60 12.36
C LEU A 444 -35.80 -20.52 12.85
N ILE A 445 -35.88 -19.40 12.14
CA ILE A 445 -36.80 -18.35 12.55
C ILE A 445 -38.22 -18.66 12.09
N SER A 446 -38.38 -19.41 11.00
CA SER A 446 -39.72 -19.71 10.50
C SER A 446 -40.43 -20.69 11.41
N LYS A 447 -39.73 -21.73 11.87
CA LYS A 447 -40.33 -22.64 12.83
C LYS A 447 -40.71 -21.89 14.11
N LEU A 448 -39.85 -20.96 14.56
CA LEU A 448 -40.22 -20.13 15.69
C LEU A 448 -41.48 -19.31 15.41
N LEU A 449 -41.77 -19.05 14.12
CA LEU A 449 -43.00 -18.36 13.77
C LEU A 449 -44.19 -19.32 13.71
N LYS A 450 -43.99 -20.55 13.23
CA LYS A 450 -45.08 -21.52 13.11
C LYS A 450 -45.39 -22.21 14.43
N ASN A 451 -44.41 -22.28 15.32
CA ASN A 451 -44.38 -23.12 16.51
C ASN A 451 -44.97 -22.47 17.76
N LYS A 452 -45.99 -21.61 17.68
CA LYS A 452 -45.91 -20.18 18.00
C LYS A 452 -46.48 -19.29 16.87
N GLY A 453 -47.06 -19.93 15.85
CA GLY A 453 -48.35 -19.43 15.40
C GLY A 453 -48.55 -18.11 14.67
N ILE A 454 -48.06 -17.98 13.45
CA ILE A 454 -48.22 -16.78 12.63
C ILE A 454 -47.99 -17.21 11.19
N PRO A 455 -48.88 -16.83 10.26
CA PRO A 455 -48.68 -17.21 8.85
C PRO A 455 -47.62 -16.37 8.19
N HIS A 456 -46.82 -17.02 7.34
CA HIS A 456 -45.68 -16.32 6.77
C HIS A 456 -45.28 -16.96 5.45
N GLN A 457 -44.56 -16.18 4.65
CA GLN A 457 -43.91 -16.65 3.44
C GLN A 457 -42.40 -16.56 3.63
N VAL A 458 -41.68 -17.44 2.96
CA VAL A 458 -40.23 -17.52 3.07
C VAL A 458 -39.63 -17.37 1.68
N LEU A 459 -38.70 -16.43 1.53
CA LEU A 459 -37.97 -16.21 0.29
C LEU A 459 -36.54 -16.70 0.49
N ASN A 460 -36.08 -17.59 -0.40
CA ASN A 460 -34.93 -18.40 -0.07
C ASN A 460 -33.81 -18.43 -1.11
N ALA A 461 -34.13 -18.89 -2.33
CA ALA A 461 -33.24 -19.55 -3.31
C ALA A 461 -33.29 -21.07 -3.21
N LYS A 462 -33.99 -21.60 -2.21
CA LYS A 462 -34.73 -22.83 -2.48
C LYS A 462 -36.07 -22.51 -3.14
N ASN A 463 -36.61 -21.34 -2.85
CA ASN A 463 -37.89 -20.87 -3.35
C ASN A 463 -37.76 -19.96 -4.58
N HIS A 464 -36.56 -19.82 -5.17
CA HIS A 464 -36.29 -18.74 -6.11
C HIS A 464 -37.16 -18.80 -7.36
N GLU A 465 -38.01 -19.80 -7.50
CA GLU A 465 -39.09 -19.74 -8.49
C GLU A 465 -40.17 -18.75 -8.07
N ARG A 466 -40.58 -18.79 -6.80
CA ARG A 466 -41.78 -18.14 -6.29
C ARG A 466 -41.56 -16.70 -5.85
N GLU A 467 -40.37 -16.14 -6.05
CA GLU A 467 -40.01 -14.86 -5.44
C GLU A 467 -41.00 -13.75 -5.78
N ALA A 468 -41.32 -13.59 -7.06
CA ALA A 468 -42.22 -12.51 -7.47
C ALA A 468 -43.59 -12.64 -6.83
N GLN A 469 -44.08 -13.88 -6.71
CA GLN A 469 -45.33 -14.12 -6.01
C GLN A 469 -45.22 -13.73 -4.54
N ILE A 470 -44.04 -13.91 -3.94
CA ILE A 470 -43.85 -13.58 -2.53
C ILE A 470 -43.79 -12.07 -2.34
N ILE A 471 -42.97 -11.39 -3.15
CA ILE A 471 -42.76 -9.96 -2.97
C ILE A 471 -44.05 -9.19 -3.16
N GLU A 472 -44.87 -9.62 -4.14
CA GLU A 472 -46.15 -8.97 -4.38
C GLU A 472 -47.03 -8.97 -3.13
N GLU A 473 -46.91 -10.01 -2.30
CA GLU A 473 -47.72 -10.13 -1.11
C GLU A 473 -47.11 -9.47 0.12
N ALA A 474 -45.84 -9.06 0.07
CA ALA A 474 -45.16 -8.67 1.30
C ALA A 474 -45.57 -7.30 1.81
N GLY A 475 -46.20 -6.47 0.97
CA GLY A 475 -46.64 -5.16 1.38
C GLY A 475 -48.08 -5.07 1.81
N GLN A 476 -48.84 -6.15 1.71
CA GLN A 476 -50.24 -6.18 2.10
C GLN A 476 -50.39 -6.23 3.62
N LYS A 477 -51.57 -5.84 4.08
CA LYS A 477 -51.91 -5.95 5.50
C LYS A 477 -51.82 -7.40 5.95
N GLY A 478 -51.25 -7.61 7.14
CA GLY A 478 -51.09 -8.94 7.69
C GLY A 478 -49.96 -9.76 7.11
N ALA A 479 -49.21 -9.23 6.14
CA ALA A 479 -48.14 -9.99 5.52
C ALA A 479 -46.97 -10.17 6.49
N VAL A 480 -46.43 -11.37 6.52
CA VAL A 480 -45.23 -11.70 7.28
C VAL A 480 -44.30 -12.46 6.35
N THR A 481 -43.10 -11.91 6.12
CA THR A 481 -42.18 -12.46 5.14
C THR A 481 -40.81 -12.65 5.76
N ILE A 482 -40.26 -13.85 5.62
CA ILE A 482 -38.89 -14.15 6.00
C ILE A 482 -38.03 -14.13 4.74
N ALA A 483 -36.91 -13.42 4.78
CA ALA A 483 -36.08 -13.26 3.60
C ALA A 483 -34.61 -13.46 3.94
N THR A 484 -33.91 -14.10 3.02
CA THR A 484 -32.46 -14.09 2.98
C THR A 484 -32.01 -12.92 2.11
N ASN A 485 -30.75 -12.94 1.67
CA ASN A 485 -30.05 -11.83 1.04
C ASN A 485 -30.70 -11.30 -0.24
N MET A 486 -31.88 -11.79 -0.58
CA MET A 486 -32.76 -11.15 -1.54
C MET A 486 -33.16 -9.76 -1.04
N ALA A 487 -32.71 -9.40 0.16
CA ALA A 487 -32.88 -8.06 0.71
C ALA A 487 -32.08 -6.99 -0.05
N GLY A 488 -31.19 -7.39 -0.95
CA GLY A 488 -30.33 -6.44 -1.64
C GLY A 488 -31.04 -5.38 -2.48
N THR A 491 -35.26 -4.59 -3.92
CA THR A 491 -36.33 -5.57 -3.76
C THR A 491 -37.63 -4.86 -3.39
N ASP A 492 -38.08 -3.98 -4.28
CA ASP A 492 -39.18 -3.07 -3.98
C ASP A 492 -40.45 -3.81 -3.61
N ILE A 493 -41.02 -3.43 -2.47
CA ILE A 493 -42.26 -4.00 -1.96
C ILE A 493 -43.32 -2.93 -2.01
N LYS A 494 -44.31 -3.11 -2.87
CA LYS A 494 -45.37 -2.13 -3.02
C LYS A 494 -46.36 -2.21 -1.87
N LEU A 495 -47.12 -1.14 -1.69
CA LEU A 495 -47.88 -0.91 -0.46
C LEU A 495 -49.37 -1.03 -0.71
N GLY A 496 -50.07 -1.63 0.23
CA GLY A 496 -51.50 -1.83 0.12
C GLY A 496 -52.26 -0.54 0.24
N GLU A 497 -53.59 -0.66 0.09
CA GLU A 497 -54.41 0.55 0.10
C GLU A 497 -54.46 1.17 1.49
N GLY A 498 -54.67 0.36 2.52
CA GLY A 498 -54.85 0.89 3.86
C GLY A 498 -53.73 0.68 4.85
N VAL A 499 -52.55 0.25 4.39
CA VAL A 499 -51.46 -0.05 5.32
C VAL A 499 -50.56 1.14 5.65
N LYS A 500 -50.57 2.20 4.84
CA LYS A 500 -49.58 3.25 4.99
C LYS A 500 -49.62 3.86 6.40
N GLU A 501 -50.82 4.05 6.95
CA GLU A 501 -50.97 4.57 8.30
C GLU A 501 -50.60 3.57 9.38
N LEU A 502 -50.39 2.31 9.02
CA LEU A 502 -50.41 1.18 9.95
C LEU A 502 -49.03 0.83 10.51
N GLY A 503 -48.02 1.69 10.30
CA GLY A 503 -46.64 1.34 10.61
C GLY A 503 -45.96 0.57 9.50
N GLY A 504 -46.09 1.09 8.28
CA GLY A 504 -45.75 0.41 7.05
C GLY A 504 -44.41 -0.30 6.96
N LEU A 505 -44.47 -1.56 6.51
CA LEU A 505 -43.33 -2.45 6.29
C LEU A 505 -42.31 -2.37 7.41
N ALA A 506 -42.65 -2.87 8.58
CA ALA A 506 -41.65 -3.11 9.60
C ALA A 506 -40.63 -4.09 9.05
N VAL A 507 -39.35 -3.70 9.08
CA VAL A 507 -38.25 -4.56 8.70
C VAL A 507 -37.53 -4.96 9.98
N VAL A 508 -37.22 -6.25 10.11
CA VAL A 508 -36.52 -6.76 11.28
C VAL A 508 -35.30 -7.53 10.79
N GLY A 509 -34.11 -7.00 11.07
CA GLY A 509 -32.89 -7.73 10.78
C GLY A 509 -32.56 -8.69 11.92
N THR A 510 -32.08 -9.88 11.54
CA THR A 510 -31.68 -10.87 12.51
C THR A 510 -30.20 -10.76 12.92
N GLU A 511 -29.37 -10.11 12.11
CA GLU A 511 -27.97 -9.96 12.48
C GLU A 511 -27.35 -8.83 11.67
N ARG A 512 -26.22 -8.35 12.16
CA ARG A 512 -25.49 -7.27 11.51
C ARG A 512 -24.65 -7.80 10.35
N HIS A 513 -24.69 -7.08 9.24
CA HIS A 513 -23.93 -7.45 8.05
C HIS A 513 -22.48 -6.98 8.13
N GLU A 514 -21.63 -7.63 7.34
CA GLU A 514 -20.20 -7.31 7.31
C GLU A 514 -19.93 -5.85 6.94
N SER A 515 -20.90 -5.15 6.36
CA SER A 515 -20.78 -3.73 6.03
C SER A 515 -22.00 -2.97 6.51
N ARG A 516 -21.78 -1.73 6.95
CA ARG A 516 -22.91 -0.89 7.33
C ARG A 516 -23.82 -0.57 6.16
N ARG A 517 -23.27 -0.55 4.93
CA ARG A 517 -24.11 -0.30 3.76
C ARG A 517 -25.14 -1.40 3.58
N ILE A 518 -24.71 -2.65 3.68
CA ILE A 518 -25.63 -3.78 3.55
C ILE A 518 -26.75 -3.66 4.58
N ASP A 519 -26.40 -3.29 5.81
CA ASP A 519 -27.41 -3.11 6.85
C ASP A 519 -28.43 -2.04 6.46
N ASN A 520 -27.98 -1.01 5.76
CA ASN A 520 -28.87 0.07 5.37
C ASN A 520 -29.69 -0.25 4.11
N GLN A 521 -29.25 -1.22 3.29
CA GLN A 521 -30.08 -1.68 2.19
C GLN A 521 -31.21 -2.56 2.68
N LEU A 522 -30.95 -3.38 3.69
CA LEU A 522 -32.02 -4.11 4.36
C LEU A 522 -33.03 -3.15 4.99
N ARG A 523 -32.53 -2.10 5.64
CA ARG A 523 -33.44 -1.05 6.12
C ARG A 523 -34.17 -0.39 4.96
N GLY A 524 -33.49 -0.23 3.83
CA GLY A 524 -34.03 0.50 2.70
C GLY A 524 -35.17 -0.18 1.97
N ARG A 525 -35.41 -1.47 2.23
CA ARG A 525 -36.57 -2.14 1.65
C ARG A 525 -37.88 -1.54 2.11
N SER A 526 -37.86 -0.71 3.15
CA SER A 526 -39.05 -0.10 3.73
C SER A 526 -38.98 1.42 3.61
N GLY A 527 -40.17 2.04 3.65
CA GLY A 527 -40.30 3.48 3.68
C GLY A 527 -40.56 4.12 2.33
N ARG A 528 -40.18 3.45 1.24
CA ARG A 528 -40.47 3.87 -0.13
C ARG A 528 -40.08 5.33 -0.36
N GLN A 529 -40.90 6.08 -1.11
CA GLN A 529 -40.63 7.50 -1.32
C GLN A 529 -40.67 8.30 -0.02
N GLY A 530 -41.88 8.59 0.46
CA GLY A 530 -42.07 9.23 1.75
C GLY A 530 -42.76 8.39 2.81
N ASP A 531 -43.02 7.11 2.51
CA ASP A 531 -43.91 6.33 3.35
C ASP A 531 -43.34 6.17 4.76
N PRO A 532 -44.19 6.15 5.77
CA PRO A 532 -43.72 5.83 7.12
C PRO A 532 -43.28 4.38 7.21
N GLY A 533 -42.35 4.13 8.12
CA GLY A 533 -41.81 2.79 8.26
C GLY A 533 -40.94 2.69 9.49
N ILE A 534 -40.50 1.45 9.76
CA ILE A 534 -39.66 1.19 10.92
C ILE A 534 -38.73 0.02 10.57
N THR A 535 -37.49 0.11 11.04
CA THR A 535 -36.52 -0.97 10.91
C THR A 535 -35.89 -1.23 12.26
N GLN A 536 -35.71 -2.51 12.59
CA GLN A 536 -35.11 -2.89 13.86
C GLN A 536 -34.18 -4.06 13.64
N PHE A 537 -32.94 -3.93 14.10
CA PHE A 537 -31.98 -5.03 14.07
C PHE A 537 -31.93 -5.69 15.44
N TYR A 538 -31.90 -7.01 15.44
CA TYR A 538 -31.74 -7.80 16.66
C TYR A 538 -30.38 -8.47 16.61
N LEU A 539 -29.61 -8.31 17.67
CA LEU A 539 -28.23 -8.77 17.69
C LEU A 539 -27.96 -9.56 18.98
N SER A 540 -26.97 -10.45 18.91
CA SER A 540 -26.63 -11.30 20.05
C SER A 540 -25.13 -11.53 20.08
N MET A 541 -24.61 -11.86 21.27
CA MET A 541 -23.18 -11.99 21.44
C MET A 541 -22.63 -13.26 20.79
N GLU A 542 -23.49 -14.24 20.49
CA GLU A 542 -23.11 -15.39 19.67
C GLU A 542 -23.41 -15.16 18.19
N ASP A 543 -23.86 -13.97 17.82
CA ASP A 543 -24.02 -13.69 16.40
C ASP A 543 -22.66 -13.72 15.70
N GLU A 544 -22.74 -13.84 14.37
CA GLU A 544 -21.57 -14.18 13.56
C GLU A 544 -20.40 -13.23 13.80
N LEU A 545 -20.62 -11.94 13.57
CA LEU A 545 -19.53 -10.97 13.67
C LEU A 545 -18.86 -11.07 15.04
N MET A 546 -19.66 -11.04 16.11
CA MET A 546 -19.16 -10.85 17.47
C MET A 546 -18.18 -11.94 17.90
N ARG A 547 -18.33 -13.15 17.38
CA ARG A 547 -17.48 -14.24 17.83
C ARG A 547 -16.22 -14.43 17.00
N ARG A 548 -16.11 -13.75 15.86
CA ARG A 548 -14.94 -13.96 15.01
C ARG A 548 -14.10 -12.71 14.85
N PHE A 549 -14.51 -11.88 13.90
CA PHE A 549 -13.98 -10.56 13.68
C PHE A 549 -14.76 -9.53 14.47
N GLY A 550 -15.65 -10.00 15.34
CA GLY A 550 -16.01 -9.22 16.50
C GLY A 550 -14.77 -8.85 17.29
N ALA A 551 -14.71 -7.61 17.76
CA ALA A 551 -13.59 -7.19 18.58
C ALA A 551 -13.46 -8.14 19.77
N GLU A 552 -12.27 -8.72 19.91
CA GLU A 552 -12.13 -9.93 20.73
C GLU A 552 -12.43 -9.68 22.20
N ARG A 553 -11.84 -8.63 22.77
CA ARG A 553 -11.79 -8.49 24.23
C ARG A 553 -13.17 -8.36 24.87
N THR A 554 -14.11 -7.66 24.24
CA THR A 554 -15.35 -7.28 24.90
C THR A 554 -16.25 -8.46 25.26
N MET A 555 -15.92 -9.67 24.81
CA MET A 555 -16.87 -10.78 24.90
C MET A 555 -16.96 -11.37 26.30
N ALA A 556 -15.93 -12.11 26.72
CA ALA A 556 -16.03 -12.92 27.93
C ALA A 556 -16.33 -12.07 29.15
N MET A 557 -15.75 -10.87 29.21
CA MET A 557 -16.12 -9.87 30.20
C MET A 557 -17.63 -9.73 30.27
N LEU A 558 -18.24 -9.31 29.16
CA LEU A 558 -19.68 -9.21 29.13
C LEU A 558 -20.36 -10.55 28.85
N ASP A 559 -19.60 -11.59 28.52
CA ASP A 559 -20.20 -12.91 28.57
C ASP A 559 -20.38 -13.40 30.00
N ARG A 560 -19.80 -12.69 30.97
CA ARG A 560 -20.03 -12.98 32.39
C ARG A 560 -21.32 -12.34 32.91
N PHE A 561 -21.61 -11.08 32.58
CA PHE A 561 -22.86 -10.47 32.98
C PHE A 561 -24.01 -10.97 32.10
N GLY A 562 -25.23 -10.78 32.59
CA GLY A 562 -26.39 -10.78 31.72
C GLY A 562 -26.88 -12.12 31.22
N MET A 563 -27.00 -13.09 32.13
CA MET A 563 -27.63 -14.36 31.80
C MET A 563 -29.12 -14.14 32.12
N ASP A 564 -29.87 -14.04 31.03
CA ASP A 564 -30.93 -13.05 30.87
C ASP A 564 -31.78 -13.37 29.64
N ASP A 565 -32.23 -12.30 28.99
CA ASP A 565 -32.95 -12.24 27.73
C ASP A 565 -34.46 -12.12 27.88
N SER A 566 -34.95 -12.07 29.12
CA SER A 566 -36.27 -11.48 29.33
C SER A 566 -36.30 -10.07 28.75
N THR A 567 -35.31 -9.25 29.08
CA THR A 567 -35.14 -7.89 28.60
C THR A 567 -33.70 -7.71 28.13
N PRO A 568 -33.45 -6.78 27.20
CA PRO A 568 -32.19 -6.80 26.45
C PRO A 568 -31.01 -6.30 27.28
N ILE A 569 -29.84 -6.32 26.64
CA ILE A 569 -28.62 -5.74 27.17
C ILE A 569 -28.42 -4.39 26.52
N GLN A 570 -28.47 -3.32 27.31
CA GLN A 570 -28.36 -1.96 26.78
C GLN A 570 -27.17 -1.28 27.43
N SER A 571 -26.09 -1.11 26.67
CA SER A 571 -24.93 -0.35 27.11
C SER A 571 -24.21 0.20 25.90
N LYS A 572 -23.68 1.42 26.02
CA LYS A 572 -22.94 2.01 24.92
C LYS A 572 -21.60 1.29 24.69
N MET A 573 -21.18 0.48 25.66
CA MET A 573 -19.94 -0.28 25.55
C MET A 573 -20.11 -1.41 24.54
N VAL A 574 -21.18 -2.20 24.68
CA VAL A 574 -21.40 -3.34 23.78
C VAL A 574 -21.75 -2.86 22.38
N SER A 575 -22.48 -1.75 22.26
CA SER A 575 -22.86 -1.26 20.94
C SER A 575 -21.66 -0.72 20.18
N ARG A 576 -20.71 -0.11 20.87
CA ARG A 576 -19.50 0.37 20.22
C ARG A 576 -18.53 -0.78 19.93
N ALA A 577 -18.44 -1.75 20.84
CA ALA A 577 -17.62 -2.93 20.59
C ALA A 577 -18.20 -3.76 19.45
N VAL A 578 -19.52 -3.82 19.35
CA VAL A 578 -20.16 -4.37 18.16
C VAL A 578 -19.76 -3.55 16.94
N GLU A 579 -19.85 -2.22 17.07
CA GLU A 579 -19.53 -1.35 15.94
C GLU A 579 -18.06 -1.48 15.54
N SER A 580 -17.16 -1.61 16.52
CA SER A 580 -15.76 -1.82 16.20
C SER A 580 -15.57 -3.12 15.43
N SER A 581 -16.33 -4.14 15.80
CA SER A 581 -16.32 -5.41 15.08
C SER A 581 -16.64 -5.20 13.61
N GLN A 582 -17.83 -4.66 13.33
CA GLN A 582 -18.30 -4.50 11.96
C GLN A 582 -17.36 -3.62 11.14
N LYS A 583 -16.72 -2.64 11.79
CA LYS A 583 -15.75 -1.82 11.08
C LYS A 583 -14.47 -2.59 10.78
N ARG A 584 -14.12 -3.57 11.63
CA ARG A 584 -12.95 -4.39 11.34
C ARG A 584 -13.23 -5.35 10.18
N VAL A 585 -14.47 -5.87 10.10
CA VAL A 585 -14.85 -6.68 8.95
C VAL A 585 -14.64 -5.90 7.66
N GLU A 586 -15.26 -4.73 7.57
CA GLU A 586 -15.12 -3.88 6.39
C GLU A 586 -13.67 -3.56 6.11
N GLY A 587 -12.85 -3.44 7.15
CA GLY A 587 -11.43 -3.25 6.95
C GLY A 587 -10.77 -4.44 6.28
N ASN A 588 -11.08 -5.65 6.78
CA ASN A 588 -10.50 -6.86 6.20
C ASN A 588 -10.89 -7.00 4.73
N ASN A 589 -12.18 -6.84 4.43
CA ASN A 589 -12.62 -6.89 3.05
C ASN A 589 -11.94 -5.82 2.20
N PHE A 590 -11.69 -4.65 2.79
CA PHE A 590 -10.96 -3.61 2.08
C PHE A 590 -9.52 -4.02 1.81
N ASP A 591 -8.89 -4.70 2.77
CA ASP A 591 -7.51 -5.12 2.58
C ASP A 591 -7.40 -6.20 1.51
N SER A 592 -8.30 -7.17 1.53
CA SER A 592 -8.29 -8.20 0.49
C SER A 592 -8.56 -7.60 -0.88
N ARG A 593 -9.45 -6.61 -0.94
CA ARG A 593 -9.75 -5.93 -2.20
C ARG A 593 -8.50 -5.26 -2.75
N LYS A 594 -7.80 -4.48 -1.92
CA LYS A 594 -6.55 -3.86 -2.34
C LYS A 594 -5.48 -4.89 -2.68
N GLN A 595 -5.50 -6.04 -2.00
CA GLN A 595 -4.54 -7.10 -2.31
C GLN A 595 -4.81 -7.68 -3.70
N LEU A 596 -6.08 -7.98 -3.98
CA LEU A 596 -6.44 -8.58 -5.26
C LEU A 596 -6.17 -7.61 -6.42
N LEU A 597 -6.36 -6.31 -6.20
CA LEU A 597 -6.17 -5.34 -7.27
C LEU A 597 -4.71 -5.23 -7.65
N GLN A 598 -3.82 -5.14 -6.66
CA GLN A 598 -2.39 -5.03 -6.94
C GLN A 598 -1.87 -6.23 -7.72
N TYR A 599 -2.38 -7.42 -7.42
CA TYR A 599 -1.90 -8.63 -8.08
C TYR A 599 -2.51 -8.81 -9.46
N ASP A 600 -3.77 -8.41 -9.66
CA ASP A 600 -4.35 -8.50 -10.99
C ASP A 600 -3.77 -7.45 -11.93
N ASP A 601 -3.27 -6.34 -11.38
CA ASP A 601 -2.73 -5.27 -12.21
C ASP A 601 -1.55 -5.74 -13.05
N VAL A 602 -0.78 -6.71 -12.56
CA VAL A 602 0.31 -7.25 -13.38
C VAL A 602 -0.24 -8.27 -14.39
N LEU A 603 -1.27 -9.02 -14.00
CA LEU A 603 -1.91 -9.96 -14.92
C LEU A 603 -2.84 -9.27 -15.90
N ARG A 604 -3.34 -8.08 -15.53
CA ARG A 604 -4.20 -7.32 -16.44
C ARG A 604 -3.47 -6.93 -17.71
N GLN A 605 -2.19 -6.54 -17.59
CA GLN A 605 -1.42 -6.14 -18.76
C GLN A 605 -1.12 -7.34 -19.66
N GLN A 606 -0.71 -8.46 -19.06
CA GLN A 606 -0.51 -9.68 -19.84
C GLN A 606 -1.80 -10.10 -20.52
N ARG A 607 -2.92 -9.99 -19.80
CA ARG A 607 -4.21 -10.40 -20.35
C ARG A 607 -4.57 -9.53 -21.56
N GLU A 608 -4.41 -8.21 -21.44
CA GLU A 608 -4.72 -7.32 -22.55
C GLU A 608 -3.85 -7.64 -23.77
N VAL A 609 -2.58 -7.96 -23.54
CA VAL A 609 -1.68 -8.23 -24.66
C VAL A 609 -2.03 -9.55 -25.34
N ILE A 610 -2.31 -10.59 -24.55
CA ILE A 610 -2.58 -11.90 -25.12
C ILE A 610 -3.88 -11.91 -25.90
N TYR A 611 -4.95 -11.35 -25.30
CA TYR A 611 -6.23 -11.31 -26.01
C TYR A 611 -6.16 -10.40 -27.23
N LYS A 612 -5.30 -9.38 -27.19
CA LYS A 612 -5.05 -8.58 -28.39
C LYS A 612 -4.39 -9.43 -29.47
N GLN A 613 -3.46 -10.30 -29.09
CA GLN A 613 -2.81 -11.15 -30.06
C GLN A 613 -3.75 -12.26 -30.54
N ARG A 614 -4.53 -12.84 -29.62
CA ARG A 614 -5.46 -13.89 -30.04
C ARG A 614 -6.53 -13.36 -30.97
N PHE A 615 -6.92 -12.10 -30.83
CA PHE A 615 -7.88 -11.53 -31.77
C PHE A 615 -7.28 -11.40 -33.16
N GLU A 616 -5.95 -11.23 -33.25
CA GLU A 616 -5.31 -11.07 -34.55
C GLU A 616 -5.19 -12.40 -35.29
N VAL A 617 -4.90 -13.49 -34.58
CA VAL A 617 -4.79 -14.77 -35.25
C VAL A 617 -6.16 -15.27 -35.70
N ILE A 618 -7.22 -14.88 -34.98
CA ILE A 618 -8.57 -15.20 -35.43
C ILE A 618 -8.98 -14.30 -36.59
N ASP A 619 -8.57 -13.03 -36.55
CA ASP A 619 -8.89 -12.08 -37.60
C ASP A 619 -7.90 -12.21 -38.75
N GLU A 625 2.08 -15.54 -42.14
CA GLU A 625 3.18 -14.63 -41.87
C GLU A 625 3.54 -14.63 -40.39
N ILE A 626 2.53 -14.51 -39.54
CA ILE A 626 2.76 -14.46 -38.10
C ILE A 626 3.35 -15.78 -37.61
N VAL A 627 2.91 -16.90 -38.17
CA VAL A 627 3.41 -18.20 -37.74
C VAL A 627 4.84 -18.41 -38.23
N GLU A 628 5.15 -17.96 -39.44
CA GLU A 628 6.52 -18.06 -39.94
C GLU A 628 7.48 -17.25 -39.05
N ASN A 629 7.06 -16.05 -38.66
CA ASN A 629 7.88 -15.27 -37.73
C ASN A 629 8.06 -16.01 -36.41
N MET A 630 7.01 -16.70 -35.95
CA MET A 630 7.07 -17.40 -34.68
C MET A 630 8.01 -18.60 -34.73
N ILE A 631 8.08 -19.28 -35.88
CA ILE A 631 9.05 -20.36 -36.04
C ILE A 631 10.45 -19.79 -36.18
N LYS A 632 10.56 -18.62 -36.83
CA LYS A 632 11.86 -17.96 -36.97
C LYS A 632 12.43 -17.60 -35.61
N SER A 633 11.62 -16.96 -34.77
CA SER A 633 12.08 -16.59 -33.42
C SER A 633 12.36 -17.82 -32.58
N SER A 634 11.55 -18.88 -32.73
CA SER A 634 11.77 -20.10 -31.97
C SER A 634 13.06 -20.79 -32.39
N LEU A 635 13.35 -20.79 -33.71
CA LEU A 635 14.58 -21.40 -34.19
C LEU A 635 15.80 -20.56 -33.80
N GLU A 636 15.63 -19.23 -33.76
CA GLU A 636 16.71 -18.35 -33.36
C GLU A 636 17.23 -18.69 -31.97
N ARG A 637 16.31 -18.89 -31.02
CA ARG A 637 16.72 -19.21 -29.66
C ARG A 637 17.24 -20.64 -29.55
N ALA A 638 16.81 -21.53 -30.45
CA ALA A 638 17.35 -22.88 -30.46
C ALA A 638 18.78 -22.91 -30.97
N ILE A 639 19.06 -22.15 -32.05
CA ILE A 639 20.42 -22.07 -32.57
C ILE A 639 21.32 -21.38 -31.57
N ALA A 640 20.88 -20.24 -31.02
CA ALA A 640 21.69 -19.51 -30.05
C ALA A 640 21.92 -20.32 -28.78
N ALA A 641 21.01 -21.25 -28.48
CA ALA A 641 21.20 -22.12 -27.32
C ALA A 641 22.42 -23.02 -27.49
N TYR A 642 22.77 -23.35 -28.73
CA TYR A 642 23.92 -24.20 -29.00
C TYR A 642 24.79 -23.64 -30.11
N MET A 684 23.98 -19.46 -39.77
CA MET A 684 23.31 -20.72 -39.46
C MET A 684 21.80 -20.53 -39.45
N LEU A 685 21.35 -19.45 -38.82
CA LEU A 685 19.93 -19.25 -38.59
C LEU A 685 19.18 -18.97 -39.89
N GLU A 686 19.63 -17.98 -40.66
CA GLU A 686 18.91 -17.60 -41.86
C GLU A 686 19.01 -18.67 -42.94
N LEU A 687 20.14 -19.38 -43.01
CA LEU A 687 20.30 -20.40 -44.05
C LEU A 687 19.31 -21.54 -43.85
N ILE A 688 19.18 -22.03 -42.62
CA ILE A 688 18.23 -23.10 -42.33
C ILE A 688 16.80 -22.60 -42.51
N MET A 689 16.54 -21.36 -42.13
CA MET A 689 15.18 -20.82 -42.19
C MET A 689 14.66 -20.80 -43.63
N ASP A 690 15.49 -20.37 -44.58
CA ASP A 690 15.06 -20.32 -45.97
C ASP A 690 14.69 -21.70 -46.49
N ARG A 691 15.35 -22.75 -46.00
CA ARG A 691 14.99 -24.10 -46.40
C ARG A 691 13.62 -24.48 -45.87
N ILE A 692 13.33 -24.13 -44.61
CA ILE A 692 12.01 -24.39 -44.04
C ILE A 692 10.97 -23.53 -44.73
N ILE A 693 11.37 -22.35 -45.23
CA ILE A 693 10.45 -21.48 -45.97
C ILE A 693 9.84 -22.22 -47.16
N THR A 694 10.70 -22.63 -48.11
CA THR A 694 10.19 -23.32 -49.29
C THR A 694 9.58 -24.67 -48.93
N LYS A 695 10.12 -25.34 -47.90
CA LYS A 695 9.48 -26.55 -47.39
C LYS A 695 8.07 -26.24 -46.88
N TYR A 696 7.88 -25.05 -46.30
CA TYR A 696 6.56 -24.61 -45.86
C TYR A 696 5.69 -24.19 -47.04
N ASN A 697 6.28 -23.50 -48.02
CA ASN A 697 5.52 -23.12 -49.21
C ASN A 697 5.07 -24.34 -50.00
N GLU A 698 5.94 -25.35 -50.13
CA GLU A 698 5.57 -26.57 -50.85
C GLU A 698 4.36 -27.24 -50.21
N LYS A 699 4.50 -27.68 -48.96
CA LYS A 699 3.42 -28.37 -48.26
C LYS A 699 2.15 -27.51 -48.18
N GLU A 706 -5.33 -24.16 -48.65
CA GLU A 706 -5.69 -23.24 -47.58
C GLU A 706 -5.60 -23.94 -46.22
N GLN A 707 -5.13 -25.18 -46.22
CA GLN A 707 -5.13 -25.98 -44.99
C GLN A 707 -3.98 -25.60 -44.05
N MET A 708 -2.85 -25.16 -44.59
CA MET A 708 -1.71 -24.79 -43.74
C MET A 708 -2.09 -23.67 -42.77
N ARG A 709 -2.75 -22.63 -43.29
CA ARG A 709 -3.09 -21.48 -42.46
C ARG A 709 -4.20 -21.84 -41.47
N GLU A 710 -5.18 -22.63 -41.89
CA GLU A 710 -6.21 -23.06 -40.97
C GLU A 710 -5.71 -24.13 -40.01
N PHE A 711 -4.65 -24.87 -40.39
CA PHE A 711 -4.04 -25.80 -39.46
C PHE A 711 -3.11 -25.11 -38.48
N GLU A 712 -2.45 -24.02 -38.89
CA GLU A 712 -1.72 -23.25 -37.90
C GLU A 712 -2.67 -22.47 -37.00
N LYS A 713 -3.83 -22.05 -37.52
CA LYS A 713 -4.81 -21.38 -36.69
C LYS A 713 -5.22 -22.27 -35.51
N VAL A 714 -5.54 -23.53 -35.78
CA VAL A 714 -5.90 -24.43 -34.69
C VAL A 714 -4.69 -24.73 -33.81
N ILE A 715 -3.51 -24.92 -34.42
CA ILE A 715 -2.32 -25.21 -33.62
C ILE A 715 -1.91 -24.01 -32.79
N VAL A 716 -2.01 -22.80 -33.35
CA VAL A 716 -1.63 -21.60 -32.62
C VAL A 716 -2.63 -21.32 -31.49
N LEU A 717 -3.93 -21.34 -31.81
CA LEU A 717 -4.93 -21.05 -30.79
C LEU A 717 -4.94 -22.10 -29.69
N ARG A 718 -4.65 -23.36 -30.03
CA ARG A 718 -4.50 -24.37 -28.99
C ARG A 718 -3.32 -24.06 -28.07
N ALA A 719 -2.19 -23.67 -28.66
CA ALA A 719 -1.00 -23.40 -27.86
C ALA A 719 -1.18 -22.17 -26.99
N VAL A 720 -1.77 -21.10 -27.53
CA VAL A 720 -1.98 -19.89 -26.74
C VAL A 720 -2.88 -20.18 -25.56
N ASP A 721 -4.06 -20.74 -25.82
CA ASP A 721 -5.02 -20.98 -24.73
C ASP A 721 -4.50 -22.02 -23.75
N SER A 722 -3.66 -22.95 -24.19
CA SER A 722 -3.13 -23.95 -23.27
C SER A 722 -2.05 -23.35 -22.36
N LYS A 723 -1.13 -22.58 -22.94
CA LYS A 723 -0.10 -21.94 -22.11
C LYS A 723 -0.68 -20.83 -21.24
N TRP A 724 -1.66 -20.09 -21.78
CA TRP A 724 -2.33 -19.05 -20.99
C TRP A 724 -3.07 -19.65 -19.80
N MET A 725 -3.51 -20.90 -19.91
CA MET A 725 -4.17 -21.58 -18.80
C MET A 725 -3.18 -21.99 -17.71
N ASP A 726 -2.04 -22.57 -18.10
CA ASP A 726 -1.01 -22.88 -17.11
C ASP A 726 -0.42 -21.61 -16.53
N HIS A 727 -0.37 -20.52 -17.32
CA HIS A 727 0.17 -19.26 -16.83
C HIS A 727 -0.70 -18.69 -15.71
N ILE A 728 -2.02 -18.70 -15.89
CA ILE A 728 -2.93 -18.15 -14.89
C ILE A 728 -2.86 -18.97 -13.60
N ASP A 729 -2.69 -20.29 -13.73
CA ASP A 729 -2.55 -21.12 -12.54
C ASP A 729 -1.24 -20.85 -11.82
N ALA A 730 -0.15 -20.69 -12.57
CA ALA A 730 1.15 -20.43 -11.95
C ALA A 730 1.22 -19.02 -11.37
N MET A 731 0.69 -18.03 -12.10
CA MET A 731 0.64 -16.67 -11.56
C MET A 731 -0.20 -16.59 -10.30
N ASP A 732 -1.22 -17.44 -10.19
CA ASP A 732 -2.07 -17.42 -9.00
C ASP A 732 -1.33 -17.91 -7.77
N GLN A 733 -0.47 -18.91 -7.93
CA GLN A 733 0.23 -19.50 -6.80
C GLN A 733 1.46 -18.71 -6.37
N LEU A 734 1.96 -17.82 -7.23
CA LEU A 734 3.06 -16.94 -6.82
C LEU A 734 2.55 -15.78 -5.98
N ARG A 735 1.37 -15.22 -6.33
CA ARG A 735 0.88 -14.05 -5.61
C ARG A 735 0.54 -14.39 -4.16
N GLN A 736 0.19 -15.65 -3.87
CA GLN A 736 -0.18 -16.04 -2.53
C GLN A 736 1.01 -16.31 -1.63
N GLY A 737 2.17 -16.67 -2.19
CA GLY A 737 3.31 -17.09 -1.41
C GLY A 737 4.48 -16.14 -1.30
N ILE A 738 4.30 -14.87 -1.64
CA ILE A 738 5.41 -13.92 -1.68
C ILE A 738 5.59 -13.14 -0.38
N HIS A 739 4.65 -13.22 0.55
CA HIS A 739 4.57 -12.25 1.63
C HIS A 739 5.51 -12.55 2.78
N LEU A 740 6.01 -11.49 3.39
CA LEU A 740 6.58 -11.48 4.73
C LEU A 740 5.64 -10.66 5.62
N ARG A 741 6.05 -10.47 6.88
CA ARG A 741 5.32 -9.62 7.80
C ARG A 741 6.31 -8.84 8.66
N GLY A 742 5.92 -7.61 9.01
CA GLY A 742 6.84 -6.72 9.71
C GLY A 742 7.38 -7.30 11.01
N SER A 743 6.49 -7.70 11.90
CA SER A 743 6.91 -8.27 13.18
C SER A 743 6.19 -9.59 13.45
N LYS A 749 14.03 -10.99 25.55
CA LYS A 749 13.86 -11.18 26.99
C LYS A 749 12.70 -10.35 27.51
N LYS A 750 12.70 -10.03 28.82
CA LYS A 750 11.53 -9.41 29.40
C LYS A 750 11.50 -8.03 28.80
N THR A 751 10.58 -7.82 27.84
CA THR A 751 10.44 -6.57 27.11
C THR A 751 11.79 -5.85 27.05
N ALA A 752 12.80 -6.51 26.50
CA ALA A 752 14.11 -5.92 26.26
C ALA A 752 13.99 -4.73 25.33
N ILE A 753 12.79 -4.57 24.80
CA ILE A 753 12.35 -3.44 23.98
C ILE A 753 12.04 -2.21 24.84
N ALA A 754 11.50 -2.42 26.04
CA ALA A 754 11.02 -1.32 26.87
C ALA A 754 12.10 -0.27 27.07
N ILE A 755 13.25 -0.68 27.60
CA ILE A 755 14.36 0.25 27.77
C ILE A 755 15.13 0.43 26.47
N ALA A 756 15.02 -0.49 25.51
CA ALA A 756 15.59 -0.28 24.19
C ALA A 756 14.98 0.94 23.51
N VAL A 757 13.78 1.34 23.94
CA VAL A 757 13.23 2.63 23.51
C VAL A 757 13.96 3.76 24.24
N ALA A 758 14.08 3.64 25.56
CA ALA A 758 14.76 4.69 26.34
C ALA A 758 16.20 4.86 25.90
N LEU A 759 16.88 3.76 25.59
CA LEU A 759 18.22 3.85 25.03
C LEU A 759 18.22 4.69 23.75
N ALA A 760 17.30 4.38 22.83
CA ALA A 760 17.23 5.12 21.58
C ALA A 760 16.65 6.51 21.77
N GLY A 761 15.81 6.69 22.80
CA GLY A 761 15.27 8.01 23.08
C GLY A 761 16.30 8.98 23.60
N PHE A 762 17.33 8.46 24.29
CA PHE A 762 18.45 9.29 24.74
C PHE A 762 19.40 9.60 23.59
N ALA A 763 19.94 8.55 22.95
CA ALA A 763 21.00 8.69 21.94
C ALA A 763 20.59 9.58 20.78
N THR A 764 19.33 9.99 20.69
CA THR A 764 18.94 11.11 19.83
C THR A 764 19.07 12.44 20.59
N VAL A 765 18.42 12.55 21.76
CA VAL A 765 18.29 13.82 22.48
C VAL A 765 19.63 14.24 23.07
N ALA A 766 20.12 13.53 24.08
CA ALA A 766 21.32 13.96 24.79
C ALA A 766 22.56 13.85 23.91
N SER A 767 22.52 12.99 22.89
CA SER A 767 23.60 12.90 21.94
C SER A 767 23.48 14.07 20.97
N TYR A 768 24.49 14.93 20.98
CA TYR A 768 24.63 16.16 20.20
C TYR A 768 23.71 17.28 20.67
N ALA A 769 22.87 17.05 21.68
CA ALA A 769 22.64 18.14 22.62
C ALA A 769 23.94 18.52 23.31
N GLN A 770 24.96 17.65 23.23
CA GLN A 770 26.30 17.92 23.70
C GLN A 770 27.35 17.30 22.79
N TYR A 771 28.34 18.11 22.42
CA TYR A 771 29.69 17.62 22.20
C TYR A 771 30.59 18.55 23.00
N GLU A 772 31.02 18.08 24.17
CA GLU A 772 31.73 18.90 25.16
C GLU A 772 33.23 18.66 25.18
N ASP A 773 33.72 17.71 24.40
CA ASP A 773 35.12 17.76 24.00
C ASP A 773 35.29 18.66 22.78
N GLY A 774 34.20 19.31 22.37
CA GLY A 774 34.18 20.18 21.23
C GLY A 774 33.73 19.45 19.99
N CYS A 775 33.62 20.20 18.89
CA CYS A 775 33.53 19.53 17.61
C CYS A 775 34.87 18.92 17.21
N SER A 776 35.92 19.16 17.99
CA SER A 776 37.12 18.32 17.99
C SER A 776 36.87 16.97 18.61
N GLY A 777 35.68 16.73 19.15
CA GLY A 777 35.34 15.46 19.75
C GLY A 777 35.25 14.34 18.73
N GLU A 778 34.88 13.17 19.23
CA GLU A 778 35.02 11.94 18.48
C GLU A 778 33.92 11.79 17.42
N LEU A 779 33.93 10.65 16.74
CA LEU A 779 33.08 10.34 15.60
C LEU A 779 31.80 9.60 15.97
N GLU A 780 31.56 9.38 17.27
CA GLU A 780 30.54 8.40 17.67
C GLU A 780 29.14 8.80 17.26
N ARG A 781 28.80 10.10 17.32
CA ARG A 781 27.43 10.51 17.01
C ARG A 781 27.20 10.66 15.51
N GLN A 782 27.83 11.67 14.88
CA GLN A 782 27.31 12.14 13.59
C GLN A 782 27.28 11.04 12.53
N HIS A 783 28.34 10.91 11.72
CA HIS A 783 29.06 9.68 11.35
C HIS A 783 28.34 8.35 11.56
N THR A 784 27.03 8.37 11.84
CA THR A 784 26.12 7.28 11.53
C THR A 784 24.77 7.95 11.38
N PHE A 785 24.24 7.96 10.17
CA PHE A 785 22.94 8.53 9.89
C PHE A 785 21.98 7.37 9.68
N ALA A 786 21.02 7.22 10.59
CA ALA A 786 20.29 5.96 10.62
C ALA A 786 19.38 5.86 9.40
N GLY A 787 19.64 4.86 8.56
CA GLY A 787 18.91 4.68 7.33
C GLY A 787 17.83 3.62 7.42
N GLY A 788 16.90 3.73 6.48
CA GLY A 788 15.80 2.81 6.34
C GLY A 788 14.67 3.25 7.26
N PRO A 789 13.43 3.10 6.81
CA PRO A 789 12.31 3.50 7.68
C PRO A 789 12.14 2.63 8.93
N GLY A 790 12.09 1.31 8.75
CA GLY A 790 11.72 0.39 9.80
C GLY A 790 10.22 0.13 9.99
N ALA A 791 9.35 0.75 9.19
CA ALA A 791 7.89 0.46 9.23
C ALA A 791 7.14 1.16 8.08
N PRO A 795 8.61 -6.42 -0.24
CA PRO A 795 8.14 -5.67 -1.41
C PRO A 795 7.11 -6.45 -2.23
N LEU A 796 6.25 -5.74 -2.94
CA LEU A 796 5.35 -6.38 -3.90
C LEU A 796 6.04 -6.63 -5.23
N ARG A 797 6.87 -5.70 -5.68
CA ARG A 797 7.34 -5.70 -7.06
C ARG A 797 8.08 -6.97 -7.44
N GLU A 798 8.44 -7.79 -6.46
CA GLU A 798 8.97 -9.12 -6.76
C GLU A 798 7.96 -9.92 -7.57
N TYR A 799 6.67 -9.77 -7.25
CA TYR A 799 5.62 -10.44 -8.03
C TYR A 799 5.50 -9.86 -9.43
N GLN A 800 5.62 -8.54 -9.55
CA GLN A 800 5.56 -7.91 -10.87
C GLN A 800 6.72 -8.35 -11.74
N MET A 801 7.91 -8.51 -11.16
CA MET A 801 9.09 -8.85 -11.93
C MET A 801 9.06 -10.31 -12.38
N GLU A 802 8.72 -11.23 -11.47
CA GLU A 802 8.66 -12.64 -11.85
C GLU A 802 7.51 -12.91 -12.79
N GLY A 803 6.29 -12.48 -12.41
CA GLY A 803 5.17 -12.61 -13.32
C GLY A 803 5.50 -12.01 -14.65
N PHE A 804 6.44 -11.08 -14.65
CA PHE A 804 6.87 -10.57 -15.92
C PHE A 804 7.77 -11.57 -16.64
N ALA A 805 8.77 -12.12 -15.94
CA ALA A 805 9.65 -13.12 -16.57
C ALA A 805 8.85 -14.36 -16.96
N MET A 806 7.82 -14.70 -16.19
CA MET A 806 7.03 -15.88 -16.51
C MET A 806 6.16 -15.69 -17.74
N PHE A 807 5.70 -14.45 -17.97
CA PHE A 807 4.98 -14.17 -19.21
C PHE A 807 5.91 -14.33 -20.41
N GLU A 808 7.17 -13.92 -20.28
CA GLU A 808 8.12 -14.20 -21.36
C GLU A 808 8.27 -15.70 -21.58
N HIS A 809 8.37 -16.46 -20.47
CA HIS A 809 8.41 -17.93 -20.55
C HIS A 809 7.22 -18.48 -21.31
N MET A 810 6.05 -17.85 -21.15
CA MET A 810 4.84 -18.34 -21.80
C MET A 810 4.87 -18.06 -23.30
N ILE A 811 5.44 -16.92 -23.71
CA ILE A 811 5.56 -16.62 -25.13
C ILE A 811 6.46 -17.65 -25.80
N GLU A 812 7.64 -17.89 -25.23
CA GLU A 812 8.57 -18.86 -25.81
C GLU A 812 7.94 -20.23 -25.92
N SER A 813 7.15 -20.63 -24.93
CA SER A 813 6.51 -21.94 -24.99
C SER A 813 5.41 -21.98 -26.04
N ILE A 814 4.67 -20.87 -26.19
CA ILE A 814 3.72 -20.77 -27.30
C ILE A 814 4.45 -20.87 -28.62
N GLU A 815 5.57 -20.16 -28.74
CA GLU A 815 6.32 -20.14 -29.99
C GLU A 815 6.97 -21.48 -30.30
N ASP A 816 7.37 -22.23 -29.26
CA ASP A 816 7.96 -23.54 -29.49
C ASP A 816 6.91 -24.56 -29.91
N GLU A 817 5.72 -24.53 -29.30
CA GLU A 817 4.72 -25.56 -29.57
C GLU A 817 4.19 -25.44 -30.98
N VAL A 818 3.79 -24.23 -31.40
CA VAL A 818 3.32 -24.05 -32.76
C VAL A 818 4.42 -24.30 -33.79
N ALA A 819 5.69 -24.12 -33.42
CA ALA A 819 6.76 -24.37 -34.39
C ALA A 819 6.88 -25.86 -34.69
N LYS A 820 6.78 -26.69 -33.66
CA LYS A 820 6.91 -28.14 -33.81
C LYS A 820 5.67 -28.77 -34.43
N PHE A 821 4.48 -28.39 -33.95
CA PHE A 821 3.28 -29.07 -34.42
C PHE A 821 2.76 -28.55 -35.76
N VAL A 822 3.27 -27.43 -36.27
CA VAL A 822 2.96 -27.06 -37.65
C VAL A 822 3.85 -27.81 -38.62
N MET A 823 5.17 -27.83 -38.38
CA MET A 823 6.11 -28.44 -39.32
C MET A 823 6.30 -29.94 -39.13
N LYS A 824 6.04 -30.47 -37.94
CA LYS A 824 6.26 -31.90 -37.68
C LYS A 824 4.94 -32.64 -37.50
N ALA A 825 4.16 -32.27 -36.49
CA ALA A 825 2.85 -32.86 -36.21
C ALA A 825 2.92 -34.36 -35.98
N ASP B 13 6.71 7.30 -19.42
CA ASP B 13 8.13 7.13 -19.69
C ASP B 13 8.93 7.47 -18.43
N ILE B 14 9.59 6.47 -17.85
CA ILE B 14 10.27 6.60 -16.57
C ILE B 14 11.11 7.88 -16.56
N ARG B 15 11.72 8.18 -17.71
CA ARG B 15 12.61 9.33 -17.90
C ARG B 15 11.95 10.64 -17.55
N ASN B 16 10.70 10.81 -17.98
CA ASN B 16 9.99 12.03 -17.66
C ASN B 16 9.54 12.06 -16.22
N LYS B 17 9.37 10.90 -15.59
CA LYS B 17 9.21 10.90 -14.14
C LYS B 17 10.57 10.98 -13.43
N ILE B 18 11.64 10.54 -14.08
CA ILE B 18 12.98 10.69 -13.52
C ILE B 18 13.31 12.16 -13.32
N ILE B 19 12.90 12.97 -14.28
CA ILE B 19 13.08 14.41 -14.17
C ILE B 19 12.55 14.93 -12.83
N PHE B 20 11.53 14.28 -12.29
CA PHE B 20 10.91 14.74 -11.04
C PHE B 20 11.75 14.38 -9.82
N THR B 21 12.48 13.26 -9.85
CA THR B 21 13.28 12.89 -8.69
C THR B 21 14.56 13.73 -8.60
N LEU B 22 15.09 14.18 -9.74
CA LEU B 22 16.18 15.16 -9.70
C LEU B 22 15.66 16.53 -9.28
N LEU B 23 14.44 16.87 -9.70
CA LEU B 23 13.85 18.13 -9.30
C LEU B 23 13.60 18.17 -7.79
N MET B 24 13.15 17.06 -7.22
CA MET B 24 12.92 17.03 -5.78
C MET B 24 14.23 17.10 -5.01
N LEU B 25 15.30 16.54 -5.55
CA LEU B 25 16.62 16.72 -4.97
C LEU B 25 17.12 18.15 -5.16
N ILE B 26 16.69 18.82 -6.23
CA ILE B 26 17.11 20.21 -6.45
C ILE B 26 16.50 21.12 -5.37
N VAL B 27 15.27 20.83 -4.96
CA VAL B 27 14.65 21.66 -3.93
C VAL B 27 15.20 21.32 -2.57
N PHE B 28 15.56 20.05 -2.34
CA PHE B 28 16.23 19.67 -1.10
C PHE B 28 17.61 20.32 -1.01
N ARG B 29 18.33 20.37 -2.12
CA ARG B 29 19.66 20.98 -2.10
C ARG B 29 19.58 22.50 -1.99
N ILE B 30 18.55 23.10 -2.59
CA ILE B 30 18.42 24.55 -2.49
C ILE B 30 18.06 24.96 -1.07
N GLY B 31 17.35 24.10 -0.34
CA GLY B 31 17.02 24.41 1.05
C GLY B 31 18.19 24.21 2.00
N THR B 32 19.25 23.54 1.54
CA THR B 32 20.45 23.38 2.37
C THR B 32 21.02 24.72 2.78
N PHE B 33 20.92 25.73 1.90
CA PHE B 33 21.55 27.02 2.11
C PHE B 33 20.61 28.07 2.68
N ILE B 34 19.35 27.71 2.98
CA ILE B 34 18.47 28.62 3.70
C ILE B 34 18.89 28.60 5.16
N PRO B 35 19.42 29.69 5.70
CA PRO B 35 19.96 29.67 7.06
C PRO B 35 18.87 29.73 8.12
N VAL B 36 19.22 29.22 9.29
CA VAL B 36 18.35 29.32 10.47
C VAL B 36 18.31 30.77 10.92
N PRO B 37 17.16 31.28 11.37
CA PRO B 37 17.11 32.68 11.83
C PRO B 37 18.12 33.03 12.92
N SER B 38 18.47 32.09 13.78
CA SER B 38 19.31 32.34 14.96
C SER B 38 20.78 32.09 14.72
N VAL B 39 21.23 31.99 13.50
CA VAL B 39 22.66 31.82 13.30
C VAL B 39 23.32 33.18 13.13
N ASN B 40 24.46 33.34 13.80
CA ASN B 40 25.47 34.29 13.35
C ASN B 40 26.36 33.47 12.43
N THR B 41 26.27 33.72 11.14
CA THR B 41 26.75 32.75 10.16
C THR B 41 28.26 32.70 10.12
N ASP B 42 28.92 33.78 10.53
CA ASP B 42 30.38 33.78 10.59
C ASP B 42 30.88 32.67 11.50
N VAL B 43 30.31 32.57 12.71
CA VAL B 43 30.74 31.52 13.64
C VAL B 43 30.37 30.12 13.16
N LEU B 44 29.42 29.98 12.25
CA LEU B 44 29.15 28.65 11.73
C LEU B 44 30.35 28.14 10.96
N LYS B 45 30.95 29.00 10.13
CA LYS B 45 32.31 28.75 9.71
C LYS B 45 33.27 29.15 10.82
N LEU B 46 34.55 28.86 10.62
CA LEU B 46 35.61 29.04 11.64
C LEU B 46 35.29 28.22 12.88
N GLN B 47 34.08 27.67 12.96
CA GLN B 47 33.89 26.35 13.55
C GLN B 47 34.39 25.29 12.59
N ASP B 48 34.50 25.63 11.31
CA ASP B 48 35.10 24.73 10.34
C ASP B 48 36.49 24.35 10.80
N GLN B 49 36.70 23.06 10.99
CA GLN B 49 38.03 22.52 11.23
C GLN B 49 38.69 22.11 9.92
N LEU B 50 38.02 22.39 8.80
CA LEU B 50 38.56 22.18 7.47
C LEU B 50 37.88 23.17 6.52
N ASN B 51 38.07 22.96 5.22
CA ASN B 51 37.74 23.96 4.22
C ASN B 51 36.25 24.08 3.91
N ALA B 52 35.39 23.21 4.45
CA ALA B 52 33.98 23.24 4.11
C ALA B 52 33.78 23.02 2.61
N PHE B 53 33.45 24.11 1.88
CA PHE B 53 32.67 24.17 0.64
C PHE B 53 31.24 24.59 0.90
N GLY B 54 30.81 24.58 2.15
CA GLY B 54 29.53 25.14 2.53
C GLY B 54 29.61 26.48 3.22
N VAL B 55 28.51 27.20 3.16
CA VAL B 55 28.12 28.14 4.20
C VAL B 55 27.12 27.41 5.07
N LEU B 56 27.16 27.65 6.38
CA LEU B 56 26.38 26.88 7.35
C LEU B 56 26.75 25.39 7.27
N ASN B 57 27.97 25.09 6.84
CA ASN B 57 28.41 23.71 6.66
C ASN B 57 29.82 23.57 7.24
N ILE B 58 29.99 22.58 8.12
CA ILE B 58 31.23 22.43 8.87
C ILE B 58 31.87 21.08 8.55
N PHE B 59 33.18 21.03 8.68
CA PHE B 59 33.92 19.78 8.83
C PHE B 59 34.53 19.84 10.23
N CYS B 60 33.97 19.09 11.18
CA CYS B 60 34.61 18.97 12.50
C CYS B 60 34.18 17.67 13.15
N GLY B 61 35.12 17.02 13.83
CA GLY B 61 34.87 15.71 14.41
C GLY B 61 34.40 14.69 13.39
N GLY B 62 34.97 14.72 12.19
CA GLY B 62 34.53 13.86 11.12
C GLY B 62 33.08 14.06 10.76
N ALA B 63 32.58 15.27 10.88
CA ALA B 63 31.16 15.54 10.72
C ALA B 63 30.95 16.64 9.68
N LEU B 64 29.92 16.46 8.87
CA LEU B 64 29.53 17.40 7.85
C LEU B 64 28.48 18.39 8.31
N GLN B 65 28.30 18.55 9.63
CA GLN B 65 27.13 19.22 10.16
C GLN B 65 26.82 20.46 9.33
N ASN B 66 25.61 20.50 8.80
CA ASN B 66 25.11 21.65 8.09
C ASN B 66 23.97 22.19 8.93
N PHE B 67 24.20 23.32 9.60
CA PHE B 67 23.19 23.90 10.45
C PHE B 67 22.43 24.89 9.58
N SER B 68 21.21 24.51 9.23
CA SER B 68 20.36 25.25 8.31
C SER B 68 18.94 24.81 8.62
N ILE B 69 17.98 25.24 7.79
CA ILE B 69 16.60 24.87 8.05
C ILE B 69 16.44 23.36 8.04
N PHE B 70 17.29 22.66 7.30
CA PHE B 70 17.29 21.21 7.20
C PHE B 70 18.28 20.54 8.16
N ALA B 71 18.87 21.31 9.09
CA ALA B 71 20.00 20.85 9.90
C ALA B 71 19.82 19.42 10.40
N MET B 72 18.82 19.20 11.25
CA MET B 72 18.32 17.85 11.44
C MET B 72 17.41 17.51 10.26
N GLY B 73 17.74 16.43 9.57
CA GLY B 73 17.09 16.07 8.33
C GLY B 73 15.85 15.25 8.56
N VAL B 74 15.59 14.29 7.66
CA VAL B 74 14.59 13.28 7.91
C VAL B 74 14.89 12.44 9.16
N MET B 75 16.07 12.63 9.76
CA MET B 75 16.52 11.84 10.90
C MET B 75 15.52 11.72 12.05
N PRO B 76 14.85 12.79 12.50
CA PRO B 76 13.84 12.61 13.56
C PRO B 76 12.69 11.71 13.14
N TYR B 77 12.42 11.59 11.85
CA TYR B 77 11.41 10.67 11.38
C TYR B 77 11.86 9.22 11.56
N ILE B 78 13.12 8.93 11.23
CA ILE B 78 13.63 7.57 11.31
C ILE B 78 13.65 7.10 12.77
N THR B 79 14.03 7.98 13.70
CA THR B 79 14.05 7.59 15.10
C THR B 79 12.65 7.39 15.66
N ALA B 80 11.69 8.21 15.23
CA ALA B 80 10.30 7.96 15.63
C ALA B 80 9.80 6.67 15.01
N SER B 81 10.26 6.36 13.80
CA SER B 81 9.85 5.12 13.14
C SER B 81 10.35 3.90 13.91
N ILE B 82 11.59 3.93 14.39
CA ILE B 82 12.12 2.78 15.10
C ILE B 82 11.53 2.70 16.51
N ILE B 83 11.21 3.84 17.10
CA ILE B 83 10.64 3.83 18.45
C ILE B 83 9.23 3.26 18.43
N VAL B 84 8.42 3.66 17.44
CA VAL B 84 7.06 3.16 17.35
C VAL B 84 7.07 1.68 16.97
N GLN B 85 8.05 1.24 16.19
CA GLN B 85 8.14 -0.18 15.86
C GLN B 85 8.47 -0.99 17.11
N LEU B 86 9.41 -0.50 17.93
CA LEU B 86 9.61 -1.08 19.24
C LEU B 86 8.39 -0.90 20.12
N LEU B 87 7.68 0.21 19.95
CA LEU B 87 6.56 0.50 20.85
C LEU B 87 5.37 -0.43 20.60
N GLN B 88 5.08 -0.77 19.36
CA GLN B 88 3.92 -1.62 19.08
C GLN B 88 4.16 -3.09 19.43
N MET B 89 5.40 -3.47 19.68
CA MET B 89 5.86 -4.86 19.75
C MET B 89 5.73 -5.46 21.15
N ASP B 90 4.64 -5.12 21.85
CA ASP B 90 4.32 -4.91 23.26
C ASP B 90 4.59 -3.52 23.80
N VAL B 91 5.17 -3.39 24.99
CA VAL B 91 5.12 -2.14 25.77
C VAL B 91 3.65 -1.66 25.70
N VAL B 92 3.36 -0.63 24.93
CA VAL B 92 2.00 -0.16 24.69
C VAL B 92 1.18 -1.16 23.86
N PRO B 93 0.07 -1.67 24.39
CA PRO B 93 -0.79 -2.56 23.60
C PRO B 93 -1.61 -1.87 22.53
N LYS B 94 -1.88 -0.56 22.66
CA LYS B 94 -2.74 0.13 21.71
C LYS B 94 -2.15 0.08 20.30
N PHE B 95 -0.83 0.17 20.19
CA PHE B 95 -0.19 0.06 18.88
C PHE B 95 -0.11 -1.38 18.41
N ALA B 96 -0.11 -2.34 19.34
CA ALA B 96 -0.11 -3.75 18.95
C ALA B 96 -1.40 -4.11 18.21
N GLU B 97 -2.52 -3.56 18.65
CA GLU B 97 -3.79 -3.78 17.94
C GLU B 97 -3.75 -3.17 16.55
N TRP B 98 -3.06 -2.04 16.37
CA TRP B 98 -2.89 -1.51 15.03
C TRP B 98 -1.93 -2.38 14.21
N SER B 99 -0.95 -3.01 14.87
CA SER B 99 0.08 -3.74 14.15
C SER B 99 -0.50 -4.90 13.36
N LYS B 100 -1.28 -5.77 14.03
CA LYS B 100 -1.85 -6.94 13.38
C LYS B 100 -3.02 -6.61 12.48
N GLN B 101 -3.50 -5.37 12.44
CA GLN B 101 -4.77 -5.17 11.75
C GLN B 101 -4.56 -5.08 10.24
N GLY B 102 -4.22 -3.91 9.71
CA GLY B 102 -3.67 -3.80 8.37
C GLY B 102 -4.25 -2.59 7.68
N GLU B 103 -3.67 -2.12 6.57
CA GLU B 103 -4.19 -0.90 5.96
C GLU B 103 -4.35 0.14 7.06
N MET B 104 -5.53 0.15 7.66
CA MET B 104 -5.76 0.80 8.94
C MET B 104 -4.52 0.70 9.82
N GLY B 105 -3.84 -0.45 9.80
CA GLY B 105 -2.65 -0.63 10.60
C GLY B 105 -1.55 0.35 10.25
N ARG B 106 -1.12 0.35 8.98
CA ARG B 106 -0.12 1.31 8.52
C ARG B 106 -0.60 2.74 8.67
N ARG B 107 -1.90 2.97 8.45
CA ARG B 107 -2.47 4.31 8.48
C ARG B 107 -2.27 5.02 9.81
N LYS B 108 -2.99 4.58 10.86
CA LYS B 108 -2.96 5.28 12.14
C LYS B 108 -1.58 5.19 12.82
N LEU B 109 -0.83 4.10 12.57
CA LEU B 109 0.49 3.93 13.17
C LEU B 109 1.51 4.84 12.51
N ALA B 110 1.43 4.99 11.19
CA ALA B 110 2.26 5.96 10.50
C ALA B 110 1.80 7.38 10.79
N GLN B 111 0.50 7.56 11.03
CA GLN B 111 0.01 8.86 11.47
C GLN B 111 0.53 9.20 12.86
N PHE B 112 0.51 8.21 13.78
CA PHE B 112 1.10 8.45 15.09
C PHE B 112 2.59 8.72 14.98
N THR B 113 3.29 7.92 14.18
CA THR B 113 4.71 8.17 13.95
C THR B 113 4.91 9.58 13.43
N ARG B 114 4.14 9.98 12.41
CA ARG B 114 4.25 11.32 11.85
C ARG B 114 4.19 12.40 12.93
N TYR B 115 3.23 12.28 13.85
CA TYR B 115 3.15 13.24 14.94
C TYR B 115 4.23 13.00 16.00
N PHE B 116 4.83 11.81 16.01
CA PHE B 116 5.92 11.54 16.96
C PHE B 116 7.23 12.13 16.47
N THR B 117 7.47 12.13 15.15
CA THR B 117 8.65 12.79 14.61
C THR B 117 8.62 14.29 14.88
N ILE B 118 7.48 14.91 14.58
CA ILE B 118 7.38 16.36 14.64
C ILE B 118 7.54 16.86 16.08
N VAL B 119 7.17 16.05 17.06
CA VAL B 119 7.44 16.40 18.45
C VAL B 119 8.88 16.07 18.81
N LEU B 120 9.41 14.97 18.27
CA LEU B 120 10.82 14.67 18.45
C LEU B 120 11.74 15.65 17.75
N GLY B 121 11.25 16.34 16.72
CA GLY B 121 12.05 17.37 16.09
C GLY B 121 12.23 18.58 16.97
N PHE B 122 11.19 18.97 17.70
CA PHE B 122 11.27 20.14 18.57
C PHE B 122 12.36 19.99 19.62
N ILE B 123 12.47 18.80 20.20
CA ILE B 123 13.50 18.57 21.22
C ILE B 123 14.87 18.34 20.58
N GLN B 124 14.92 17.74 19.39
CA GLN B 124 16.21 17.60 18.70
C GLN B 124 16.70 18.93 18.18
N ALA B 125 15.79 19.80 17.74
CA ALA B 125 16.18 21.14 17.33
C ALA B 125 16.68 21.95 18.53
N LEU B 126 15.95 21.88 19.64
CA LEU B 126 16.37 22.56 20.87
C LEU B 126 17.76 22.09 21.30
N GLY B 127 17.96 20.77 21.41
CA GLY B 127 19.24 20.26 21.85
C GLY B 127 20.38 20.60 20.92
N MET B 128 20.11 20.70 19.62
CA MET B 128 21.18 21.00 18.67
C MET B 128 21.59 22.47 18.73
N SER B 129 20.64 23.36 18.99
CA SER B 129 20.93 24.79 18.99
C SER B 129 21.70 25.23 20.24
N TYR B 130 21.43 24.61 21.40
CA TYR B 130 22.15 24.97 22.61
C TYR B 130 23.57 24.41 22.62
N GLY B 131 23.71 23.10 22.37
CA GLY B 131 25.03 22.49 22.37
C GLY B 131 25.92 22.99 21.26
N PHE B 132 25.36 23.61 20.23
CA PHE B 132 26.18 24.21 19.18
C PHE B 132 26.87 25.46 19.69
N ASN B 133 26.30 26.13 20.69
CA ASN B 133 26.93 27.30 21.30
C ASN B 133 28.18 26.90 22.08
N ASN B 134 28.05 25.90 22.95
CA ASN B 134 29.19 25.46 23.75
C ASN B 134 30.37 25.09 22.86
N LEU B 135 30.11 24.77 21.59
CA LEU B 135 31.20 24.59 20.64
C LEU B 135 31.86 25.92 20.28
N ALA B 136 31.05 26.93 20.00
CA ALA B 136 31.55 28.21 19.51
C ALA B 136 31.45 29.25 20.62
N GLY B 137 32.59 29.57 21.24
CA GLY B 137 32.59 30.44 22.39
C GLY B 137 31.55 30.01 23.40
N GLY B 138 30.93 30.99 24.04
CA GLY B 138 29.66 30.80 24.70
C GLY B 138 28.60 31.46 23.84
N MET B 139 28.91 31.61 22.56
CA MET B 139 28.40 32.73 21.78
C MET B 139 27.62 32.27 20.55
N LEU B 140 27.07 33.29 19.90
CA LEU B 140 26.56 33.28 18.53
C LEU B 140 25.43 32.27 18.33
N ILE B 141 24.30 32.64 18.90
CA ILE B 141 23.03 32.19 18.37
C ILE B 141 22.32 33.42 17.82
N GLN B 142 21.65 34.12 18.71
CA GLN B 142 20.77 35.25 18.41
C GLN B 142 20.67 35.99 19.74
N ASN B 143 19.61 36.76 19.93
CA ASN B 143 19.53 37.27 21.29
C ASN B 143 19.01 36.18 22.21
N PRO B 144 19.88 35.56 23.03
CA PRO B 144 19.77 34.20 23.55
C PRO B 144 18.41 33.84 24.17
N ILE B 146 15.84 31.91 24.98
CA ILE B 146 14.78 31.15 25.63
C ILE B 146 13.48 31.37 24.88
N GLY B 147 13.22 32.62 24.52
CA GLY B 147 12.11 32.91 23.63
C GLY B 147 12.50 32.65 22.19
N THR B 148 13.73 33.04 21.84
CA THR B 148 14.22 32.94 20.48
C THR B 148 14.79 31.57 20.12
N TYR B 149 15.04 30.71 21.11
CA TYR B 149 15.27 29.30 20.80
C TYR B 149 14.04 28.69 20.14
N LEU B 150 12.86 29.03 20.66
CA LEU B 150 11.64 28.35 20.27
C LEU B 150 11.32 28.56 18.79
N LEU B 151 11.66 29.72 18.23
CA LEU B 151 11.58 29.87 16.79
C LEU B 151 12.57 28.96 16.08
N ILE B 152 13.68 28.62 16.76
CA ILE B 152 14.67 27.73 16.17
C ILE B 152 14.34 26.27 16.41
N ALA B 153 13.48 25.97 17.39
CA ALA B 153 12.87 24.66 17.43
C ALA B 153 11.77 24.54 16.38
N VAL B 154 11.05 25.63 16.14
CA VAL B 154 9.96 25.62 15.16
C VAL B 154 10.51 25.56 13.74
N VAL B 155 11.52 26.38 13.42
CA VAL B 155 12.03 26.44 12.06
C VAL B 155 12.76 25.14 11.70
N LEU B 156 13.44 24.52 12.66
CA LEU B 156 14.10 23.26 12.37
C LEU B 156 13.11 22.10 12.29
N THR B 157 12.10 22.09 13.16
CA THR B 157 11.01 21.13 13.00
C THR B 157 10.28 21.34 11.68
N ALA B 158 10.11 22.60 11.27
CA ALA B 158 9.55 22.88 9.96
C ALA B 158 10.46 22.36 8.85
N GLY B 159 11.76 22.23 9.12
CA GLY B 159 12.66 21.70 8.11
C GLY B 159 12.42 20.23 7.85
N THR B 160 12.32 19.43 8.91
CA THR B 160 12.01 18.02 8.76
C THR B 160 10.61 17.82 8.18
N ALA B 161 9.67 18.65 8.60
CA ALA B 161 8.28 18.49 8.16
C ALA B 161 8.16 18.54 6.65
N PHE B 162 8.77 19.54 6.01
CA PHE B 162 8.84 19.53 4.55
C PHE B 162 9.63 18.34 4.05
N LEU B 163 10.83 18.16 4.59
CA LEU B 163 11.67 17.03 4.18
C LEU B 163 10.94 15.70 4.34
N MET B 164 10.01 15.62 5.30
CA MET B 164 9.12 14.47 5.36
C MET B 164 8.10 14.51 4.23
N TRP B 165 7.54 15.70 3.97
CA TRP B 165 6.57 15.85 2.88
C TRP B 165 7.18 15.42 1.56
N LEU B 166 8.44 15.76 1.33
CA LEU B 166 9.10 15.41 0.08
C LEU B 166 9.14 13.89 -0.11
N GLY B 167 9.54 13.16 0.94
CA GLY B 167 9.71 11.72 0.82
C GLY B 167 8.47 11.02 0.30
N GLU B 168 7.32 11.33 0.88
CA GLU B 168 6.07 10.73 0.43
C GLU B 168 5.50 11.37 -0.82
N GLN B 169 6.03 12.53 -1.24
CA GLN B 169 5.73 13.05 -2.57
C GLN B 169 6.58 12.39 -3.64
N ILE B 170 7.88 12.22 -3.37
CA ILE B 170 8.79 11.70 -4.39
C ILE B 170 8.73 10.19 -4.53
N THR B 171 8.12 9.48 -3.57
CA THR B 171 7.94 8.05 -3.78
C THR B 171 6.75 7.77 -4.69
N ALA B 172 5.70 8.58 -4.63
CA ALA B 172 4.49 8.40 -5.42
C ALA B 172 4.55 9.12 -6.77
N LYS B 173 5.69 9.72 -7.10
CA LYS B 173 5.83 10.50 -8.32
C LYS B 173 7.04 10.01 -9.12
N GLY B 174 8.22 10.10 -8.51
CA GLY B 174 9.46 9.74 -9.16
C GLY B 174 9.90 8.31 -8.93
N VAL B 175 11.21 8.13 -8.78
CA VAL B 175 11.85 6.83 -8.60
C VAL B 175 11.63 6.38 -7.15
N GLY B 176 12.41 5.42 -6.67
CA GLY B 176 12.07 4.64 -5.49
C GLY B 176 11.92 5.43 -4.21
N ASN B 177 11.60 4.73 -3.12
CA ASN B 177 11.00 5.35 -1.93
C ASN B 177 11.78 6.56 -1.47
N GLY B 178 11.04 7.65 -1.21
CA GLY B 178 11.66 8.96 -1.13
C GLY B 178 12.52 9.17 0.10
N ILE B 179 12.10 8.62 1.24
CA ILE B 179 12.90 8.77 2.46
C ILE B 179 14.29 8.16 2.26
N SER B 180 14.36 7.04 1.54
CA SER B 180 15.65 6.40 1.33
C SER B 180 16.53 7.21 0.38
N ILE B 181 15.94 7.83 -0.64
CA ILE B 181 16.76 8.62 -1.57
C ILE B 181 17.15 9.96 -0.97
N ILE B 182 16.40 10.47 0.01
CA ILE B 182 16.78 11.72 0.67
C ILE B 182 17.97 11.48 1.59
N ILE B 183 17.92 10.42 2.39
CA ILE B 183 19.09 10.03 3.18
C ILE B 183 20.28 9.76 2.28
N PHE B 184 20.05 9.05 1.18
CA PHE B 184 21.11 8.80 0.21
C PHE B 184 21.65 10.10 -0.37
N ALA B 185 20.77 11.08 -0.58
CA ALA B 185 21.21 12.37 -1.10
C ALA B 185 22.15 13.07 -0.13
N GLY B 186 21.85 12.99 1.17
CA GLY B 186 22.70 13.65 2.14
C GLY B 186 24.08 13.04 2.25
N ILE B 187 24.17 11.71 2.18
CA ILE B 187 25.45 11.04 2.31
C ILE B 187 26.32 11.31 1.08
N VAL B 188 25.73 11.30 -0.11
CA VAL B 188 26.52 11.42 -1.32
C VAL B 188 26.88 12.88 -1.62
N SER B 189 26.08 13.83 -1.12
CA SER B 189 26.31 15.25 -1.39
C SER B 189 27.63 15.77 -0.83
N GLY B 190 28.37 14.95 -0.09
CA GLY B 190 29.59 15.37 0.56
C GLY B 190 30.83 15.36 -0.31
N ILE B 191 30.66 15.42 -1.63
CA ILE B 191 31.78 15.40 -2.58
C ILE B 191 32.93 16.34 -2.18
N PRO B 192 32.70 17.51 -1.56
CA PRO B 192 33.85 18.28 -1.07
C PRO B 192 34.78 17.51 -0.14
N THR B 193 34.36 16.36 0.42
CA THR B 193 35.27 15.55 1.20
C THR B 193 36.49 15.14 0.38
N ILE B 194 36.30 14.90 -0.92
CA ILE B 194 37.43 14.60 -1.79
C ILE B 194 38.28 15.85 -2.00
N LEU B 195 37.63 17.02 -2.11
CA LEU B 195 38.36 18.27 -2.26
C LEU B 195 39.17 18.59 -1.01
N ASN B 196 38.54 18.48 0.16
CA ASN B 196 39.25 18.77 1.40
C ASN B 196 40.47 17.88 1.58
N GLN B 197 40.44 16.68 1.01
CA GLN B 197 41.49 15.71 1.32
C GLN B 197 42.59 15.71 0.29
N ILE B 198 42.54 16.58 -0.72
CA ILE B 198 43.66 16.62 -1.65
C ILE B 198 44.95 16.93 -0.90
N TYR B 199 44.99 18.07 -0.19
CA TYR B 199 45.63 18.22 1.12
C TYR B 199 46.86 17.35 1.30
N ALA B 200 46.80 16.46 2.29
CA ALA B 200 47.83 15.45 2.53
C ALA B 200 48.23 14.72 1.25
N ILE B 208 49.26 10.86 -6.48
CA ILE B 208 49.51 9.48 -6.86
C ILE B 208 49.93 8.65 -5.65
N VAL B 209 50.40 9.32 -4.60
CA VAL B 209 51.06 8.58 -3.51
C VAL B 209 49.96 7.90 -2.72
N ARG B 210 49.92 6.56 -2.81
CA ARG B 210 48.99 5.71 -2.09
C ARG B 210 47.52 5.97 -2.42
N LEU B 211 47.26 6.99 -3.24
CA LEU B 211 45.89 7.24 -3.69
C LEU B 211 45.34 6.05 -4.45
N LEU B 212 46.20 5.37 -5.21
CA LEU B 212 45.79 4.14 -5.90
C LEU B 212 45.29 3.10 -4.91
N LEU B 213 45.92 3.01 -3.73
CA LEU B 213 45.49 2.06 -2.73
C LEU B 213 44.14 2.46 -2.14
N VAL B 214 43.92 3.75 -1.92
CA VAL B 214 42.67 4.21 -1.32
C VAL B 214 41.50 3.97 -2.28
N ALA B 215 41.69 4.28 -3.57
CA ALA B 215 40.64 4.07 -4.55
C ALA B 215 40.36 2.58 -4.76
N LEU B 216 41.39 1.73 -4.67
CA LEU B 216 41.17 0.30 -4.75
C LEU B 216 40.44 -0.23 -3.51
N ALA B 217 40.66 0.42 -2.36
CA ALA B 217 40.02 -0.04 -1.14
C ALA B 217 38.56 0.39 -1.06
N VAL B 218 38.21 1.54 -1.65
CA VAL B 218 36.80 1.92 -1.67
C VAL B 218 36.04 1.06 -2.66
N VAL B 219 36.68 0.65 -3.76
CA VAL B 219 36.03 -0.32 -4.64
C VAL B 219 36.06 -1.71 -4.02
N ALA B 220 37.00 -1.97 -3.11
CA ALA B 220 37.03 -3.28 -2.46
C ALA B 220 35.92 -3.41 -1.42
N VAL B 221 35.56 -2.31 -0.75
CA VAL B 221 34.48 -2.40 0.22
C VAL B 221 33.12 -2.30 -0.45
N ILE B 222 33.00 -1.62 -1.60
CA ILE B 222 31.72 -1.62 -2.29
C ILE B 222 31.46 -2.98 -2.93
N VAL B 223 32.50 -3.73 -3.28
CA VAL B 223 32.25 -5.10 -3.73
C VAL B 223 32.00 -6.02 -2.53
N GLY B 224 32.59 -5.73 -1.38
CA GLY B 224 32.34 -6.57 -0.22
C GLY B 224 30.91 -6.45 0.28
N VAL B 225 30.37 -5.23 0.29
CA VAL B 225 28.99 -5.03 0.72
C VAL B 225 28.01 -5.60 -0.28
N ILE B 226 28.31 -5.47 -1.58
CA ILE B 226 27.40 -5.91 -2.63
C ILE B 226 27.35 -7.44 -2.72
N TYR B 227 28.42 -8.12 -2.32
CA TYR B 227 28.42 -9.58 -2.28
C TYR B 227 27.60 -10.09 -1.11
N ILE B 228 27.51 -9.29 -0.05
CA ILE B 228 26.91 -9.69 1.22
C ILE B 228 25.41 -9.40 1.20
N GLN B 229 25.01 -8.13 1.04
CA GLN B 229 23.57 -7.85 1.03
C GLN B 229 22.89 -8.49 -0.16
N GLN B 230 23.51 -8.47 -1.34
CA GLN B 230 22.93 -9.32 -2.37
C GLN B 230 23.61 -10.66 -2.18
N ALA B 231 22.97 -11.47 -1.34
CA ALA B 231 23.20 -12.87 -1.10
C ALA B 231 21.91 -13.35 -0.45
N PHE B 232 21.50 -14.57 -0.73
CA PHE B 232 20.15 -14.96 -0.33
C PHE B 232 20.11 -16.40 0.12
N ARG B 233 19.55 -16.63 1.30
CA ARG B 233 19.25 -18.00 1.68
C ARG B 233 17.99 -18.46 0.98
N LYS B 234 18.12 -19.49 0.18
CA LYS B 234 16.96 -20.09 -0.43
C LYS B 234 16.30 -21.00 0.59
N ILE B 235 15.07 -20.70 0.96
CA ILE B 235 14.25 -21.65 1.70
C ILE B 235 13.07 -22.01 0.79
N PRO B 236 13.07 -23.19 0.19
CA PRO B 236 11.95 -23.54 -0.71
C PRO B 236 10.66 -23.62 0.08
N ILE B 237 9.56 -23.20 -0.56
CA ILE B 237 8.24 -23.27 0.03
C ILE B 237 7.31 -23.92 -0.99
N GLN B 238 6.50 -24.86 -0.51
CA GLN B 238 5.63 -25.62 -1.40
C GLN B 238 4.17 -25.51 -0.97
N SER B 253 8.70 -23.74 -8.03
CA SER B 253 9.63 -22.70 -8.45
C SER B 253 9.37 -21.40 -7.70
N THR B 254 8.99 -21.54 -6.43
CA THR B 254 8.83 -20.40 -5.52
C THR B 254 9.75 -20.61 -4.32
N HIS B 255 10.71 -19.70 -4.15
CA HIS B 255 11.67 -19.74 -3.07
C HIS B 255 11.45 -18.54 -2.17
N LEU B 256 11.40 -18.78 -0.87
CA LEU B 256 11.25 -17.70 0.10
C LEU B 256 12.64 -17.29 0.55
N PRO B 257 13.15 -16.16 0.07
CA PRO B 257 14.54 -15.79 0.39
C PRO B 257 14.69 -15.39 1.84
N LEU B 258 15.68 -15.96 2.50
CA LEU B 258 16.20 -15.42 3.76
C LEU B 258 17.37 -14.54 3.39
N LYS B 259 17.18 -13.23 3.55
CA LYS B 259 17.88 -12.16 2.86
C LYS B 259 19.21 -11.78 3.55
N VAL B 260 20.20 -11.40 2.73
CA VAL B 260 21.32 -10.50 3.06
C VAL B 260 22.41 -11.10 3.94
N ASN B 261 22.08 -12.18 4.64
CA ASN B 261 22.68 -12.50 5.96
C ASN B 261 22.20 -11.43 6.95
N PRO B 267 17.73 -6.83 8.70
CA PRO B 267 18.97 -6.74 9.47
C PRO B 267 20.02 -5.81 8.82
N VAL B 268 19.95 -4.53 9.15
CA VAL B 268 20.76 -3.47 8.56
C VAL B 268 21.04 -2.44 9.65
N ILE B 269 21.15 -1.16 9.24
CA ILE B 269 21.55 0.02 9.99
C ILE B 269 21.07 0.03 11.43
N PHE B 270 19.85 -0.45 11.68
CA PHE B 270 19.27 -0.37 13.01
C PHE B 270 20.10 -1.13 14.06
N ALA B 271 21.11 -1.89 13.64
CA ALA B 271 22.01 -2.51 14.62
C ALA B 271 22.98 -1.48 15.20
N VAL B 272 23.63 -0.69 14.35
CA VAL B 272 24.68 0.21 14.83
C VAL B 272 24.07 1.39 15.58
N SER B 273 22.92 1.90 15.13
CA SER B 273 22.25 2.98 15.84
C SER B 273 21.80 2.51 17.23
N PHE B 274 21.15 1.35 17.29
CA PHE B 274 20.86 0.73 18.57
C PHE B 274 22.13 0.61 19.40
N LEU B 275 23.20 0.12 18.78
CA LEU B 275 24.44 -0.12 19.51
C LEU B 275 24.97 1.17 20.15
N ILE B 276 24.85 2.30 19.44
CA ILE B 276 25.40 3.54 19.94
C ILE B 276 24.66 4.05 21.17
N ALA B 277 23.41 3.62 21.38
CA ALA B 277 22.64 4.12 22.51
C ALA B 277 23.21 3.74 23.87
N PRO B 278 23.36 2.47 24.22
CA PRO B 278 23.73 2.12 25.61
C PRO B 278 25.04 2.76 26.05
N PRO B 279 26.10 2.79 25.21
CA PRO B 279 27.30 3.50 25.67
C PRO B 279 26.98 4.90 26.13
N THR B 280 26.10 5.65 25.45
CA THR B 280 25.84 7.03 25.83
C THR B 280 24.95 7.18 27.06
N ILE B 281 24.19 6.15 27.45
CA ILE B 281 23.27 6.29 28.58
C ILE B 281 24.03 6.14 29.90
N ALA B 282 24.78 5.06 30.04
CA ALA B 282 25.69 4.97 31.18
C ALA B 282 26.73 6.09 31.10
N SER B 283 26.92 6.66 29.90
CA SER B 283 27.74 7.83 29.62
C SER B 283 26.95 9.13 29.71
N PHE B 284 25.61 9.09 29.83
CA PHE B 284 24.86 10.28 30.21
C PHE B 284 25.42 10.90 31.48
N PHE B 285 26.05 10.09 32.35
CA PHE B 285 26.68 10.57 33.57
C PHE B 285 27.85 11.51 33.29
N GLY B 286 28.24 11.70 32.03
CA GLY B 286 29.45 12.46 31.78
C GLY B 286 29.37 13.90 32.26
N THR B 287 28.30 14.60 31.84
CA THR B 287 28.11 16.06 31.92
C THR B 287 28.08 16.50 33.36
N ASN B 288 27.41 15.72 34.19
CA ASN B 288 27.37 15.88 35.62
C ASN B 288 27.13 14.51 36.20
N ASP B 289 27.47 14.37 37.47
CA ASP B 289 27.26 13.12 38.17
C ASP B 289 26.30 13.38 39.32
N ARG B 295 33.66 6.64 33.33
CA ARG B 295 33.59 7.54 32.19
C ARG B 295 34.63 7.14 31.17
N ARG B 296 35.84 6.90 31.66
CA ARG B 296 36.97 6.61 30.79
C ARG B 296 36.86 5.23 30.17
N THR B 297 36.22 4.29 30.86
CA THR B 297 36.11 2.92 30.34
C THR B 297 35.16 2.84 29.15
N PHE B 298 34.10 3.64 29.15
CA PHE B 298 33.20 3.66 27.99
C PHE B 298 33.82 4.34 26.78
N ASP B 299 35.04 4.88 26.90
CA ASP B 299 35.66 5.57 25.78
C ASP B 299 35.69 4.67 24.56
N TYR B 300 35.13 5.20 23.46
CA TYR B 300 35.02 4.45 22.22
C TYR B 300 36.38 4.25 21.55
N THR B 301 37.39 5.04 21.93
CA THR B 301 38.72 4.85 21.38
C THR B 301 39.42 3.64 22.01
N HIS B 302 39.15 3.39 23.29
CA HIS B 302 39.93 2.42 24.05
C HIS B 302 39.45 0.99 23.81
N PRO B 303 40.35 0.02 23.90
CA PRO B 303 39.98 -1.40 23.72
C PRO B 303 39.06 -1.98 24.78
N VAL B 304 38.86 -1.35 25.93
CA VAL B 304 37.69 -1.73 26.70
C VAL B 304 36.43 -1.26 25.98
N GLY B 305 36.53 -0.13 25.29
CA GLY B 305 35.42 0.48 24.60
C GLY B 305 35.09 -0.13 23.26
N MET B 306 36.06 -0.69 22.52
CA MET B 306 35.70 -1.38 21.29
C MET B 306 35.14 -2.76 21.56
N THR B 307 35.57 -3.42 22.63
CA THR B 307 35.00 -4.71 22.97
C THR B 307 33.59 -4.56 23.54
N ILE B 308 33.37 -3.58 24.42
CA ILE B 308 32.01 -3.27 24.85
C ILE B 308 31.17 -2.84 23.65
N TYR B 309 31.76 -2.03 22.77
CA TYR B 309 31.09 -1.64 21.53
C TYR B 309 30.79 -2.85 20.66
N VAL B 310 31.80 -3.67 20.39
CA VAL B 310 31.60 -4.78 19.44
C VAL B 310 30.63 -5.81 20.01
N VAL B 311 30.59 -5.97 21.34
CA VAL B 311 29.62 -6.88 21.95
C VAL B 311 28.21 -6.37 21.71
N LEU B 312 28.02 -5.04 21.73
CA LEU B 312 26.68 -4.50 21.56
C LEU B 312 26.23 -4.50 20.12
N ILE B 313 27.16 -4.39 19.16
CA ILE B 313 26.78 -4.56 17.76
C ILE B 313 26.14 -5.91 17.55
N ILE B 314 26.79 -6.97 18.04
CA ILE B 314 26.33 -8.33 17.82
C ILE B 314 24.95 -8.52 18.45
N ALA B 315 24.79 -8.08 19.69
CA ALA B 315 23.52 -8.28 20.40
C ALA B 315 22.39 -7.53 19.72
N PHE B 316 22.62 -6.26 19.35
CA PHE B 316 21.55 -5.49 18.74
C PHE B 316 21.33 -5.89 17.28
N THR B 317 22.37 -6.33 16.58
CA THR B 317 22.18 -6.98 15.28
C THR B 317 21.29 -8.21 15.42
N TYR B 318 21.75 -9.19 16.19
CA TYR B 318 21.04 -10.45 16.37
C TYR B 318 19.58 -10.23 16.75
N PHE B 319 19.36 -9.51 17.84
CA PHE B 319 18.00 -9.36 18.38
C PHE B 319 17.07 -8.71 17.37
N TYR B 320 17.51 -7.60 16.76
CA TYR B 320 16.65 -6.85 15.86
C TYR B 320 16.22 -7.70 14.67
N ALA B 321 17.13 -8.51 14.13
CA ALA B 321 16.85 -9.40 13.01
C ALA B 321 16.26 -10.73 13.42
N PHE B 322 16.35 -11.09 14.71
CA PHE B 322 15.52 -12.18 15.21
C PHE B 322 14.05 -11.80 15.12
N VAL B 323 13.75 -10.50 15.26
CA VAL B 323 12.40 -9.96 15.22
C VAL B 323 12.06 -9.49 13.80
N GLN B 324 12.81 -8.49 13.31
CA GLN B 324 12.40 -7.76 12.10
C GLN B 324 12.14 -8.68 10.92
N VAL B 325 12.96 -9.71 10.73
CA VAL B 325 12.77 -10.65 9.62
C VAL B 325 12.70 -12.07 10.17
N ASN B 326 11.55 -12.72 9.95
CA ASN B 326 11.28 -14.13 10.18
C ASN B 326 11.42 -14.63 11.62
N PRO B 327 10.61 -14.12 12.56
CA PRO B 327 10.42 -14.82 13.83
C PRO B 327 9.41 -15.95 13.67
N GLU B 328 8.81 -16.38 14.79
CA GLU B 328 7.70 -17.33 14.74
C GLU B 328 6.65 -16.93 13.71
N GLN B 329 6.54 -15.64 13.39
CA GLN B 329 5.44 -15.13 12.57
C GLN B 329 5.37 -15.83 11.21
N MET B 330 6.50 -15.97 10.51
CA MET B 330 6.43 -16.57 9.18
C MET B 330 6.03 -18.04 9.20
N ALA B 331 6.03 -18.68 10.37
CA ALA B 331 5.60 -20.08 10.51
C ALA B 331 4.10 -20.17 10.77
N ASP B 332 3.64 -19.59 11.87
CA ASP B 332 2.21 -19.54 12.19
C ASP B 332 1.39 -18.97 11.03
N ASN B 333 2.01 -18.16 10.16
CA ASN B 333 1.33 -17.62 9.01
C ASN B 333 1.20 -18.64 7.88
N LEU B 334 2.26 -19.42 7.62
CA LEU B 334 2.20 -20.44 6.58
C LEU B 334 1.05 -21.41 6.83
N LYS B 335 0.68 -21.60 8.10
CA LYS B 335 -0.44 -22.46 8.47
C LYS B 335 -1.78 -21.82 8.15
N LYS B 336 -1.86 -20.49 8.22
CA LYS B 336 -3.12 -19.79 7.97
C LYS B 336 -3.43 -19.86 6.49
N GLN B 337 -2.62 -19.19 5.67
CA GLN B 337 -2.68 -19.33 4.22
C GLN B 337 -1.32 -19.83 3.74
N GLY B 338 -1.28 -21.04 3.24
CA GLY B 338 -0.07 -21.45 2.55
C GLY B 338 0.24 -22.91 2.77
N GLY B 339 1.42 -23.28 2.29
CA GLY B 339 2.03 -24.59 2.39
C GLY B 339 3.10 -24.64 3.45
N TYR B 340 4.15 -25.41 3.18
CA TYR B 340 5.17 -25.76 4.16
C TYR B 340 6.55 -25.61 3.54
N ILE B 341 7.57 -25.74 4.39
CA ILE B 341 8.94 -25.97 3.94
C ILE B 341 9.05 -27.46 3.63
N PRO B 342 9.45 -27.85 2.42
CA PRO B 342 9.37 -29.26 2.01
C PRO B 342 10.11 -30.19 2.96
N GLY B 343 9.45 -31.28 3.35
CA GLY B 343 10.00 -32.25 4.26
C GLY B 343 10.01 -31.82 5.71
N ILE B 344 9.62 -30.59 6.02
CA ILE B 344 9.62 -30.06 7.38
C ILE B 344 8.18 -29.81 7.78
N ARG B 345 7.79 -30.35 8.94
CA ARG B 345 6.42 -30.24 9.39
C ARG B 345 6.07 -28.79 9.67
N PRO B 346 4.91 -28.30 9.22
CA PRO B 346 4.49 -26.94 9.58
C PRO B 346 4.23 -26.84 11.08
N GLY B 347 4.17 -25.60 11.54
CA GLY B 347 4.07 -25.34 12.97
C GLY B 347 5.41 -25.26 13.65
N LYS B 348 5.48 -25.77 14.88
CA LYS B 348 6.69 -25.63 15.70
C LYS B 348 7.94 -26.07 14.95
N ASN B 349 7.85 -27.15 14.16
CA ASN B 349 9.02 -27.62 13.43
C ASN B 349 9.48 -26.59 12.39
N THR B 350 8.56 -25.82 11.82
CA THR B 350 8.96 -24.76 10.90
C THR B 350 9.62 -23.60 11.64
N GLN B 351 9.09 -23.25 12.82
CA GLN B 351 9.70 -22.18 13.58
C GLN B 351 11.04 -22.59 14.15
N GLU B 352 11.21 -23.88 14.49
CA GLU B 352 12.52 -24.36 14.89
C GLU B 352 13.47 -24.39 13.70
N TYR B 353 12.95 -24.74 12.52
CA TYR B 353 13.79 -24.78 11.32
C TYR B 353 14.31 -23.39 10.97
N VAL B 354 13.42 -22.41 10.86
CA VAL B 354 13.85 -21.07 10.45
C VAL B 354 14.68 -20.41 11.55
N THR B 355 14.47 -20.81 12.82
CA THR B 355 15.24 -20.21 13.90
C THR B 355 16.69 -20.67 13.86
N ARG B 356 16.91 -21.98 13.77
CA ARG B 356 18.25 -22.51 13.60
C ARG B 356 18.89 -21.94 12.34
N ILE B 357 18.10 -21.82 11.26
CA ILE B 357 18.57 -21.18 10.04
C ILE B 357 18.98 -19.75 10.34
N LEU B 358 18.13 -19.00 11.05
CA LEU B 358 18.42 -17.60 11.35
C LEU B 358 19.69 -17.47 12.18
N TYR B 359 19.79 -18.25 13.25
CA TYR B 359 20.93 -18.19 14.17
C TYR B 359 22.26 -18.33 13.43
N ARG B 360 22.47 -19.49 12.80
CA ARG B 360 23.72 -19.73 12.07
C ARG B 360 23.94 -18.69 10.98
N LEU B 361 22.87 -18.25 10.34
CA LEU B 361 23.00 -17.27 9.26
C LEU B 361 23.37 -15.89 9.80
N THR B 362 22.81 -15.52 10.96
CA THR B 362 22.93 -14.15 11.46
C THR B 362 24.34 -13.82 11.96
N LEU B 363 25.08 -14.83 12.45
CA LEU B 363 26.43 -14.56 12.96
C LEU B 363 27.28 -13.83 11.94
N VAL B 364 27.22 -14.25 10.68
CA VAL B 364 28.04 -13.60 9.66
C VAL B 364 27.43 -12.27 9.24
N GLY B 365 26.10 -12.16 9.24
CA GLY B 365 25.50 -10.85 9.08
C GLY B 365 25.90 -9.88 10.17
N SER B 366 26.02 -10.38 11.40
CA SER B 366 26.37 -9.53 12.53
C SER B 366 27.84 -9.12 12.49
N LEU B 367 28.74 -10.10 12.37
CA LEU B 367 30.16 -9.81 12.36
C LEU B 367 30.56 -8.97 11.15
N PHE B 368 29.80 -9.08 10.06
CA PHE B 368 30.01 -8.23 8.90
C PHE B 368 29.68 -6.76 9.20
N LEU B 369 28.65 -6.51 10.01
CA LEU B 369 28.24 -5.14 10.30
C LEU B 369 29.10 -4.48 11.38
N ALA B 370 29.63 -5.26 12.32
CA ALA B 370 30.59 -4.72 13.27
C ALA B 370 31.85 -4.25 12.55
N PHE B 371 32.28 -5.02 11.55
CA PHE B 371 33.51 -4.70 10.83
C PHE B 371 33.36 -3.49 9.93
N ILE B 372 32.16 -3.26 9.39
CA ILE B 372 31.91 -2.04 8.63
C ILE B 372 31.85 -0.84 9.56
N ALA B 373 31.63 -1.05 10.86
CA ALA B 373 31.62 0.03 11.82
C ALA B 373 33.03 0.43 12.24
N VAL B 374 33.92 -0.57 12.44
CA VAL B 374 35.28 -0.29 12.89
C VAL B 374 36.26 -0.06 11.75
N LEU B 375 35.87 -0.34 10.51
CA LEU B 375 36.75 -0.10 9.37
C LEU B 375 37.29 1.32 9.27
N PRO B 376 36.50 2.38 9.49
CA PRO B 376 37.05 3.72 9.26
C PRO B 376 38.29 4.03 10.10
N VAL B 377 38.36 3.53 11.34
CA VAL B 377 39.51 3.84 12.18
C VAL B 377 40.77 3.15 11.67
N PHE B 378 40.63 1.93 11.14
CA PHE B 378 41.76 1.27 10.49
C PHE B 378 42.14 2.00 9.22
N PHE B 379 41.14 2.34 8.39
CA PHE B 379 41.39 3.18 7.25
C PHE B 379 41.99 4.51 7.69
N VAL B 380 41.58 5.04 8.85
CA VAL B 380 42.15 6.29 9.36
C VAL B 380 43.44 6.03 10.15
N ASN B 381 43.91 4.77 10.20
CA ASN B 381 45.09 4.49 11.01
C ASN B 381 46.31 4.53 10.12
N PHE B 382 46.41 3.60 9.20
CA PHE B 382 47.43 3.71 8.18
C PHE B 382 47.21 4.97 7.36
N ALA B 383 46.10 5.66 7.65
CA ALA B 383 45.64 6.74 6.76
C ALA B 383 46.57 7.86 6.33
N ASN B 384 46.27 8.24 5.13
CA ASN B 384 46.54 9.45 4.38
C ASN B 384 45.59 10.60 4.77
N LEU B 385 44.81 10.42 5.86
CA LEU B 385 43.49 11.04 6.07
C LEU B 385 43.52 11.99 7.27
N PRO B 386 42.58 12.97 7.31
CA PRO B 386 42.18 13.51 8.66
C PRO B 386 41.00 12.75 9.24
N PRO B 387 40.60 13.07 10.55
CA PRO B 387 39.33 12.59 11.11
C PRO B 387 38.17 13.44 10.64
N SER B 388 38.10 13.67 9.32
CA SER B 388 37.08 14.51 8.70
C SER B 388 36.00 13.80 7.88
N ALA B 389 36.17 12.52 7.55
CA ALA B 389 35.63 12.06 6.28
C ALA B 389 34.93 10.71 6.39
N GLN B 390 34.18 10.40 5.33
CA GLN B 390 33.22 9.31 5.31
C GLN B 390 33.88 7.95 5.18
N ILE B 391 35.11 7.91 4.63
CA ILE B 391 35.66 6.69 4.03
C ILE B 391 35.50 5.52 4.99
N GLY B 392 34.95 4.41 4.49
CA GLY B 392 34.77 3.25 5.33
C GLY B 392 33.66 3.21 6.39
N GLY B 393 32.38 3.11 6.03
CA GLY B 393 31.44 2.69 7.06
C GLY B 393 29.98 2.70 6.62
N THR B 394 29.11 2.75 7.64
CA THR B 394 27.65 2.68 7.47
C THR B 394 27.14 3.72 6.49
N SER B 395 27.86 4.84 6.34
CA SER B 395 27.59 5.78 5.26
C SER B 395 27.58 5.08 3.91
N LEU B 396 28.45 4.07 3.72
CA LEU B 396 28.57 3.42 2.44
C LEU B 396 27.43 2.42 2.19
N LEU B 397 27.05 1.68 3.23
CA LEU B 397 25.99 0.67 3.07
C LEU B 397 24.68 1.31 2.62
N ILE B 398 24.34 2.47 3.20
CA ILE B 398 23.13 3.16 2.77
C ILE B 398 23.28 3.67 1.35
N VAL B 399 24.47 4.16 0.99
CA VAL B 399 24.70 4.66 -0.36
C VAL B 399 24.58 3.54 -1.38
N VAL B 400 25.25 2.41 -1.11
CA VAL B 400 25.13 1.27 -2.02
C VAL B 400 23.74 0.64 -1.90
N GLY B 401 23.13 0.73 -0.71
CA GLY B 401 21.83 0.09 -0.52
C GLY B 401 20.72 0.81 -1.26
N VAL B 402 20.64 2.14 -1.10
CA VAL B 402 19.60 2.89 -1.80
C VAL B 402 19.85 2.87 -3.31
N ALA B 403 21.11 2.73 -3.72
CA ALA B 403 21.41 2.63 -5.15
C ALA B 403 20.79 1.37 -5.75
N LEU B 404 20.99 0.23 -5.09
CA LEU B 404 20.40 -1.02 -5.57
C LEU B 404 18.89 -1.00 -5.42
N GLU B 405 18.39 -0.51 -4.29
CA GLU B 405 16.95 -0.45 -4.06
C GLU B 405 16.26 0.43 -5.11
N THR B 406 16.87 1.56 -5.46
CA THR B 406 16.27 2.44 -6.46
C THR B 406 16.51 1.92 -7.88
N MET B 407 17.57 1.13 -8.09
CA MET B 407 17.80 0.54 -9.40
C MET B 407 16.79 -0.57 -9.68
N LYS B 408 16.52 -1.42 -8.69
CA LYS B 408 15.58 -2.51 -8.88
C LYS B 408 14.14 -1.99 -9.01
N GLN B 409 13.84 -0.85 -8.40
CA GLN B 409 12.49 -0.28 -8.48
C GLN B 409 12.21 0.34 -9.84
N LEU B 410 13.20 0.99 -10.44
CA LEU B 410 13.06 1.50 -11.80
C LEU B 410 12.56 0.40 -12.72
N GLU B 411 13.24 -0.73 -12.70
CA GLU B 411 13.02 -1.76 -13.70
C GLU B 411 11.68 -2.46 -13.49
N SER B 412 11.29 -2.67 -12.23
CA SER B 412 9.96 -3.20 -11.90
C SER B 412 8.84 -2.44 -12.60
N GLN B 413 8.99 -1.12 -12.75
CA GLN B 413 8.11 -0.30 -13.57
C GLN B 413 8.50 -0.30 -15.04
N LEU B 414 9.70 -0.77 -15.37
CA LEU B 414 10.20 -0.80 -16.74
C LEU B 414 9.88 -2.11 -17.45
N VAL B 415 9.15 -3.03 -16.81
CA VAL B 415 8.91 -4.34 -17.39
C VAL B 415 7.67 -4.36 -18.29
N LYS B 416 7.03 -3.21 -18.54
CA LYS B 416 5.91 -3.18 -19.49
C LYS B 416 6.42 -3.28 -20.93
N ARG B 417 7.45 -2.52 -21.26
CA ARG B 417 7.84 -2.35 -22.64
C ARG B 417 8.89 -3.28 -23.10
N HIS B 418 9.30 -4.28 -22.32
CA HIS B 418 10.10 -5.42 -22.80
C HIS B 418 9.32 -6.70 -22.48
N TYR B 419 9.12 -7.53 -23.50
CA TYR B 419 8.31 -8.73 -23.31
C TYR B 419 6.96 -8.45 -22.65
N ARG B 420 6.42 -7.29 -22.92
CA ARG B 420 4.99 -7.39 -23.04
C ARG B 420 4.67 -7.14 -24.47
N GLY B 421 4.43 -8.23 -25.15
CA GLY B 421 4.10 -8.31 -26.55
C GLY B 421 4.57 -9.71 -26.89
N PHE B 422 4.17 -10.25 -28.03
CA PHE B 422 4.17 -11.69 -28.18
C PHE B 422 3.50 -12.02 -29.50
N ILE B 423 3.74 -13.26 -29.97
CA ILE B 423 2.98 -13.87 -31.05
C ILE B 423 3.04 -12.96 -32.27
N LYS B 424 4.18 -12.27 -32.42
CA LYS B 424 4.41 -11.34 -33.51
C LYS B 424 5.86 -10.86 -33.50
N GLN C 2 34.00 -25.25 24.26
CA GLN C 2 33.50 -26.59 23.91
C GLN C 2 32.26 -26.50 23.06
N ARG C 3 31.23 -25.81 23.59
CA ARG C 3 30.09 -25.44 22.76
C ARG C 3 30.56 -24.74 21.49
N VAL C 4 31.39 -23.70 21.65
CA VAL C 4 31.74 -22.78 20.57
C VAL C 4 32.17 -23.53 19.32
N THR C 5 33.29 -24.26 19.39
CA THR C 5 33.89 -24.86 18.21
C THR C 5 32.88 -25.64 17.38
N ASN C 6 31.91 -26.29 18.02
CA ASN C 6 30.93 -27.08 17.30
C ASN C 6 29.81 -26.24 16.69
N PHE C 7 29.55 -25.04 17.22
CA PHE C 7 28.52 -24.18 16.63
C PHE C 7 29.03 -23.44 15.39
N PHE C 8 30.24 -22.88 15.47
CA PHE C 8 30.79 -22.10 14.36
C PHE C 8 30.82 -22.92 13.07
N LYS C 9 31.28 -24.16 13.16
CA LYS C 9 31.26 -25.07 12.01
C LYS C 9 29.85 -25.17 11.43
N GLU C 10 28.86 -25.42 12.29
CA GLU C 10 27.47 -25.46 11.85
C GLU C 10 27.06 -24.16 11.19
N VAL C 11 27.44 -23.02 11.78
CA VAL C 11 27.09 -21.73 11.16
C VAL C 11 27.73 -21.62 9.79
N VAL C 12 29.00 -22.04 9.68
CA VAL C 12 29.72 -21.93 8.42
C VAL C 12 29.09 -22.84 7.36
N ARG C 13 28.78 -24.07 7.74
CA ARG C 13 28.13 -25.00 6.81
C ARG C 13 26.79 -24.45 6.34
N GLU C 14 26.09 -23.73 7.21
CA GLU C 14 24.81 -23.13 6.89
C GLU C 14 24.92 -22.10 5.76
N LEU C 15 26.09 -21.47 5.60
CA LEU C 15 26.23 -20.32 4.71
C LEU C 15 26.42 -20.68 3.24
N LYS C 16 27.06 -21.81 2.93
CA LYS C 16 27.30 -22.10 1.52
C LYS C 16 26.06 -22.67 0.85
N LYS C 17 25.31 -23.51 1.57
CA LYS C 17 24.01 -23.92 1.06
C LYS C 17 23.17 -22.70 0.70
N VAL C 18 23.36 -21.59 1.42
CA VAL C 18 22.92 -20.30 0.89
C VAL C 18 23.82 -20.06 -0.30
N SER C 19 23.24 -19.97 -1.49
CA SER C 19 24.14 -19.81 -2.61
C SER C 19 24.43 -18.33 -2.68
N TRP C 20 25.68 -17.98 -2.38
CA TRP C 20 26.15 -16.61 -2.53
C TRP C 20 25.91 -16.31 -4.00
N PRO C 21 25.82 -15.05 -4.40
CA PRO C 21 25.26 -14.72 -5.72
C PRO C 21 26.07 -15.25 -6.88
N ASN C 22 25.82 -14.75 -8.09
CA ASN C 22 26.60 -15.24 -9.21
C ASN C 22 28.04 -14.74 -9.14
N ARG C 23 28.82 -15.00 -10.19
CA ARG C 23 30.23 -14.62 -10.27
C ARG C 23 30.42 -13.27 -10.94
N LYS C 24 30.17 -13.20 -12.27
CA LYS C 24 30.24 -11.92 -12.97
C LYS C 24 29.14 -10.97 -12.53
N GLU C 25 28.05 -11.50 -11.96
CA GLU C 25 26.99 -10.66 -11.42
C GLU C 25 27.56 -9.66 -10.41
N LEU C 26 28.57 -10.06 -9.64
CA LEU C 26 29.25 -9.15 -8.73
C LEU C 26 29.81 -7.94 -9.47
N VAL C 27 30.53 -8.19 -10.57
CA VAL C 27 31.18 -7.09 -11.28
C VAL C 27 30.15 -6.17 -11.92
N ASN C 28 29.10 -6.74 -12.50
CA ASN C 28 28.05 -5.92 -13.09
C ASN C 28 27.33 -5.11 -12.02
N TYR C 29 27.02 -5.76 -10.88
CA TYR C 29 26.35 -5.07 -9.78
C TYR C 29 27.17 -3.86 -9.30
N THR C 30 28.48 -4.07 -9.09
CA THR C 30 29.32 -2.96 -8.65
C THR C 30 29.48 -1.91 -9.74
N ALA C 31 29.43 -2.33 -11.01
CA ALA C 31 29.38 -1.35 -12.10
C ALA C 31 28.13 -0.50 -12.00
N VAL C 32 27.07 -1.03 -11.38
CA VAL C 32 25.85 -0.25 -11.20
C VAL C 32 26.00 0.74 -10.06
N VAL C 33 26.57 0.31 -8.93
CA VAL C 33 26.65 1.19 -7.76
C VAL C 33 27.68 2.29 -7.98
N LEU C 34 28.79 1.97 -8.65
CA LEU C 34 29.75 3.01 -9.00
C LEU C 34 29.14 4.03 -9.95
N ALA C 35 28.25 3.59 -10.84
CA ALA C 35 27.64 4.52 -11.79
C ALA C 35 26.61 5.40 -11.10
N THR C 36 25.87 4.86 -10.14
CA THR C 36 24.83 5.64 -9.46
C THR C 36 25.45 6.71 -8.57
N VAL C 37 26.48 6.35 -7.80
CA VAL C 37 27.09 7.32 -6.90
C VAL C 37 27.85 8.38 -7.70
N ALA C 38 28.46 7.98 -8.81
CA ALA C 38 29.28 8.92 -9.57
C ALA C 38 28.42 9.93 -10.32
N PHE C 39 27.27 9.50 -10.83
CA PHE C 39 26.35 10.45 -11.46
C PHE C 39 25.87 11.48 -10.46
N PHE C 40 25.28 11.01 -9.35
CA PHE C 40 24.82 11.94 -8.32
C PHE C 40 25.97 12.77 -7.77
N THR C 41 27.17 12.21 -7.70
CA THR C 41 28.34 13.00 -7.34
C THR C 41 28.51 14.17 -8.29
N VAL C 42 28.54 13.90 -9.61
CA VAL C 42 28.66 14.97 -10.58
C VAL C 42 27.43 15.86 -10.57
N PHE C 43 26.24 15.26 -10.44
CA PHE C 43 25.02 16.05 -10.39
C PHE C 43 24.99 16.95 -9.15
N PHE C 44 25.32 16.39 -7.99
CA PHE C 44 25.34 17.20 -6.78
C PHE C 44 26.50 18.17 -6.75
N ALA C 45 27.63 17.81 -7.37
CA ALA C 45 28.79 18.72 -7.38
C ALA C 45 28.48 19.98 -8.18
N VAL C 46 27.86 19.84 -9.35
CA VAL C 46 27.58 21.00 -10.18
C VAL C 46 26.50 21.86 -9.54
N ILE C 47 25.44 21.24 -9.04
CA ILE C 47 24.32 22.00 -8.49
C ILE C 47 24.75 22.81 -7.27
N ASP C 48 25.83 22.41 -6.60
CA ASP C 48 26.40 23.25 -5.56
C ASP C 48 26.94 24.56 -6.17
N LEU C 49 27.78 24.43 -7.21
CA LEU C 49 28.37 25.61 -7.82
C LEU C 49 27.35 26.46 -8.56
N GLY C 50 26.34 25.82 -9.14
CA GLY C 50 25.29 26.59 -9.80
C GLY C 50 24.52 27.47 -8.84
N ILE C 51 24.29 26.98 -7.61
CA ILE C 51 23.67 27.80 -6.58
C ILE C 51 24.64 28.87 -6.10
N SER C 52 25.93 28.57 -6.06
CA SER C 52 26.93 29.52 -5.58
C SER C 52 26.88 30.82 -6.39
N GLN C 53 27.18 30.73 -7.69
CA GLN C 53 27.14 31.91 -8.54
C GLN C 53 25.76 32.55 -8.57
N LEU C 54 24.71 31.74 -8.43
CA LEU C 54 23.35 32.27 -8.46
C LEU C 54 23.08 33.16 -7.25
N ILE C 55 23.66 32.82 -6.10
CA ILE C 55 23.32 33.50 -4.85
C ILE C 55 24.21 34.73 -4.67
N ARG C 56 24.97 35.06 -5.72
CA ARG C 56 25.61 36.38 -5.77
C ARG C 56 24.60 37.49 -5.50
N LEU C 57 23.32 37.24 -5.80
CA LEU C 57 22.24 38.09 -5.32
C LEU C 57 22.27 38.15 -3.79
N GLN D 1 34.28 41.38 -0.08
CA GLN D 1 35.40 41.83 -0.89
C GLN D 1 36.25 42.87 -0.18
N VAL D 2 37.44 42.47 0.29
CA VAL D 2 38.63 43.31 0.54
C VAL D 2 39.68 42.44 1.21
N GLN D 3 40.85 43.03 1.49
CA GLN D 3 41.90 42.38 2.25
C GLN D 3 41.99 42.98 3.65
N LEU D 4 42.42 42.16 4.61
CA LEU D 4 42.55 42.55 6.00
C LEU D 4 43.99 42.35 6.46
N VAL D 5 44.62 43.41 6.93
CA VAL D 5 45.93 43.35 7.57
C VAL D 5 45.78 43.89 8.98
N GLU D 6 46.26 43.13 9.96
CA GLU D 6 46.06 43.47 11.36
C GLU D 6 47.41 43.64 12.06
N THR D 7 47.40 44.41 13.14
CA THR D 7 48.61 44.73 13.88
C THR D 7 48.22 45.05 15.32
N GLY D 8 49.23 45.39 16.13
CA GLY D 8 49.02 45.72 17.51
C GLY D 8 49.32 44.60 18.49
N GLY D 9 49.77 43.45 18.01
CA GLY D 9 50.11 42.36 18.90
C GLY D 9 51.50 42.50 19.50
N GLY D 10 51.76 41.70 20.52
CA GLY D 10 53.05 41.72 21.16
C GLY D 10 53.04 40.91 22.45
N LEU D 11 54.10 41.08 23.22
CA LEU D 11 54.27 40.39 24.49
C LEU D 11 54.02 41.36 25.64
N VAL D 12 53.29 40.88 26.66
CA VAL D 12 52.95 41.69 27.82
C VAL D 12 52.81 40.76 29.01
N GLN D 13 53.03 41.31 30.21
CA GLN D 13 52.83 40.56 31.43
C GLN D 13 51.35 40.55 31.81
N PRO D 14 50.92 39.59 32.63
CA PRO D 14 49.50 39.52 33.00
C PRO D 14 49.06 40.80 33.70
N GLY D 15 47.82 41.20 33.43
CA GLY D 15 47.30 42.48 33.88
C GLY D 15 47.55 43.62 32.92
N GLY D 16 48.46 43.45 31.96
CA GLY D 16 48.71 44.47 30.98
C GLY D 16 47.57 44.59 29.98
N SER D 17 47.76 45.48 29.02
CA SER D 17 46.76 45.74 27.99
C SER D 17 47.43 45.84 26.63
N LEU D 18 46.61 45.77 25.59
CA LEU D 18 47.05 45.95 24.21
C LEU D 18 45.85 46.38 23.39
N ARG D 19 46.13 46.94 22.22
CA ARG D 19 45.09 47.31 21.26
C ARG D 19 45.44 46.71 19.92
N LEU D 20 44.61 45.81 19.43
CA LEU D 20 44.75 45.25 18.10
C LEU D 20 44.03 46.14 17.10
N SER D 21 44.67 46.38 15.96
CA SER D 21 44.12 47.21 14.91
C SER D 21 44.08 46.42 13.62
N CYS D 22 42.91 46.41 12.97
CA CYS D 22 42.71 45.63 11.76
C CYS D 22 42.35 46.60 10.64
N GLY D 23 43.29 46.82 9.73
CA GLY D 23 43.08 47.72 8.61
C GLY D 23 42.64 46.98 7.36
N ALA D 24 41.92 47.68 6.50
CA ALA D 24 41.60 47.21 5.17
C ALA D 24 41.91 48.33 4.19
N SER D 25 42.94 48.14 3.35
CA SER D 25 43.32 49.18 2.40
C SER D 25 42.24 49.37 1.35
N GLY D 26 41.83 48.29 0.71
CA GLY D 26 40.52 48.31 0.08
C GLY D 26 39.56 48.39 1.25
N SER D 27 38.60 49.31 1.23
CA SER D 27 37.80 49.61 2.40
C SER D 27 36.33 49.62 2.03
N ILE D 28 35.53 48.77 2.68
CA ILE D 28 34.09 48.86 2.50
C ILE D 28 33.45 49.14 3.85
N PHE D 29 33.27 48.08 4.64
CA PHE D 29 32.85 48.12 6.05
C PHE D 29 31.57 48.92 6.29
N ASN D 30 30.73 49.12 5.28
CA ASN D 30 29.61 50.04 5.48
C ASN D 30 28.25 49.35 5.50
N TYR D 32 27.34 44.17 6.94
CA TYR D 32 28.55 43.44 7.33
C TYR D 32 28.38 42.76 8.69
N ALA D 33 29.38 41.98 9.07
CA ALA D 33 29.53 41.49 10.43
C ALA D 33 31.02 41.30 10.68
N MET D 34 31.46 41.63 11.88
CA MET D 34 32.88 41.83 12.13
C MET D 34 33.31 41.11 13.39
N GLY D 35 34.49 40.49 13.37
CA GLY D 35 34.90 39.72 14.53
C GLY D 35 36.39 39.55 14.69
N TRP D 36 36.77 39.06 15.89
CA TRP D 36 38.11 38.64 16.23
C TRP D 36 38.06 37.20 16.73
N TYR D 37 38.93 36.34 16.20
CA TYR D 37 39.05 34.97 16.69
C TYR D 37 40.53 34.64 16.90
N ARG D 38 40.80 33.70 17.80
CA ARG D 38 42.18 33.48 18.23
C ARG D 38 42.84 32.27 17.57
N GLN D 39 42.47 31.06 17.96
CA GLN D 39 43.17 29.84 17.56
C GLN D 39 44.60 29.74 18.10
N ALA D 40 44.73 29.48 19.41
CA ALA D 40 45.99 29.03 19.97
C ALA D 40 46.36 27.67 19.39
N PRO D 41 47.62 27.26 19.47
CA PRO D 41 48.00 25.91 19.05
C PRO D 41 47.47 24.83 20.00
N GLY D 42 47.28 23.62 19.47
CA GLY D 42 46.55 22.57 20.17
C GLY D 42 45.10 23.02 20.25
N LYS D 43 44.55 23.27 19.07
CA LYS D 43 43.91 24.54 18.74
C LYS D 43 42.48 25.00 19.09
N GLN D 44 41.49 24.44 18.41
CA GLN D 44 40.62 25.24 17.51
C GLN D 44 40.09 26.61 17.97
N ARG D 45 40.07 27.53 16.99
CA ARG D 45 39.76 28.94 17.22
C ARG D 45 38.37 29.14 17.80
N GLU D 46 38.22 30.21 18.58
CA GLU D 46 36.94 30.69 19.04
C GLU D 46 36.83 32.18 18.76
N VAL D 47 35.61 32.66 18.52
CA VAL D 47 35.41 34.06 18.19
C VAL D 47 35.48 34.89 19.46
N VAL D 48 36.42 35.83 19.50
CA VAL D 48 36.69 36.62 20.70
C VAL D 48 35.70 37.78 20.82
N ALA D 49 35.40 38.45 19.71
CA ALA D 49 34.47 39.57 19.72
C ALA D 49 33.78 39.62 18.37
N ARG D 50 32.52 40.06 18.36
CA ARG D 50 31.78 40.22 17.11
C ARG D 50 30.92 41.47 17.20
N ILE D 51 31.02 42.34 16.20
CA ILE D 51 30.20 43.54 16.10
C ILE D 51 29.36 43.46 14.84
N ALA D 52 28.06 43.73 14.98
CA ALA D 52 27.11 43.52 13.89
C ALA D 52 27.00 44.76 13.02
N THR D 53 26.17 44.67 11.98
CA THR D 53 25.90 45.83 11.12
C THR D 53 25.10 46.89 11.87
N ASP D 54 24.28 46.45 12.83
CA ASP D 54 23.57 47.35 13.73
C ASP D 54 24.49 47.92 14.81
N ASP D 55 25.76 47.52 14.82
CA ASP D 55 26.71 47.80 15.90
C ASP D 55 26.32 47.08 17.19
N SER D 56 25.59 45.97 17.06
CA SER D 56 25.40 45.07 18.18
C SER D 56 26.73 44.40 18.51
N THR D 57 26.97 44.16 19.79
CA THR D 57 28.27 43.69 20.27
C THR D 57 28.10 42.40 21.06
N MET D 58 28.90 41.40 20.71
CA MET D 58 28.85 40.08 21.36
C MET D 58 30.25 39.60 21.68
N TYR D 59 30.44 39.10 22.90
CA TYR D 59 31.67 38.47 23.35
C TYR D 59 31.33 37.14 24.01
N PRO D 60 32.24 36.17 23.96
CA PRO D 60 32.08 34.97 24.80
C PRO D 60 32.24 35.30 26.27
N ASP D 61 31.81 34.35 27.11
CA ASP D 61 31.85 34.56 28.56
C ASP D 61 33.28 34.69 29.06
N SER D 62 34.21 33.95 28.47
CA SER D 62 35.60 34.00 28.92
C SER D 62 36.21 35.38 28.78
N VAL D 63 35.79 36.14 27.75
CA VAL D 63 36.36 37.45 27.46
C VAL D 63 35.57 38.60 28.08
N LYS D 64 34.38 38.32 28.63
CA LYS D 64 33.36 39.35 28.83
C LYS D 64 33.88 40.53 29.62
N GLY D 65 33.78 41.72 29.03
CA GLY D 65 34.16 42.96 29.66
C GLY D 65 35.62 43.33 29.53
N ARG D 66 36.50 42.33 29.33
CA ARG D 66 37.92 42.62 29.22
C ARG D 66 38.30 43.13 27.84
N PHE D 67 37.61 42.64 26.81
CA PHE D 67 37.85 43.06 25.44
C PHE D 67 36.72 43.98 25.00
N THR D 68 37.04 44.91 24.11
CA THR D 68 36.04 45.76 23.50
C THR D 68 36.30 45.83 22.00
N ILE D 69 35.26 45.62 21.21
CA ILE D 69 35.32 45.72 19.76
C ILE D 69 34.71 47.05 19.35
N SER D 70 35.37 47.74 18.42
CA SER D 70 34.84 48.99 17.90
C SER D 70 35.31 49.15 16.47
N ARG D 71 34.62 50.00 15.70
CA ARG D 71 34.87 50.11 14.28
C ARG D 71 35.05 51.58 13.89
N ASP D 72 36.09 51.84 13.11
CA ASP D 72 36.44 53.19 12.67
C ASP D 72 36.03 53.34 11.21
N ASN D 73 35.24 54.39 10.93
CA ASN D 73 34.77 54.68 9.58
C ASN D 73 35.92 55.31 8.78
N ALA D 74 35.58 55.83 7.60
CA ALA D 74 36.58 56.33 6.64
C ALA D 74 37.55 55.20 6.32
N LYS D 75 38.82 55.35 6.72
CA LYS D 75 39.76 54.23 6.65
C LYS D 75 39.15 53.01 7.34
N ASN D 76 39.20 51.86 6.68
CA ASN D 76 38.52 50.69 7.23
C ASN D 76 39.39 50.14 8.35
N THR D 77 38.88 50.17 9.58
CA THR D 77 39.60 49.63 10.70
C THR D 77 38.61 49.17 11.75
N VAL D 78 38.89 48.04 12.36
CA VAL D 78 38.22 47.61 13.57
C VAL D 78 39.28 47.48 14.65
N TYR D 79 38.93 47.84 15.88
CA TYR D 79 39.86 47.82 16.99
C TYR D 79 39.38 46.83 18.04
N LEU D 80 40.29 45.96 18.49
CA LEU D 80 40.03 45.08 19.61
C LEU D 80 40.86 45.59 20.78
N GLN D 81 40.19 46.19 21.76
CA GLN D 81 40.86 46.72 22.93
C GLN D 81 40.90 45.63 23.99
N MET D 82 42.10 45.19 24.33
CA MET D 82 42.29 44.05 25.21
C MET D 82 42.85 44.55 26.53
N ASN D 83 42.09 44.35 27.61
CA ASN D 83 42.48 44.77 28.94
C ASN D 83 42.53 43.58 29.89
N SER D 84 43.29 43.75 30.98
CA SER D 84 43.42 42.74 32.03
C SER D 84 43.79 41.38 31.45
N LEU D 85 44.78 41.39 30.55
CA LEU D 85 45.13 40.18 29.83
C LEU D 85 45.62 39.09 30.77
N LYS D 86 45.33 37.85 30.42
CA LYS D 86 45.64 36.67 31.19
C LYS D 86 46.40 35.69 30.33
N PRO D 87 47.13 34.75 30.93
CA PRO D 87 47.90 33.79 30.13
C PRO D 87 47.04 32.97 29.18
N GLU D 88 45.77 32.74 29.52
CA GLU D 88 44.87 32.03 28.61
C GLU D 88 44.66 32.78 27.30
N ASP D 89 44.85 34.10 27.30
CA ASP D 89 44.67 34.88 26.08
C ASP D 89 45.78 34.66 25.06
N THR D 90 46.87 34.01 25.44
CA THR D 90 47.98 33.82 24.50
C THR D 90 47.51 33.00 23.30
N ALA D 91 47.69 33.58 22.11
CA ALA D 91 47.29 33.00 20.84
C ALA D 91 47.60 34.01 19.74
N VAL D 92 47.63 33.52 18.50
CA VAL D 92 47.55 34.42 17.36
C VAL D 92 46.12 34.94 17.30
N TYR D 93 45.97 36.23 17.00
CA TYR D 93 44.65 36.82 16.92
C TYR D 93 44.36 37.23 15.49
N TYR D 94 43.23 36.75 14.97
CA TYR D 94 42.84 36.99 13.59
C TYR D 94 41.60 37.87 13.55
N CYS D 95 41.57 38.77 12.57
CA CYS D 95 40.44 39.64 12.32
C CYS D 95 39.72 39.16 11.07
N TYR D 96 38.40 39.00 11.16
CA TYR D 96 37.60 38.45 10.08
C TYR D 96 36.44 39.38 9.78
N TYR D 97 36.01 39.39 8.53
CA TYR D 97 34.80 40.10 8.14
C TYR D 97 33.82 39.15 7.46
N GLN D 98 32.55 39.45 7.63
CA GLN D 98 31.49 38.85 6.83
C GLN D 98 30.43 39.90 6.59
N ARG D 99 29.64 39.66 5.55
CA ARG D 99 28.42 40.40 5.27
C ARG D 99 27.25 39.79 6.01
N THR D 100 27.53 38.97 7.02
CA THR D 100 26.67 37.92 7.54
C THR D 100 26.45 36.90 6.44
N VAL D 101 25.23 36.76 5.93
CA VAL D 101 24.91 35.56 5.18
C VAL D 101 25.44 35.55 3.73
N MET D 102 25.87 36.67 3.15
CA MET D 102 26.71 36.55 1.96
C MET D 102 28.06 36.02 2.42
N SER D 103 28.46 34.89 1.87
CA SER D 103 28.98 33.86 2.75
C SER D 103 30.50 33.89 2.95
N GLN D 104 30.93 33.05 3.88
CA GLN D 104 32.29 32.83 4.34
C GLN D 104 32.79 34.04 5.09
N PRO D 105 33.58 33.85 6.15
CA PRO D 105 34.41 34.93 6.66
C PRO D 105 35.69 35.01 5.86
N TYR D 106 36.25 36.21 5.78
CA TYR D 106 37.55 36.40 5.16
C TYR D 106 38.57 36.57 6.27
N TRP D 107 39.62 35.74 6.23
CA TRP D 107 40.62 35.70 7.28
C TRP D 107 41.44 36.98 7.28
N GLY D 108 42.46 36.98 8.12
CA GLY D 108 43.61 37.84 7.91
C GLY D 108 44.82 37.14 8.46
N GLN D 109 45.98 37.51 7.93
CA GLN D 109 47.23 37.09 8.53
C GLN D 109 47.29 37.65 9.94
N GLY D 110 47.45 36.77 10.93
CA GLY D 110 47.19 37.14 12.30
C GLY D 110 48.29 37.97 12.94
N THR D 111 48.01 38.38 14.18
CA THR D 111 48.99 39.03 15.04
C THR D 111 49.21 38.15 16.26
N GLN D 112 50.47 37.91 16.59
CA GLN D 112 50.81 37.09 17.73
C GLN D 112 50.61 37.88 19.02
N VAL D 113 49.98 37.25 20.01
CA VAL D 113 49.80 37.83 21.33
C VAL D 113 50.28 36.82 22.35
N THR D 114 51.18 37.24 23.23
CA THR D 114 51.74 36.37 24.26
C THR D 114 51.62 37.05 25.61
N VAL D 115 50.90 36.44 26.54
CA VAL D 115 50.81 36.93 27.90
C VAL D 115 51.68 36.01 28.76
N SER D 116 52.79 36.55 29.24
CA SER D 116 53.75 35.76 30.01
C SER D 116 53.69 36.09 31.50
#